data_3MQH
#
_entry.id   3MQH
#
_cell.length_a   68.466
_cell.length_b   107.891
_cell.length_c   91.269
_cell.angle_alpha   90.00
_cell.angle_beta   102.55
_cell.angle_gamma   90.00
#
_symmetry.space_group_name_H-M   'P 1 21 1'
#
loop_
_entity.id
_entity.type
_entity.pdbx_description
1 polymer 'Lipopolysaccharides biosynthesis acetyltransferase'
2 non-polymer '(2S,3S,4R,5R,6R)-5-(acetylamino)-4-amino-6-{[(R)-{[(R)-{[(2R,3S,4R,5R)-5-(2,4-dioxo-3,4-dihydropyrimidin-1(2H)-yl)-3,4-dihydroxytetrahydrofuran-2-yl]methoxy}(hydroxy)phosphoryl]oxy}(hydroxy)phosphoryl]oxy}-3-hydroxytetrahydro-2H-pyran-2-carboxylic acid'
3 non-polymer 'COENZYME A'
4 non-polymer 1,2-ETHANEDIOL
5 non-polymer 'SODIUM ION'
6 non-polymer 'PHOSPHATE ION'
7 non-polymer 2-{2-[2-(2-{2-[2-(2-ETHOXY-ETHOXY)-ETHOXY]-ETHOXY}-ETHOXY)-ETHOXY]-ETHOXY}-ETHANOL
8 water water
#
_entity_poly.entity_id   1
_entity_poly.type   'polypeptide(L)'
_entity_poly.pdbx_seq_one_letter_code
;GHMATIHPTAIVDEGARIGAHSRIWHWVHICGGAEIGEGCSLGQNVFVGNRVRIGNRVKIQNNVSVYDNVFLEDDVFCGP
SMVFTNVYNPRAAIERKSEYRDTIVRQGATLGANCTVVCGATIGRYAFVGAGAVVNKDVPDFALVVGVPARQIGWMSRHG
EQLDLPLRGNAEATCPHTGERYILTDGVCRLA
;
_entity_poly.pdbx_strand_id   A,B,C,D,E,F
#
loop_
_chem_comp.id
_chem_comp.type
_chem_comp.name
_chem_comp.formula
COA non-polymer 'COENZYME A' 'C21 H36 N7 O16 P3 S'
EDO non-polymer 1,2-ETHANEDIOL 'C2 H6 O2'
MJZ non-polymer '(2S,3S,4R,5R,6R)-5-(acetylamino)-4-amino-6-{[(R)-{[(R)-{[(2R,3S,4R,5R)-5-(2,4-dioxo-3,4-dihydropyrimidin-1(2H)-yl)-3,4-dihydroxytetrahydrofuran-2-yl]methoxy}(hydroxy)phosphoryl]oxy}(hydroxy)phosphoryl]oxy}-3-hydroxytetrahydro-2H-pyran-2-carboxylic acid' 'C17 H26 N4 O17 P2'
NA non-polymer 'SODIUM ION' 'Na 1'
PE4 non-polymer 2-{2-[2-(2-{2-[2-(2-ETHOXY-ETHOXY)-ETHOXY]-ETHOXY}-ETHOXY)-ETHOXY]-ETHOXY}-ETHANOL 'C16 H34 O8'
PO4 non-polymer 'PHOSPHATE ION' 'O4 P -3'
#
# COMPACT_ATOMS: atom_id res chain seq x y z
N HIS A 2 -22.53 11.01 7.35
CA HIS A 2 -23.22 10.19 6.32
C HIS A 2 -22.38 9.83 5.10
N MET A 3 -21.20 10.41 4.96
CA MET A 3 -20.30 10.10 3.86
C MET A 3 -20.05 8.59 3.82
N ALA A 4 -19.83 8.09 2.62
CA ALA A 4 -19.37 6.71 2.44
C ALA A 4 -18.21 6.40 3.38
N THR A 5 -18.25 5.20 3.98
CA THR A 5 -17.12 4.70 4.76
C THR A 5 -16.22 3.79 3.94
N ILE A 6 -14.92 3.99 4.07
CA ILE A 6 -13.90 3.41 3.23
C ILE A 6 -12.84 2.76 4.08
N HIS A 7 -12.64 1.45 3.87
CA HIS A 7 -11.60 0.75 4.64
C HIS A 7 -10.24 1.37 4.37
N PRO A 8 -9.38 1.52 5.40
CA PRO A 8 -8.10 2.18 5.13
C PRO A 8 -7.20 1.52 4.08
N THR A 9 -7.41 0.22 3.84
CA THR A 9 -6.62 -0.48 2.83
C THR A 9 -7.20 -0.30 1.43
N ALA A 10 -8.42 0.21 1.33
CA ALA A 10 -8.93 0.53 0.01
C ALA A 10 -8.26 1.72 -0.66
N ILE A 11 -8.27 1.77 -1.98
CA ILE A 11 -7.75 2.90 -2.78
C ILE A 11 -8.85 3.47 -3.64
N VAL A 12 -9.32 4.66 -3.29
CA VAL A 12 -10.34 5.37 -4.05
C VAL A 12 -9.67 6.56 -4.74
N ASP A 13 -9.50 6.49 -6.05
CA ASP A 13 -8.69 7.49 -6.75
C ASP A 13 -9.41 8.84 -6.79
N GLU A 14 -8.63 9.93 -6.74
CA GLU A 14 -9.21 11.26 -6.82
C GLU A 14 -10.24 11.40 -7.93
N GLY A 15 -11.41 11.96 -7.59
CA GLY A 15 -12.44 12.15 -8.60
C GLY A 15 -13.60 11.18 -8.48
N ALA A 16 -13.37 10.03 -7.86
CA ALA A 16 -14.48 9.07 -7.78
C ALA A 16 -15.59 9.64 -6.91
N ARG A 17 -16.84 9.34 -7.25
CA ARG A 17 -18.00 9.75 -6.49
C ARG A 17 -18.67 8.55 -5.87
N ILE A 18 -18.79 8.57 -4.57
CA ILE A 18 -19.41 7.47 -3.83
C ILE A 18 -20.45 8.05 -2.90
N GLY A 19 -21.69 7.60 -3.03
CA GLY A 19 -22.79 8.21 -2.29
C GLY A 19 -22.81 7.87 -0.81
N ALA A 20 -23.60 8.67 -0.10
CA ALA A 20 -23.81 8.51 1.30
C ALA A 20 -24.20 7.09 1.67
N HIS A 21 -23.69 6.66 2.81
CA HIS A 21 -24.04 5.42 3.49
C HIS A 21 -23.42 4.22 2.74
N SER A 22 -22.64 4.46 1.69
CA SER A 22 -22.01 3.32 1.03
C SER A 22 -20.85 2.81 1.86
N ARG A 23 -20.49 1.56 1.65
CA ARG A 23 -19.47 0.88 2.46
C ARG A 23 -18.48 0.21 1.52
N ILE A 24 -17.21 0.56 1.63
CA ILE A 24 -16.16 0.07 0.75
C ILE A 24 -15.17 -0.72 1.58
N TRP A 25 -14.97 -1.99 1.26
CA TRP A 25 -14.22 -2.91 2.11
C TRP A 25 -12.76 -3.09 1.74
N HIS A 26 -12.17 -4.18 2.22
CA HIS A 26 -10.72 -4.30 2.22
C HIS A 26 -10.15 -4.40 0.81
N TRP A 27 -9.08 -3.67 0.53
CA TRP A 27 -8.33 -3.79 -0.70
C TRP A 27 -9.21 -3.68 -1.96
N VAL A 28 -10.18 -2.77 -1.87
CA VAL A 28 -10.97 -2.36 -3.04
C VAL A 28 -10.24 -1.27 -3.82
N HIS A 29 -10.24 -1.27 -5.14
CA HIS A 29 -9.71 -0.17 -5.93
C HIS A 29 -10.81 0.42 -6.81
N ILE A 30 -11.08 1.72 -6.63
CA ILE A 30 -12.10 2.41 -7.43
C ILE A 30 -11.37 3.49 -8.25
N CYS A 31 -11.53 3.50 -9.57
CA CYS A 31 -10.91 4.50 -10.45
C CYS A 31 -11.66 5.84 -10.37
N GLY A 32 -10.95 6.90 -10.78
CA GLY A 32 -11.45 8.25 -10.60
C GLY A 32 -12.69 8.69 -11.37
N GLY A 33 -13.02 8.01 -12.46
CA GLY A 33 -14.22 8.29 -13.24
C GLY A 33 -15.50 7.69 -12.66
N ALA A 34 -15.35 6.75 -11.72
CA ALA A 34 -16.49 5.95 -11.29
C ALA A 34 -17.53 6.80 -10.57
N GLU A 35 -18.79 6.43 -10.74
CA GLU A 35 -19.87 7.02 -9.99
C GLU A 35 -20.64 5.87 -9.35
N ILE A 36 -20.78 5.92 -8.03
CA ILE A 36 -21.44 4.90 -7.22
C ILE A 36 -22.46 5.62 -6.36
N GLY A 37 -23.68 5.09 -6.29
CA GLY A 37 -24.75 5.75 -5.54
C GLY A 37 -24.71 5.53 -4.04
N GLU A 38 -25.84 5.74 -3.38
CA GLU A 38 -25.92 5.73 -1.93
C GLU A 38 -26.24 4.30 -1.45
N GLY A 39 -25.75 3.93 -0.28
CA GLY A 39 -26.14 2.69 0.36
C GLY A 39 -25.63 1.46 -0.38
N CYS A 40 -24.57 1.62 -1.15
CA CYS A 40 -23.95 0.47 -1.81
C CYS A 40 -22.97 -0.24 -0.89
N SER A 41 -22.67 -1.47 -1.23
CA SER A 41 -21.66 -2.23 -0.52
C SER A 41 -20.71 -2.87 -1.49
N LEU A 42 -19.40 -2.65 -1.34
CA LEU A 42 -18.41 -3.22 -2.24
C LEU A 42 -17.48 -4.13 -1.42
N GLY A 43 -17.49 -5.45 -1.64
CA GLY A 43 -16.68 -6.34 -0.81
C GLY A 43 -15.19 -6.39 -1.13
N GLN A 44 -14.51 -7.32 -0.43
CA GLN A 44 -13.06 -7.43 -0.51
C GLN A 44 -12.60 -7.53 -1.95
N ASN A 45 -11.60 -6.79 -2.39
CA ASN A 45 -10.94 -6.95 -3.67
C ASN A 45 -11.82 -6.59 -4.87
N VAL A 46 -12.92 -5.88 -4.64
CA VAL A 46 -13.65 -5.36 -5.79
C VAL A 46 -12.77 -4.39 -6.57
N PHE A 47 -12.97 -4.31 -7.86
CA PHE A 47 -12.37 -3.30 -8.72
C PHE A 47 -13.51 -2.56 -9.41
N VAL A 48 -13.39 -1.24 -9.56
CA VAL A 48 -14.33 -0.46 -10.36
C VAL A 48 -13.58 0.45 -11.34
N GLY A 49 -13.92 0.37 -12.62
CA GLY A 49 -13.25 1.17 -13.66
C GLY A 49 -13.79 2.60 -13.67
N ASN A 50 -13.34 3.32 -14.68
CA ASN A 50 -13.67 4.72 -14.79
C ASN A 50 -15.03 4.90 -15.45
N ARG A 51 -15.32 4.15 -16.51
CA ARG A 51 -16.52 4.34 -17.33
CA ARG A 51 -16.54 4.38 -17.29
C ARG A 51 -17.65 3.45 -16.79
N VAL A 52 -18.01 3.75 -15.53
CA VAL A 52 -18.89 2.86 -14.77
C VAL A 52 -19.87 3.72 -13.99
N ARG A 53 -21.15 3.37 -14.06
CA ARG A 53 -22.15 3.97 -13.20
C ARG A 53 -22.81 2.84 -12.41
N ILE A 54 -22.82 2.99 -11.10
CA ILE A 54 -23.49 2.01 -10.22
C ILE A 54 -24.53 2.81 -9.47
N GLY A 55 -25.78 2.35 -9.46
CA GLY A 55 -26.83 3.08 -8.76
C GLY A 55 -26.85 2.93 -7.26
N ASN A 56 -28.05 3.10 -6.72
CA ASN A 56 -28.20 3.09 -5.27
C ASN A 56 -28.55 1.69 -4.77
N ARG A 57 -28.04 1.35 -3.57
CA ARG A 57 -28.36 0.14 -2.83
C ARG A 57 -27.90 -1.11 -3.61
N VAL A 58 -26.81 -0.97 -4.34
CA VAL A 58 -26.25 -2.09 -5.10
C VAL A 58 -25.28 -2.83 -4.18
N LYS A 59 -25.44 -4.14 -4.08
CA LYS A 59 -24.60 -4.96 -3.20
C LYS A 59 -23.69 -5.82 -4.04
N ILE A 60 -22.39 -5.58 -3.90
CA ILE A 60 -21.38 -6.24 -4.69
C ILE A 60 -20.52 -7.05 -3.76
N GLN A 61 -20.53 -8.38 -3.95
CA GLN A 61 -19.76 -9.27 -3.10
C GLN A 61 -18.28 -9.32 -3.50
N ASN A 62 -17.51 -10.05 -2.70
CA ASN A 62 -16.07 -10.13 -2.93
C ASN A 62 -15.68 -10.47 -4.38
N ASN A 63 -14.58 -9.92 -4.88
CA ASN A 63 -13.93 -10.42 -6.09
C ASN A 63 -14.70 -10.14 -7.35
N VAL A 64 -15.51 -9.07 -7.35
CA VAL A 64 -16.19 -8.64 -8.57
C VAL A 64 -15.46 -7.43 -9.18
N SER A 65 -15.10 -7.51 -10.44
CA SER A 65 -14.49 -6.43 -11.19
C SER A 65 -15.52 -5.75 -12.10
N VAL A 66 -15.91 -4.53 -11.77
CA VAL A 66 -16.91 -3.80 -12.54
C VAL A 66 -16.10 -2.98 -13.54
N TYR A 67 -15.94 -3.51 -14.75
CA TYR A 67 -15.11 -2.84 -15.75
C TYR A 67 -15.83 -1.69 -16.46
N ASP A 68 -14.99 -0.90 -17.13
CA ASP A 68 -15.54 0.10 -18.03
C ASP A 68 -16.63 -0.50 -18.92
N ASN A 69 -17.70 0.28 -19.07
CA ASN A 69 -18.86 -0.05 -19.91
C ASN A 69 -19.90 -0.96 -19.25
N VAL A 70 -19.71 -1.19 -17.95
CA VAL A 70 -20.73 -1.84 -17.10
C VAL A 70 -21.55 -0.79 -16.38
N PHE A 71 -22.87 -0.97 -16.43
CA PHE A 71 -23.83 -0.04 -15.80
C PHE A 71 -24.79 -0.84 -14.95
N LEU A 72 -24.86 -0.52 -13.67
CA LEU A 72 -25.69 -1.30 -12.73
C LEU A 72 -26.77 -0.36 -12.20
N GLU A 73 -28.04 -0.66 -12.45
CA GLU A 73 -29.15 0.10 -11.87
C GLU A 73 -29.30 -0.15 -10.37
N ASP A 74 -30.26 0.58 -9.79
CA ASP A 74 -30.54 0.47 -8.35
C ASP A 74 -30.85 -0.99 -7.98
N ASP A 75 -30.48 -1.39 -6.77
CA ASP A 75 -30.94 -2.66 -6.17
C ASP A 75 -30.39 -3.90 -6.89
N VAL A 76 -29.33 -3.73 -7.67
CA VAL A 76 -28.68 -4.90 -8.30
C VAL A 76 -27.86 -5.67 -7.27
N PHE A 77 -27.84 -6.99 -7.36
CA PHE A 77 -27.03 -7.82 -6.49
C PHE A 77 -25.99 -8.52 -7.36
N CYS A 78 -24.70 -8.32 -7.06
CA CYS A 78 -23.62 -9.04 -7.73
C CYS A 78 -23.02 -10.05 -6.78
N GLY A 79 -23.25 -11.33 -7.06
CA GLY A 79 -22.83 -12.35 -6.14
C GLY A 79 -21.32 -12.57 -6.12
N PRO A 80 -20.87 -13.36 -5.15
CA PRO A 80 -19.43 -13.49 -4.97
C PRO A 80 -18.74 -13.99 -6.22
N SER A 81 -17.66 -13.32 -6.60
CA SER A 81 -16.82 -13.70 -7.72
C SER A 81 -17.56 -13.77 -9.04
N MET A 82 -18.70 -13.10 -9.19
CA MET A 82 -19.24 -13.02 -10.54
C MET A 82 -18.37 -12.14 -11.44
N VAL A 83 -18.50 -12.30 -12.76
CA VAL A 83 -17.52 -11.75 -13.69
C VAL A 83 -18.20 -10.98 -14.80
N PHE A 84 -17.87 -9.70 -14.96
CA PHE A 84 -18.23 -8.87 -16.10
C PHE A 84 -17.08 -8.84 -17.09
N THR A 85 -17.44 -8.48 -18.32
CA THR A 85 -16.47 -8.30 -19.41
C THR A 85 -16.74 -7.04 -20.14
N ASN A 86 -15.78 -6.63 -20.97
CA ASN A 86 -16.08 -5.53 -21.91
C ASN A 86 -15.58 -5.71 -23.34
N VAL A 87 -14.75 -6.71 -23.61
CA VAL A 87 -14.40 -7.00 -24.99
C VAL A 87 -14.90 -8.39 -25.32
N TYR A 88 -15.65 -8.47 -26.43
CA TYR A 88 -16.28 -9.71 -26.86
C TYR A 88 -15.30 -10.79 -27.33
N ASN A 89 -14.27 -10.36 -28.05
CA ASN A 89 -13.35 -11.29 -28.72
C ASN A 89 -11.92 -10.85 -28.50
N PRO A 90 -11.43 -10.85 -27.25
CA PRO A 90 -10.11 -10.26 -27.00
C PRO A 90 -8.97 -11.08 -27.63
N ARG A 91 -7.97 -10.34 -28.09
CA ARG A 91 -6.67 -10.86 -28.56
C ARG A 91 -5.61 -9.93 -28.00
N ALA A 92 -4.62 -10.47 -27.27
CA ALA A 92 -3.62 -9.63 -26.63
C ALA A 92 -2.90 -8.73 -27.65
N ALA A 93 -2.75 -9.22 -28.88
CA ALA A 93 -2.00 -8.45 -29.89
C ALA A 93 -2.78 -7.27 -30.42
N ILE A 94 -4.10 -7.24 -30.24
CA ILE A 94 -4.94 -6.23 -30.87
C ILE A 94 -5.63 -5.42 -29.76
N GLU A 95 -5.19 -4.22 -29.44
CA GLU A 95 -5.84 -3.47 -28.38
C GLU A 95 -7.26 -3.13 -28.82
N ARG A 96 -8.23 -3.49 -27.98
CA ARG A 96 -9.64 -3.34 -28.29
C ARG A 96 -10.36 -2.37 -27.37
N LYS A 97 -9.60 -1.49 -26.74
CA LYS A 97 -10.15 -0.49 -25.82
C LYS A 97 -11.18 0.40 -26.52
N SER A 98 -11.12 0.57 -27.84
CA SER A 98 -12.14 1.31 -28.60
C SER A 98 -13.39 0.53 -29.02
N GLU A 99 -13.38 -0.77 -28.70
CA GLU A 99 -14.44 -1.69 -29.13
C GLU A 99 -15.26 -2.24 -27.95
N TYR A 100 -15.17 -1.61 -26.79
CA TYR A 100 -15.93 -2.13 -25.65
C TYR A 100 -17.43 -2.19 -25.96
N ARG A 101 -18.08 -3.23 -25.44
CA ARG A 101 -19.54 -3.37 -25.54
C ARG A 101 -20.16 -3.12 -24.17
N ASP A 102 -21.33 -2.51 -24.11
CA ASP A 102 -21.98 -2.19 -22.86
C ASP A 102 -22.58 -3.45 -22.24
N THR A 103 -22.58 -3.44 -20.91
CA THR A 103 -23.35 -4.45 -20.15
C THR A 103 -24.26 -3.66 -19.25
N ILE A 104 -25.57 -3.77 -19.44
CA ILE A 104 -26.54 -3.01 -18.65
C ILE A 104 -27.32 -4.00 -17.78
N VAL A 105 -27.31 -3.75 -16.47
CA VAL A 105 -28.01 -4.62 -15.51
C VAL A 105 -29.11 -3.77 -14.90
N ARG A 106 -30.34 -4.15 -15.17
CA ARG A 106 -31.48 -3.31 -14.79
C ARG A 106 -31.92 -3.58 -13.36
N GLN A 107 -32.78 -2.68 -12.86
CA GLN A 107 -33.10 -2.64 -11.45
C GLN A 107 -33.52 -3.99 -10.88
N GLY A 108 -32.93 -4.29 -9.73
CA GLY A 108 -33.28 -5.45 -8.92
C GLY A 108 -32.77 -6.79 -9.44
N ALA A 109 -32.06 -6.79 -10.57
CA ALA A 109 -31.52 -8.03 -11.08
C ALA A 109 -30.52 -8.62 -10.07
N THR A 110 -30.50 -9.95 -10.06
CA THR A 110 -29.61 -10.73 -9.19
C THR A 110 -28.66 -11.50 -10.11
N LEU A 111 -27.35 -11.30 -9.95
CA LEU A 111 -26.30 -12.00 -10.66
C LEU A 111 -25.68 -13.02 -9.73
N GLY A 112 -25.98 -14.30 -9.90
CA GLY A 112 -25.52 -15.32 -8.94
C GLY A 112 -24.02 -15.47 -8.84
N ALA A 113 -23.65 -16.04 -7.72
CA ALA A 113 -22.23 -16.36 -7.47
C ALA A 113 -21.56 -16.99 -8.67
N ASN A 114 -20.41 -16.47 -9.06
CA ASN A 114 -19.52 -17.07 -10.07
C ASN A 114 -20.19 -17.13 -11.45
N CYS A 115 -21.24 -16.34 -11.65
CA CYS A 115 -21.74 -16.23 -13.02
C CYS A 115 -20.82 -15.37 -13.87
N THR A 116 -21.01 -15.38 -15.19
CA THR A 116 -20.20 -14.57 -16.10
C THR A 116 -21.15 -13.89 -17.05
N VAL A 117 -20.92 -12.63 -17.43
CA VAL A 117 -21.80 -11.97 -18.37
C VAL A 117 -20.95 -11.57 -19.59
N VAL A 118 -21.21 -12.14 -20.77
CA VAL A 118 -20.53 -11.70 -21.99
C VAL A 118 -21.07 -10.32 -22.35
N CYS A 119 -20.15 -9.38 -22.57
CA CYS A 119 -20.51 -7.99 -22.86
C CYS A 119 -21.44 -7.84 -24.06
N GLY A 120 -22.29 -6.81 -23.97
CA GLY A 120 -23.31 -6.56 -24.99
C GLY A 120 -24.68 -6.99 -24.51
N ALA A 121 -24.76 -7.87 -23.53
CA ALA A 121 -26.07 -8.28 -23.02
C ALA A 121 -26.67 -7.23 -22.08
N THR A 122 -28.00 -7.16 -22.13
CA THR A 122 -28.74 -6.44 -21.10
C THR A 122 -29.46 -7.46 -20.23
N ILE A 123 -29.37 -7.24 -18.93
CA ILE A 123 -30.02 -8.12 -17.97
C ILE A 123 -31.20 -7.38 -17.39
N GLY A 124 -32.38 -7.93 -17.56
CA GLY A 124 -33.59 -7.16 -17.29
C GLY A 124 -33.94 -7.03 -15.81
N ARG A 125 -34.95 -6.21 -15.56
CA ARG A 125 -35.35 -5.90 -14.20
C ARG A 125 -35.72 -7.15 -13.43
N TYR A 126 -35.14 -7.32 -12.24
CA TYR A 126 -35.46 -8.48 -11.39
C TYR A 126 -35.17 -9.83 -12.07
N ALA A 127 -34.34 -9.83 -13.12
CA ALA A 127 -33.90 -11.13 -13.61
C ALA A 127 -33.12 -11.87 -12.53
N PHE A 128 -32.94 -13.16 -12.71
CA PHE A 128 -32.15 -13.91 -11.73
C PHE A 128 -31.26 -14.87 -12.51
N VAL A 129 -29.96 -14.62 -12.44
CA VAL A 129 -28.94 -15.45 -13.11
C VAL A 129 -28.42 -16.43 -12.09
N GLY A 130 -28.68 -17.71 -12.29
CA GLY A 130 -28.22 -18.71 -11.34
C GLY A 130 -26.72 -18.77 -11.18
N ALA A 131 -26.32 -19.30 -10.03
CA ALA A 131 -24.91 -19.44 -9.73
C ALA A 131 -24.22 -20.18 -10.88
N GLY A 132 -23.09 -19.63 -11.30
CA GLY A 132 -22.25 -20.24 -12.32
C GLY A 132 -22.71 -20.12 -13.75
N ALA A 133 -23.84 -19.46 -13.99
CA ALA A 133 -24.31 -19.38 -15.37
C ALA A 133 -23.42 -18.51 -16.21
N VAL A 134 -23.43 -18.72 -17.53
CA VAL A 134 -22.71 -17.86 -18.47
C VAL A 134 -23.73 -17.17 -19.37
N VAL A 135 -24.00 -15.90 -19.15
CA VAL A 135 -25.00 -15.18 -19.92
C VAL A 135 -24.36 -14.67 -21.21
N ASN A 136 -24.93 -15.04 -22.37
CA ASN A 136 -24.44 -14.51 -23.65
C ASN A 136 -25.57 -14.03 -24.56
N LYS A 137 -26.71 -13.73 -23.96
CA LYS A 137 -27.82 -13.08 -24.66
C LYS A 137 -28.60 -12.23 -23.68
N ASP A 138 -29.46 -11.35 -24.18
CA ASP A 138 -30.23 -10.56 -23.24
C ASP A 138 -31.09 -11.48 -22.37
N VAL A 139 -31.30 -11.03 -21.14
CA VAL A 139 -32.13 -11.75 -20.18
C VAL A 139 -33.39 -10.93 -19.93
N PRO A 140 -34.57 -11.48 -20.23
CA PRO A 140 -35.81 -10.71 -20.02
C PRO A 140 -36.03 -10.31 -18.57
N ASP A 141 -36.81 -9.25 -18.33
CA ASP A 141 -37.24 -8.91 -16.98
C ASP A 141 -37.83 -10.19 -16.36
N PHE A 142 -37.44 -10.45 -15.10
CA PHE A 142 -37.98 -11.52 -14.28
C PHE A 142 -37.52 -12.93 -14.70
N ALA A 143 -36.70 -13.03 -15.73
CA ALA A 143 -36.31 -14.35 -16.18
C ALA A 143 -35.32 -15.02 -15.25
N LEU A 144 -35.57 -16.31 -14.99
CA LEU A 144 -34.61 -17.15 -14.28
C LEU A 144 -33.84 -17.91 -15.32
N VAL A 145 -32.52 -17.73 -15.39
CA VAL A 145 -31.66 -18.38 -16.36
C VAL A 145 -30.55 -19.14 -15.63
N VAL A 146 -30.22 -20.32 -16.12
CA VAL A 146 -29.12 -21.12 -15.58
C VAL A 146 -28.36 -21.80 -16.70
N GLY A 147 -27.14 -22.21 -16.40
CA GLY A 147 -26.36 -23.08 -17.31
C GLY A 147 -25.28 -22.34 -18.11
N VAL A 148 -24.49 -23.14 -18.84
CA VAL A 148 -23.39 -22.63 -19.68
C VAL A 148 -23.62 -23.13 -21.11
N PRO A 149 -24.11 -22.29 -22.03
CA PRO A 149 -24.58 -20.93 -21.75
C PRO A 149 -25.94 -20.91 -21.05
N ALA A 150 -26.31 -19.74 -20.55
CA ALA A 150 -27.54 -19.65 -19.78
C ALA A 150 -28.77 -19.75 -20.66
N ARG A 151 -29.73 -20.48 -20.11
CA ARG A 151 -31.01 -20.67 -20.79
C ARG A 151 -32.11 -20.39 -19.78
N GLN A 152 -33.22 -19.83 -20.25
CA GLN A 152 -34.35 -19.56 -19.38
C GLN A 152 -35.11 -20.81 -18.96
N ILE A 153 -35.28 -20.98 -17.66
CA ILE A 153 -36.03 -22.09 -17.08
C ILE A 153 -37.28 -21.68 -16.34
N GLY A 154 -37.47 -20.39 -16.11
CA GLY A 154 -38.66 -19.98 -15.38
C GLY A 154 -38.67 -18.48 -15.24
N TRP A 155 -39.48 -18.02 -14.28
CA TRP A 155 -39.60 -16.60 -13.98
C TRP A 155 -39.51 -16.45 -12.48
N MET A 156 -38.90 -15.37 -12.01
CA MET A 156 -38.67 -15.11 -10.59
C MET A 156 -39.42 -13.83 -10.19
N SER A 157 -40.20 -13.92 -9.12
CA SER A 157 -40.82 -12.73 -8.56
C SER A 157 -39.80 -11.75 -8.01
N ARG A 158 -40.21 -10.50 -7.81
CA ARG A 158 -39.32 -9.57 -7.15
C ARG A 158 -38.77 -10.12 -5.83
N HIS A 159 -39.60 -10.79 -5.05
CA HIS A 159 -39.16 -11.32 -3.76
C HIS A 159 -38.13 -12.41 -3.90
N GLY A 160 -38.10 -13.10 -5.05
CA GLY A 160 -37.05 -14.08 -5.32
C GLY A 160 -37.53 -15.51 -5.30
N GLU A 161 -38.79 -15.75 -5.69
CA GLU A 161 -39.23 -17.14 -5.81
C GLU A 161 -39.89 -17.36 -7.16
N GLN A 162 -39.85 -18.60 -7.64
CA GLN A 162 -40.42 -18.87 -8.95
C GLN A 162 -41.92 -18.66 -9.06
N LEU A 163 -42.30 -18.13 -10.21
CA LEU A 163 -43.72 -17.91 -10.55
C LEU A 163 -44.26 -19.08 -11.35
N ASP A 164 -45.52 -19.43 -11.09
CA ASP A 164 -46.18 -20.53 -11.79
C ASP A 164 -46.78 -20.01 -13.11
N LEU A 165 -45.87 -19.77 -14.06
CA LEU A 165 -46.10 -19.05 -15.30
C LEU A 165 -45.33 -19.78 -16.40
N PRO A 166 -45.96 -20.03 -17.56
CA PRO A 166 -45.20 -20.66 -18.63
C PRO A 166 -44.16 -19.71 -19.22
N LEU A 167 -43.18 -20.26 -19.95
CA LEU A 167 -42.17 -19.44 -20.58
C LEU A 167 -42.77 -18.64 -21.71
N ARG A 168 -43.75 -19.18 -22.43
CA ARG A 168 -44.23 -18.59 -23.68
CA ARG A 168 -44.22 -18.58 -23.66
C ARG A 168 -45.73 -18.31 -23.61
N GLY A 169 -46.17 -17.41 -24.49
CA GLY A 169 -47.63 -17.21 -24.66
C GLY A 169 -48.17 -16.14 -23.72
N ASN A 170 -49.47 -16.27 -23.40
CA ASN A 170 -50.12 -15.29 -22.52
C ASN A 170 -50.61 -16.00 -21.26
N ALA A 171 -50.43 -15.37 -20.10
CA ALA A 171 -50.82 -15.99 -18.83
C ALA A 171 -50.69 -14.96 -17.72
N GLU A 172 -51.16 -15.31 -16.53
CA GLU A 172 -50.97 -14.48 -15.34
C GLU A 172 -50.63 -15.38 -14.16
N ALA A 173 -49.96 -14.82 -13.15
CA ALA A 173 -49.60 -15.60 -11.96
C ALA A 173 -49.37 -14.62 -10.81
N THR A 174 -49.39 -15.13 -9.58
CA THR A 174 -49.04 -14.31 -8.43
C THR A 174 -47.78 -14.81 -7.72
N CYS A 175 -47.10 -13.86 -7.08
CA CYS A 175 -45.91 -14.19 -6.28
C CYS A 175 -46.38 -15.09 -5.13
N PRO A 176 -45.73 -16.25 -4.94
CA PRO A 176 -46.16 -17.12 -3.84
C PRO A 176 -46.00 -16.49 -2.47
N HIS A 177 -45.15 -15.49 -2.32
CA HIS A 177 -44.97 -14.79 -1.06
C HIS A 177 -45.85 -13.57 -0.82
N THR A 178 -45.91 -12.65 -1.78
CA THR A 178 -46.56 -11.37 -1.54
C THR A 178 -47.95 -11.38 -2.19
N GLY A 179 -48.22 -12.35 -3.05
CA GLY A 179 -49.42 -12.37 -3.87
C GLY A 179 -49.52 -11.35 -5.00
N GLU A 180 -48.48 -10.55 -5.24
CA GLU A 180 -48.60 -9.53 -6.28
C GLU A 180 -48.67 -10.23 -7.64
N ARG A 181 -49.44 -9.66 -8.56
CA ARG A 181 -49.73 -10.27 -9.86
C ARG A 181 -48.73 -9.84 -10.92
N TYR A 182 -48.42 -10.84 -11.75
CA TYR A 182 -47.59 -10.68 -12.94
C TYR A 182 -48.41 -11.05 -14.16
N ILE A 183 -48.15 -10.34 -15.25
CA ILE A 183 -48.80 -10.62 -16.53
C ILE A 183 -47.75 -11.06 -17.53
N LEU A 184 -47.99 -12.19 -18.17
CA LEU A 184 -47.18 -12.60 -19.33
C LEU A 184 -47.94 -12.30 -20.62
N THR A 185 -47.30 -11.57 -21.52
CA THR A 185 -47.90 -11.23 -22.82
C THR A 185 -46.86 -11.58 -23.88
N ASP A 186 -47.22 -12.53 -24.75
CA ASP A 186 -46.32 -13.02 -25.79
C ASP A 186 -44.93 -13.34 -25.23
N GLY A 187 -44.90 -14.01 -24.09
CA GLY A 187 -43.61 -14.43 -23.54
C GLY A 187 -42.78 -13.38 -22.83
N VAL A 188 -43.35 -12.20 -22.55
CA VAL A 188 -42.70 -11.14 -21.81
C VAL A 188 -43.46 -10.93 -20.51
N CYS A 189 -42.76 -10.99 -19.37
CA CYS A 189 -43.35 -10.88 -18.04
C CYS A 189 -43.23 -9.45 -17.51
N ARG A 190 -44.35 -8.95 -16.98
CA ARG A 190 -44.32 -7.67 -16.28
C ARG A 190 -45.16 -7.70 -15.00
N LEU A 191 -44.88 -6.77 -14.10
CA LEU A 191 -45.77 -6.57 -12.94
C LEU A 191 -47.09 -6.00 -13.42
N ALA A 192 -48.22 -6.48 -12.90
CA ALA A 192 -49.48 -5.76 -13.04
C ALA A 192 -49.52 -4.50 -12.19
N ALA B 4 10.30 -2.42 -16.03
CA ALA B 4 8.84 -2.61 -15.79
C ALA B 4 8.31 -1.60 -14.77
N THR B 5 7.03 -1.24 -14.86
CA THR B 5 6.45 -0.35 -13.88
C THR B 5 5.54 -1.13 -12.92
N ILE B 6 5.78 -0.98 -11.63
CA ILE B 6 5.22 -1.84 -10.60
C ILE B 6 4.49 -1.01 -9.56
N HIS B 7 3.20 -1.28 -9.34
CA HIS B 7 2.41 -0.48 -8.42
C HIS B 7 3.01 -0.61 -7.01
N PRO B 8 3.04 0.47 -6.19
CA PRO B 8 3.72 0.33 -4.91
C PRO B 8 3.09 -0.71 -3.98
N THR B 9 1.83 -1.08 -4.23
CA THR B 9 1.17 -2.08 -3.39
C THR B 9 1.48 -3.50 -3.82
N ALA B 10 2.06 -3.66 -5.01
CA ALA B 10 2.46 -4.98 -5.49
C ALA B 10 3.70 -5.48 -4.75
N ILE B 11 3.87 -6.80 -4.71
CA ILE B 11 5.00 -7.41 -4.03
C ILE B 11 5.66 -8.33 -5.04
N VAL B 12 6.85 -7.94 -5.53
CA VAL B 12 7.58 -8.71 -6.49
C VAL B 12 8.83 -9.24 -5.77
N ASP B 13 8.87 -10.54 -5.52
CA ASP B 13 9.91 -11.11 -4.67
C ASP B 13 11.26 -11.05 -5.39
N GLU B 14 12.32 -10.92 -4.60
CA GLU B 14 13.67 -10.87 -5.16
C GLU B 14 13.96 -12.07 -6.05
N GLY B 15 14.51 -11.80 -7.23
CA GLY B 15 14.80 -12.83 -8.21
C GLY B 15 13.88 -12.81 -9.43
N ALA B 16 12.67 -12.28 -9.27
CA ALA B 16 11.71 -12.30 -10.38
C ALA B 16 12.28 -11.48 -11.54
N ARG B 17 12.04 -11.97 -12.75
CA ARG B 17 12.48 -11.30 -13.99
C ARG B 17 11.24 -10.77 -14.70
N ILE B 18 11.22 -9.47 -14.93
CA ILE B 18 10.07 -8.85 -15.59
C ILE B 18 10.61 -7.91 -16.65
N GLY B 19 10.16 -8.13 -17.89
CA GLY B 19 10.68 -7.38 -19.02
C GLY B 19 10.19 -5.95 -19.16
N ALA B 20 10.95 -5.22 -19.99
CA ALA B 20 10.62 -3.83 -20.22
C ALA B 20 9.20 -3.62 -20.71
N HIS B 21 8.65 -2.49 -20.28
CA HIS B 21 7.35 -2.01 -20.71
C HIS B 21 6.21 -2.81 -20.08
N SER B 22 6.53 -3.70 -19.15
CA SER B 22 5.45 -4.40 -18.47
C SER B 22 4.86 -3.57 -17.35
N ARG B 23 3.61 -3.88 -17.02
CA ARG B 23 2.90 -3.11 -16.02
C ARG B 23 2.27 -4.08 -15.03
N ILE B 24 2.61 -3.89 -13.77
CA ILE B 24 2.14 -4.75 -12.67
C ILE B 24 1.29 -3.87 -11.77
N TRP B 25 0.02 -4.21 -11.60
CA TRP B 25 -0.97 -3.42 -10.90
C TRP B 25 -1.18 -3.78 -9.43
N HIS B 26 -2.31 -3.33 -8.89
CA HIS B 26 -2.49 -3.30 -7.45
C HIS B 26 -2.47 -4.68 -6.81
N TRP B 27 -1.71 -4.82 -5.73
CA TRP B 27 -1.73 -6.00 -4.86
C TRP B 27 -1.52 -7.28 -5.67
N VAL B 28 -0.60 -7.21 -6.63
CA VAL B 28 -0.13 -8.39 -7.34
C VAL B 28 1.03 -9.00 -6.53
N HIS B 29 1.12 -10.32 -6.44
CA HIS B 29 2.29 -10.97 -5.87
C HIS B 29 2.94 -11.87 -6.89
N ILE B 30 4.23 -11.62 -7.19
CA ILE B 30 5.03 -12.40 -8.12
C ILE B 30 6.18 -13.05 -7.34
N CYS B 31 6.31 -14.36 -7.46
CA CYS B 31 7.36 -15.11 -6.75
C CYS B 31 8.71 -14.99 -7.46
N GLY B 32 9.77 -15.32 -6.72
CA GLY B 32 11.10 -14.92 -7.19
C GLY B 32 11.62 -15.75 -8.35
N GLY B 33 11.03 -16.92 -8.62
CA GLY B 33 11.42 -17.72 -9.76
C GLY B 33 10.79 -17.34 -11.09
N ALA B 34 9.77 -16.50 -11.05
CA ALA B 34 9.00 -16.18 -12.24
C ALA B 34 9.82 -15.45 -13.30
N GLU B 35 9.49 -15.74 -14.56
CA GLU B 35 10.04 -15.01 -15.71
CA GLU B 35 10.04 -15.01 -15.71
C GLU B 35 8.87 -14.47 -16.51
N ILE B 36 8.82 -13.16 -16.66
CA ILE B 36 7.77 -12.46 -17.40
C ILE B 36 8.43 -11.60 -18.50
N GLY B 37 7.92 -11.63 -19.73
CA GLY B 37 8.57 -10.90 -20.83
C GLY B 37 8.22 -9.43 -20.91
N GLU B 38 8.38 -8.87 -22.13
CA GLU B 38 8.18 -7.44 -22.31
CA GLU B 38 8.16 -7.44 -22.29
C GLU B 38 6.73 -7.14 -22.66
N GLY B 39 6.27 -5.96 -22.25
CA GLY B 39 4.94 -5.47 -22.66
C GLY B 39 3.75 -6.24 -22.11
N CYS B 40 4.00 -6.94 -21.01
CA CYS B 40 2.90 -7.66 -20.34
C CYS B 40 2.11 -6.73 -19.45
N SER B 41 0.91 -7.17 -19.06
CA SER B 41 0.12 -6.42 -18.13
C SER B 41 -0.47 -7.43 -17.15
N LEU B 42 -0.31 -7.17 -15.86
CA LEU B 42 -0.86 -8.05 -14.82
C LEU B 42 -1.78 -7.25 -13.95
N GLY B 43 -3.08 -7.58 -13.96
CA GLY B 43 -4.10 -6.83 -13.25
C GLY B 43 -4.14 -7.06 -11.75
N GLN B 44 -5.12 -6.40 -11.15
CA GLN B 44 -5.34 -6.46 -9.72
C GLN B 44 -5.33 -7.86 -9.15
N ASN B 45 -4.58 -8.14 -8.09
CA ASN B 45 -4.64 -9.39 -7.34
C ASN B 45 -4.15 -10.58 -8.17
N VAL B 46 -3.45 -10.38 -9.29
CA VAL B 46 -2.81 -11.53 -9.95
C VAL B 46 -1.77 -12.13 -9.01
N PHE B 47 -1.58 -13.45 -9.15
CA PHE B 47 -0.53 -14.16 -8.46
C PHE B 47 0.29 -14.87 -9.50
N VAL B 48 1.62 -14.91 -9.35
CA VAL B 48 2.49 -15.68 -10.20
C VAL B 48 3.44 -16.52 -9.36
N GLY B 49 3.49 -17.81 -9.61
CA GLY B 49 4.36 -18.75 -8.91
C GLY B 49 5.80 -18.69 -9.38
N ASN B 50 6.58 -19.61 -8.82
CA ASN B 50 7.99 -19.66 -9.19
C ASN B 50 8.27 -20.36 -10.51
N ARG B 51 7.66 -21.50 -10.76
CA ARG B 51 7.97 -22.30 -11.95
C ARG B 51 7.03 -21.86 -13.08
N VAL B 52 7.23 -20.63 -13.53
CA VAL B 52 6.28 -20.00 -14.47
C VAL B 52 7.09 -19.23 -15.50
N ARG B 53 6.75 -19.41 -16.77
CA ARG B 53 7.33 -18.54 -17.82
C ARG B 53 6.16 -17.95 -18.56
N ILE B 54 6.22 -16.63 -18.68
CA ILE B 54 5.22 -15.84 -19.37
C ILE B 54 6.01 -15.03 -20.41
N GLY B 55 5.56 -15.14 -21.66
CA GLY B 55 6.23 -14.48 -22.81
C GLY B 55 5.99 -12.99 -22.89
N ASN B 56 6.08 -12.47 -24.11
CA ASN B 56 5.89 -11.04 -24.35
C ASN B 56 4.45 -10.69 -24.71
N ARG B 57 4.02 -9.51 -24.28
CA ARG B 57 2.72 -8.96 -24.64
CA ARG B 57 2.72 -8.96 -24.64
C ARG B 57 1.60 -9.91 -24.21
N VAL B 58 1.78 -10.53 -23.05
CA VAL B 58 0.74 -11.32 -22.40
C VAL B 58 -0.08 -10.40 -21.50
N LYS B 59 -1.40 -10.39 -21.70
CA LYS B 59 -2.28 -9.52 -20.94
C LYS B 59 -3.10 -10.40 -20.02
N ILE B 60 -2.91 -10.20 -18.72
CA ILE B 60 -3.56 -10.99 -17.69
C ILE B 60 -4.44 -10.06 -16.89
N GLN B 61 -5.74 -10.36 -16.91
CA GLN B 61 -6.73 -9.53 -16.26
C GLN B 61 -6.80 -9.86 -14.77
N ASN B 62 -7.59 -9.09 -14.02
CA ASN B 62 -7.69 -9.26 -12.56
C ASN B 62 -7.94 -10.70 -12.14
N ASN B 63 -7.34 -11.07 -11.02
CA ASN B 63 -7.77 -12.26 -10.28
C ASN B 63 -7.37 -13.54 -11.00
N VAL B 64 -6.28 -13.51 -11.77
CA VAL B 64 -5.71 -14.72 -12.34
C VAL B 64 -4.47 -15.19 -11.56
N SER B 65 -4.47 -16.45 -11.13
CA SER B 65 -3.35 -17.08 -10.45
C SER B 65 -2.58 -17.94 -11.42
N VAL B 66 -1.36 -17.54 -11.79
CA VAL B 66 -0.57 -18.32 -12.75
C VAL B 66 0.35 -19.19 -11.93
N TYR B 67 -0.07 -20.42 -11.70
CA TYR B 67 0.63 -21.33 -10.79
C TYR B 67 1.83 -21.99 -11.42
N ASP B 68 2.67 -22.55 -10.56
CA ASP B 68 3.78 -23.38 -11.01
C ASP B 68 3.28 -24.35 -12.07
N ASN B 69 4.10 -24.52 -13.11
CA ASN B 69 3.91 -25.42 -14.23
C ASN B 69 2.97 -24.88 -15.30
N VAL B 70 2.60 -23.60 -15.19
CA VAL B 70 1.86 -22.92 -16.27
C VAL B 70 2.88 -22.12 -17.11
N PHE B 71 2.78 -22.30 -18.43
CA PHE B 71 3.70 -21.63 -19.36
C PHE B 71 2.83 -20.90 -20.40
N LEU B 72 3.02 -19.59 -20.53
CA LEU B 72 2.22 -18.77 -21.46
C LEU B 72 3.15 -18.19 -22.53
N GLU B 73 2.90 -18.55 -23.78
CA GLU B 73 3.67 -18.00 -24.90
C GLU B 73 3.30 -16.55 -25.17
N ASP B 74 3.96 -15.96 -26.16
CA ASP B 74 3.69 -14.56 -26.47
C ASP B 74 2.23 -14.33 -26.88
N ASP B 75 1.72 -13.13 -26.57
CA ASP B 75 0.42 -12.62 -27.09
C ASP B 75 -0.75 -13.46 -26.58
N VAL B 76 -0.54 -14.19 -25.49
CA VAL B 76 -1.64 -14.83 -24.77
C VAL B 76 -2.49 -13.82 -24.01
N PHE B 77 -3.80 -14.06 -24.00
CA PHE B 77 -4.73 -13.22 -23.26
C PHE B 77 -5.40 -14.07 -22.20
N CYS B 78 -5.32 -13.67 -20.95
CA CYS B 78 -6.01 -14.40 -19.88
C CYS B 78 -7.10 -13.46 -19.35
N GLY B 79 -8.35 -13.87 -19.56
CA GLY B 79 -9.48 -13.02 -19.19
C GLY B 79 -9.70 -12.95 -17.68
N PRO B 80 -10.58 -12.03 -17.27
CA PRO B 80 -10.76 -11.77 -15.83
C PRO B 80 -11.16 -13.05 -15.16
N SER B 81 -10.48 -13.32 -14.05
CA SER B 81 -10.82 -14.40 -13.12
C SER B 81 -10.77 -15.76 -13.83
N MET B 82 -10.04 -15.91 -14.93
CA MET B 82 -9.85 -17.28 -15.40
C MET B 82 -8.91 -18.04 -14.44
N VAL B 83 -8.94 -19.37 -14.52
CA VAL B 83 -8.34 -20.22 -13.49
C VAL B 83 -7.47 -21.29 -14.09
N PHE B 84 -6.21 -21.28 -13.73
CA PHE B 84 -5.30 -22.41 -13.99
C PHE B 84 -5.22 -23.34 -12.78
N THR B 85 -4.74 -24.55 -13.06
CA THR B 85 -4.51 -25.57 -12.04
C THR B 85 -3.14 -26.21 -12.22
N ASN B 86 -2.67 -26.95 -11.23
CA ASN B 86 -1.44 -27.74 -11.45
C ASN B 86 -1.53 -29.15 -10.85
N VAL B 87 -2.53 -29.47 -10.02
CA VAL B 87 -2.74 -30.86 -9.60
C VAL B 87 -4.10 -31.35 -10.10
N TYR B 88 -4.07 -32.49 -10.79
CA TYR B 88 -5.24 -33.07 -11.45
C TYR B 88 -6.28 -33.56 -10.43
N ASN B 89 -5.80 -34.15 -9.35
CA ASN B 89 -6.64 -34.87 -8.41
C ASN B 89 -6.30 -34.55 -6.97
N PRO B 90 -6.43 -33.26 -6.61
CA PRO B 90 -5.93 -32.87 -5.29
C PRO B 90 -6.68 -33.50 -4.13
N ARG B 91 -5.90 -33.81 -3.10
CA ARG B 91 -6.44 -34.27 -1.82
C ARG B 91 -5.58 -33.60 -0.75
N ALA B 92 -6.18 -32.88 0.20
CA ALA B 92 -5.40 -32.14 1.19
C ALA B 92 -4.44 -33.02 1.98
N ALA B 93 -4.83 -34.28 2.20
CA ALA B 93 -3.99 -35.16 3.00
C ALA B 93 -2.72 -35.59 2.28
N ILE B 94 -2.65 -35.42 0.97
CA ILE B 94 -1.59 -36.01 0.14
C ILE B 94 -0.89 -34.84 -0.58
N GLU B 95 0.31 -34.46 -0.17
CA GLU B 95 1.02 -33.39 -0.86
CA GLU B 95 0.98 -33.38 -0.85
C GLU B 95 1.36 -33.82 -2.26
N ARG B 96 0.93 -33.07 -3.27
CA ARG B 96 1.16 -33.48 -4.64
C ARG B 96 2.02 -32.51 -5.42
N LYS B 97 2.84 -31.79 -4.66
CA LYS B 97 3.75 -30.81 -5.27
C LYS B 97 4.69 -31.50 -6.25
N SER B 98 5.00 -32.79 -6.07
CA SER B 98 5.82 -33.49 -7.05
C SER B 98 5.10 -34.07 -8.26
N GLU B 99 3.78 -33.87 -8.31
CA GLU B 99 2.96 -34.49 -9.33
C GLU B 99 2.31 -33.42 -10.22
N TYR B 100 2.84 -32.20 -10.21
CA TYR B 100 2.22 -31.14 -11.02
C TYR B 100 2.23 -31.49 -12.52
N ARG B 101 1.16 -31.14 -13.21
CA ARG B 101 1.08 -31.37 -14.67
C ARG B 101 1.16 -30.00 -15.35
N ASP B 102 1.78 -29.95 -16.52
CA ASP B 102 2.02 -28.71 -17.23
C ASP B 102 0.74 -28.25 -17.91
N THR B 103 0.58 -26.93 -17.98
CA THR B 103 -0.45 -26.33 -18.80
C THR B 103 0.33 -25.37 -19.68
N ILE B 104 0.29 -25.66 -20.96
CA ILE B 104 1.04 -24.86 -21.96
C ILE B 104 0.01 -24.15 -22.83
N VAL B 105 0.11 -22.83 -22.87
CA VAL B 105 -0.81 -21.99 -23.64
C VAL B 105 0.05 -21.34 -24.73
N ARG B 106 -0.24 -21.75 -25.96
CA ARG B 106 0.55 -21.36 -27.13
C ARG B 106 0.20 -19.98 -27.64
N GLN B 107 1.09 -19.45 -28.50
CA GLN B 107 1.07 -18.04 -28.90
C GLN B 107 -0.29 -17.57 -29.38
N GLY B 108 -0.73 -16.43 -28.83
CA GLY B 108 -1.95 -15.76 -29.34
C GLY B 108 -3.24 -16.38 -28.84
N ALA B 109 -3.19 -17.46 -28.06
CA ALA B 109 -4.43 -18.04 -27.52
C ALA B 109 -5.12 -17.05 -26.57
N THR B 110 -6.43 -17.14 -26.56
CA THR B 110 -7.27 -16.35 -25.67
C THR B 110 -8.06 -17.27 -24.74
N LEU B 111 -7.92 -16.95 -23.45
CA LEU B 111 -8.60 -17.69 -22.39
C LEU B 111 -9.68 -16.78 -21.87
N GLY B 112 -10.93 -17.09 -22.17
CA GLY B 112 -12.03 -16.20 -21.82
C GLY B 112 -12.24 -16.06 -20.31
N ALA B 113 -12.93 -14.97 -19.99
CA ALA B 113 -13.31 -14.67 -18.61
C ALA B 113 -13.86 -15.90 -17.88
N ASN B 114 -13.31 -16.17 -16.70
CA ASN B 114 -13.85 -17.16 -15.80
C ASN B 114 -13.82 -18.57 -16.42
N CYS B 115 -13.00 -18.79 -17.45
CA CYS B 115 -12.75 -20.18 -17.85
C CYS B 115 -11.81 -20.87 -16.84
N THR B 116 -11.70 -22.20 -16.97
CA THR B 116 -10.86 -23.01 -16.11
C THR B 116 -10.15 -24.01 -17.00
N VAL B 117 -8.86 -24.21 -16.76
CA VAL B 117 -8.11 -25.19 -17.54
C VAL B 117 -7.60 -26.28 -16.60
N VAL B 118 -8.02 -27.51 -16.83
CA VAL B 118 -7.53 -28.65 -16.06
C VAL B 118 -6.08 -28.92 -16.49
N CYS B 119 -5.15 -28.99 -15.54
CA CYS B 119 -3.72 -29.18 -15.85
C CYS B 119 -3.48 -30.43 -16.70
N GLY B 120 -2.47 -30.25 -17.55
CA GLY B 120 -2.13 -31.29 -18.50
C GLY B 120 -2.51 -30.89 -19.91
N ALA B 121 -3.48 -30.01 -20.09
CA ALA B 121 -3.92 -29.62 -21.43
C ALA B 121 -2.91 -28.65 -22.06
N THR B 122 -2.84 -28.73 -23.38
CA THR B 122 -2.13 -27.75 -24.17
C THR B 122 -3.24 -27.01 -24.93
N ILE B 123 -3.12 -25.68 -24.88
CA ILE B 123 -4.05 -24.80 -25.61
C ILE B 123 -3.30 -24.27 -26.83
N GLY B 124 -3.86 -24.58 -28.00
CA GLY B 124 -3.17 -24.30 -29.29
C GLY B 124 -3.02 -22.84 -29.65
N ARG B 125 -2.16 -22.55 -30.63
CA ARG B 125 -1.90 -21.18 -31.07
C ARG B 125 -3.21 -20.53 -31.52
N TYR B 126 -3.50 -19.33 -31.04
CA TYR B 126 -4.69 -18.56 -31.44
C TYR B 126 -5.98 -19.31 -31.16
N ALA B 127 -5.92 -20.30 -30.30
CA ALA B 127 -7.18 -20.89 -29.86
C ALA B 127 -8.01 -19.83 -29.12
N PHE B 128 -9.28 -20.14 -28.89
CA PHE B 128 -10.16 -19.22 -28.18
C PHE B 128 -11.08 -20.04 -27.31
N VAL B 129 -10.88 -19.90 -26.01
CA VAL B 129 -11.67 -20.57 -24.98
C VAL B 129 -12.74 -19.59 -24.56
N GLY B 130 -14.00 -19.93 -24.83
CA GLY B 130 -15.11 -19.05 -24.48
C GLY B 130 -15.23 -18.77 -22.99
N ALA B 131 -15.83 -17.62 -22.66
CA ALA B 131 -16.07 -17.30 -21.24
C ALA B 131 -16.70 -18.48 -20.52
N GLY B 132 -16.18 -18.78 -19.33
CA GLY B 132 -16.80 -19.81 -18.48
C GLY B 132 -16.53 -21.24 -18.91
N ALA B 133 -15.80 -21.54 -19.98
CA ALA B 133 -15.62 -22.92 -20.37
C ALA B 133 -14.72 -23.67 -19.40
N VAL B 134 -14.81 -25.00 -19.34
CA VAL B 134 -13.89 -25.82 -18.53
C VAL B 134 -13.13 -26.71 -19.47
N VAL B 135 -11.85 -26.39 -19.68
CA VAL B 135 -11.05 -27.19 -20.63
C VAL B 135 -10.45 -28.39 -19.94
N ASN B 136 -10.68 -29.57 -20.46
CA ASN B 136 -10.07 -30.78 -19.91
C ASN B 136 -9.52 -31.68 -21.00
N LYS B 137 -9.24 -31.10 -22.16
CA LYS B 137 -8.53 -31.83 -23.21
C LYS B 137 -7.76 -30.80 -24.03
N ASP B 138 -6.80 -31.27 -24.81
CA ASP B 138 -6.02 -30.36 -25.64
C ASP B 138 -6.98 -29.56 -26.54
N VAL B 139 -6.64 -28.29 -26.79
CA VAL B 139 -7.46 -27.43 -27.65
C VAL B 139 -6.61 -27.18 -28.93
N PRO B 140 -7.09 -27.61 -30.11
CA PRO B 140 -6.32 -27.41 -31.34
C PRO B 140 -6.00 -25.94 -31.65
N ASP B 141 -4.92 -25.71 -32.42
CA ASP B 141 -4.62 -24.37 -32.90
C ASP B 141 -5.88 -23.79 -33.57
N PHE B 142 -6.19 -22.53 -33.25
CA PHE B 142 -7.33 -21.80 -33.80
C PHE B 142 -8.71 -22.33 -33.38
N ALA B 143 -8.79 -23.34 -32.52
CA ALA B 143 -10.12 -23.86 -32.18
C ALA B 143 -10.87 -22.93 -31.24
N LEU B 144 -12.16 -22.76 -31.54
CA LEU B 144 -13.11 -22.09 -30.63
C LEU B 144 -13.84 -23.14 -29.84
N VAL B 145 -13.68 -23.14 -28.51
CA VAL B 145 -14.32 -24.14 -27.64
C VAL B 145 -15.15 -23.45 -26.56
N VAL B 146 -16.29 -24.05 -26.20
CA VAL B 146 -17.16 -23.45 -25.19
C VAL B 146 -17.77 -24.62 -24.40
N GLY B 147 -18.25 -24.31 -23.21
CA GLY B 147 -19.02 -25.26 -22.42
C GLY B 147 -18.27 -25.90 -21.28
N VAL B 148 -19.03 -26.65 -20.45
CA VAL B 148 -18.49 -27.43 -19.33
C VAL B 148 -18.87 -28.90 -19.52
N PRO B 149 -17.90 -29.73 -19.96
CA PRO B 149 -16.55 -29.43 -20.37
C PRO B 149 -16.54 -28.85 -21.78
N ALA B 150 -15.40 -28.26 -22.12
CA ALA B 150 -15.33 -27.50 -23.37
C ALA B 150 -15.38 -28.41 -24.59
N ARG B 151 -16.14 -28.00 -25.61
CA ARG B 151 -16.28 -28.73 -26.87
C ARG B 151 -16.05 -27.71 -27.98
N GLN B 152 -15.43 -28.18 -29.07
CA GLN B 152 -15.16 -27.29 -30.17
C GLN B 152 -16.39 -27.00 -31.01
N ILE B 153 -16.64 -25.73 -31.29
CA ILE B 153 -17.78 -25.29 -32.09
C ILE B 153 -17.37 -24.56 -33.36
N GLY B 154 -16.11 -24.21 -33.51
CA GLY B 154 -15.72 -23.54 -34.74
C GLY B 154 -14.24 -23.25 -34.71
N TRP B 155 -13.81 -22.33 -35.57
CA TRP B 155 -12.39 -21.99 -35.74
C TRP B 155 -12.31 -20.47 -35.77
N MET B 156 -11.32 -19.92 -35.06
CA MET B 156 -11.12 -18.48 -34.93
C MET B 156 -9.86 -18.03 -35.64
N SER B 157 -9.98 -16.99 -36.47
CA SER B 157 -8.78 -16.38 -37.06
C SER B 157 -7.91 -15.70 -35.98
N ARG B 158 -6.67 -15.39 -36.34
CA ARG B 158 -5.83 -14.55 -35.46
C ARG B 158 -6.55 -13.31 -35.02
N HIS B 159 -7.28 -12.66 -35.92
CA HIS B 159 -7.98 -11.42 -35.63
C HIS B 159 -9.00 -11.66 -34.54
N GLY B 160 -9.55 -12.87 -34.45
CA GLY B 160 -10.53 -13.20 -33.40
C GLY B 160 -11.98 -13.16 -33.85
N GLU B 161 -12.22 -13.60 -35.08
CA GLU B 161 -13.60 -13.85 -35.51
CA GLU B 161 -13.58 -13.80 -35.59
C GLU B 161 -13.62 -15.20 -36.20
N GLN B 162 -14.79 -15.82 -36.18
CA GLN B 162 -14.91 -17.16 -36.71
C GLN B 162 -14.59 -17.17 -38.21
N LEU B 163 -13.91 -18.26 -38.57
CA LEU B 163 -13.62 -18.50 -39.99
C LEU B 163 -14.71 -19.35 -40.63
N ASP B 164 -14.85 -19.19 -41.93
CA ASP B 164 -15.89 -19.91 -42.68
C ASP B 164 -15.31 -21.25 -43.12
N LEU B 165 -15.21 -22.16 -42.14
CA LEU B 165 -14.63 -23.48 -42.26
C LEU B 165 -15.66 -24.40 -41.61
N PRO B 166 -15.71 -25.66 -42.09
CA PRO B 166 -16.49 -26.70 -41.44
C PRO B 166 -15.80 -27.02 -40.13
N LEU B 167 -16.59 -27.56 -39.21
CA LEU B 167 -15.98 -27.99 -37.97
C LEU B 167 -14.93 -29.05 -38.21
N ARG B 168 -15.21 -30.05 -39.07
CA ARG B 168 -14.17 -31.03 -39.37
C ARG B 168 -14.04 -31.16 -40.88
N GLY B 169 -13.04 -31.91 -41.31
CA GLY B 169 -12.85 -32.15 -42.75
C GLY B 169 -11.65 -31.43 -43.35
N ASN B 170 -11.78 -31.04 -44.61
CA ASN B 170 -10.63 -30.45 -45.32
C ASN B 170 -11.28 -29.31 -46.07
N ALA B 171 -10.68 -28.12 -45.95
CA ALA B 171 -11.31 -26.93 -46.51
C ALA B 171 -10.31 -25.78 -46.42
N GLU B 172 -10.70 -24.65 -46.97
CA GLU B 172 -9.84 -23.46 -46.98
C GLU B 172 -10.73 -22.28 -46.65
N ALA B 173 -10.13 -21.26 -46.04
CA ALA B 173 -10.89 -20.03 -45.77
C ALA B 173 -9.92 -18.87 -45.73
N THR B 174 -10.46 -17.66 -45.86
CA THR B 174 -9.66 -16.44 -45.80
C THR B 174 -10.20 -15.50 -44.73
N CYS B 175 -9.33 -14.92 -43.91
CA CYS B 175 -9.77 -13.89 -42.99
C CYS B 175 -10.09 -12.63 -43.82
N PRO B 176 -11.29 -12.08 -43.70
CA PRO B 176 -11.61 -10.87 -44.47
C PRO B 176 -10.90 -9.61 -43.98
N HIS B 177 -10.39 -9.61 -42.74
CA HIS B 177 -9.74 -8.41 -42.23
C HIS B 177 -8.32 -8.26 -42.74
N THR B 178 -7.66 -9.39 -42.94
CA THR B 178 -6.23 -9.38 -43.29
C THR B 178 -5.95 -10.03 -44.66
N GLY B 179 -6.87 -10.85 -45.17
CA GLY B 179 -6.66 -11.65 -46.38
C GLY B 179 -5.80 -12.88 -46.13
N GLU B 180 -5.45 -13.14 -44.88
CA GLU B 180 -4.62 -14.33 -44.65
C GLU B 180 -5.41 -15.60 -44.84
N ARG B 181 -4.69 -16.59 -45.39
CA ARG B 181 -5.36 -17.82 -45.78
C ARG B 181 -5.13 -18.88 -44.70
N TYR B 182 -6.20 -19.64 -44.44
CA TYR B 182 -6.21 -20.77 -43.51
C TYR B 182 -6.53 -22.05 -44.25
N ILE B 183 -5.87 -23.12 -43.83
CA ILE B 183 -6.10 -24.42 -44.44
C ILE B 183 -6.50 -25.39 -43.35
N LEU B 184 -7.62 -26.07 -43.55
CA LEU B 184 -8.04 -27.13 -42.64
C LEU B 184 -7.65 -28.45 -43.32
N THR B 185 -6.78 -29.23 -42.68
CA THR B 185 -6.41 -30.54 -43.24
C THR B 185 -6.72 -31.55 -42.15
N ASP B 186 -7.67 -32.44 -42.42
CA ASP B 186 -7.97 -33.54 -41.51
C ASP B 186 -8.19 -32.94 -40.11
N GLY B 187 -9.01 -31.90 -40.06
CA GLY B 187 -9.43 -31.29 -38.79
C GLY B 187 -8.37 -30.53 -38.02
N VAL B 188 -7.27 -30.17 -38.68
CA VAL B 188 -6.20 -29.40 -38.05
C VAL B 188 -6.18 -28.12 -38.90
N CYS B 189 -6.33 -26.96 -38.26
CA CYS B 189 -6.32 -25.67 -38.94
C CYS B 189 -4.92 -25.06 -38.83
N ARG B 190 -4.40 -24.47 -39.90
CA ARG B 190 -3.15 -23.72 -39.86
C ARG B 190 -3.23 -22.50 -40.78
N LEU B 191 -2.33 -21.55 -40.54
CA LEU B 191 -2.07 -20.49 -41.50
C LEU B 191 -1.36 -21.07 -42.72
N ALA B 192 -1.86 -20.77 -43.91
CA ALA B 192 -1.32 -21.35 -45.14
C ALA B 192 0.08 -20.80 -45.33
N GLY C 1 16.76 -18.05 6.56
CA GLY C 1 15.30 -17.95 6.31
C GLY C 1 14.53 -18.58 7.45
N HIS C 2 13.20 -18.47 7.40
CA HIS C 2 12.38 -19.07 8.44
C HIS C 2 11.07 -19.50 7.79
N MET C 3 10.34 -20.37 8.48
CA MET C 3 9.03 -20.80 7.97
C MET C 3 8.07 -19.63 7.96
N ALA C 4 7.34 -19.50 6.85
CA ALA C 4 6.21 -18.58 6.76
C ALA C 4 5.16 -18.86 7.81
N THR C 5 4.60 -17.79 8.37
CA THR C 5 3.52 -17.89 9.34
C THR C 5 2.24 -17.25 8.83
N ILE C 6 2.10 -15.98 9.11
CA ILE C 6 1.01 -15.12 8.66
C ILE C 6 1.67 -13.97 7.96
N HIS C 7 1.37 -13.79 6.69
CA HIS C 7 2.04 -12.76 5.91
C HIS C 7 1.69 -11.42 6.55
N PRO C 8 2.67 -10.49 6.63
CA PRO C 8 2.35 -9.21 7.26
C PRO C 8 1.20 -8.41 6.69
N THR C 9 0.89 -8.64 5.41
CA THR C 9 -0.23 -7.97 4.78
C THR C 9 -1.59 -8.54 5.14
N ALA C 10 -1.60 -9.74 5.75
CA ALA C 10 -2.89 -10.26 6.15
C ALA C 10 -3.47 -9.47 7.30
N ILE C 11 -4.80 -9.48 7.41
CA ILE C 11 -5.52 -8.88 8.52
C ILE C 11 -6.30 -9.98 9.25
N VAL C 12 -5.88 -10.31 10.45
CA VAL C 12 -6.55 -11.30 11.28
C VAL C 12 -7.19 -10.56 12.45
N ASP C 13 -8.53 -10.48 12.45
CA ASP C 13 -9.25 -9.61 13.38
C ASP C 13 -9.17 -10.20 14.79
N GLU C 14 -9.16 -9.34 15.80
CA GLU C 14 -9.00 -9.77 17.17
C GLU C 14 -10.08 -10.77 17.51
N GLY C 15 -9.66 -11.86 18.16
CA GLY C 15 -10.60 -12.92 18.50
C GLY C 15 -10.48 -14.18 17.66
N ALA C 16 -9.94 -14.06 16.45
CA ALA C 16 -9.87 -15.24 15.59
C ALA C 16 -8.99 -16.30 16.23
N ARG C 17 -9.38 -17.58 16.15
CA ARG C 17 -8.58 -18.66 16.70
C ARG C 17 -7.92 -19.41 15.56
N ILE C 18 -6.60 -19.39 15.50
CA ILE C 18 -5.91 -20.08 14.42
C ILE C 18 -4.97 -21.12 15.03
N GLY C 19 -5.05 -22.36 14.60
CA GLY C 19 -4.25 -23.44 15.15
C GLY C 19 -2.79 -23.35 14.76
N ALA C 20 -1.96 -24.09 15.49
CA ALA C 20 -0.54 -24.11 15.23
C ALA C 20 -0.20 -24.56 13.82
N HIS C 21 0.90 -24.05 13.24
CA HIS C 21 1.48 -24.53 11.98
C HIS C 21 0.60 -24.20 10.78
N SER C 22 -0.34 -23.30 10.97
CA SER C 22 -1.18 -22.90 9.85
C SER C 22 -0.46 -21.74 9.17
N ARG C 23 -0.71 -21.59 7.87
CA ARG C 23 -0.02 -20.58 7.08
C ARG C 23 -1.08 -19.74 6.39
N ILE C 24 -0.97 -18.42 6.55
CA ILE C 24 -1.98 -17.47 6.09
CA ILE C 24 -1.97 -17.48 6.06
C ILE C 24 -1.22 -16.51 5.17
N TRP C 25 -1.60 -16.36 3.91
CA TRP C 25 -0.75 -15.70 2.94
C TRP C 25 -1.26 -14.29 2.67
N HIS C 26 -0.81 -13.73 1.54
CA HIS C 26 -0.89 -12.28 1.29
C HIS C 26 -2.31 -11.76 1.23
N TRP C 27 -2.62 -10.68 1.92
CA TRP C 27 -3.89 -9.97 1.83
C TRP C 27 -5.11 -10.88 2.06
N VAL C 28 -4.96 -11.75 3.06
CA VAL C 28 -6.05 -12.54 3.62
C VAL C 28 -6.73 -11.73 4.69
N HIS C 29 -8.05 -11.77 4.73
CA HIS C 29 -8.76 -11.19 5.86
C HIS C 29 -9.59 -12.26 6.55
N ILE C 30 -9.32 -12.47 7.85
CA ILE C 30 -10.05 -13.41 8.70
C ILE C 30 -10.80 -12.61 9.75
N CYS C 31 -12.12 -12.83 9.86
CA CYS C 31 -12.94 -12.14 10.86
C CYS C 31 -12.75 -12.75 12.25
N GLY C 32 -13.06 -11.94 13.27
CA GLY C 32 -12.82 -12.33 14.67
C GLY C 32 -13.51 -13.57 15.25
N GLY C 33 -14.64 -13.96 14.67
CA GLY C 33 -15.36 -15.14 15.14
C GLY C 33 -14.84 -16.47 14.64
N ALA C 34 -13.96 -16.44 13.65
CA ALA C 34 -13.57 -17.65 12.94
C ALA C 34 -12.74 -18.57 13.82
N GLU C 35 -12.86 -19.86 13.59
CA GLU C 35 -11.96 -20.85 14.17
C GLU C 35 -11.39 -21.66 13.05
N ILE C 36 -10.08 -21.83 13.06
CA ILE C 36 -9.27 -22.48 12.04
C ILE C 36 -8.29 -23.40 12.73
N GLY C 37 -8.19 -24.65 12.29
CA GLY C 37 -7.41 -25.67 12.98
C GLY C 37 -5.93 -25.57 12.66
N GLU C 38 -5.24 -26.68 12.89
CA GLU C 38 -3.79 -26.75 12.81
C GLU C 38 -3.42 -27.21 11.40
N GLY C 39 -2.30 -26.73 10.90
CA GLY C 39 -1.80 -27.22 9.62
C GLY C 39 -2.59 -26.79 8.39
N CYS C 40 -3.35 -25.70 8.54
CA CYS C 40 -4.16 -25.23 7.41
C CYS C 40 -3.31 -24.33 6.52
N SER C 41 -3.78 -24.09 5.30
CA SER C 41 -3.09 -23.13 4.43
C SER C 41 -4.18 -22.28 3.80
N LEU C 42 -4.04 -20.96 3.84
CA LEU C 42 -5.01 -20.02 3.25
C LEU C 42 -4.26 -19.15 2.27
N GLY C 43 -4.59 -19.27 0.99
CA GLY C 43 -3.88 -18.59 -0.09
C GLY C 43 -4.26 -17.10 -0.17
N GLN C 44 -3.61 -16.47 -1.15
CA GLN C 44 -3.79 -15.05 -1.44
C GLN C 44 -5.23 -14.60 -1.51
N ASN C 45 -5.61 -13.54 -0.80
CA ASN C 45 -6.95 -12.95 -0.89
C ASN C 45 -8.05 -13.88 -0.41
N VAL C 46 -7.72 -14.91 0.36
CA VAL C 46 -8.81 -15.60 1.06
C VAL C 46 -9.58 -14.64 1.95
N PHE C 47 -10.87 -14.87 2.13
CA PHE C 47 -11.68 -14.18 3.12
C PHE C 47 -12.31 -15.26 3.98
N VAL C 48 -12.38 -15.04 5.29
CA VAL C 48 -13.08 -15.93 6.21
C VAL C 48 -14.01 -15.14 7.11
N GLY C 49 -15.29 -15.50 7.12
CA GLY C 49 -16.28 -14.82 7.96
C GLY C 49 -16.20 -15.19 9.43
N ASN C 50 -17.18 -14.68 10.18
CA ASN C 50 -17.22 -14.94 11.61
C ASN C 50 -17.81 -16.28 11.96
N ARG C 51 -18.91 -16.67 11.32
CA ARG C 51 -19.64 -17.87 11.69
C ARG C 51 -19.07 -19.01 10.84
N VAL C 52 -17.81 -19.37 11.11
CA VAL C 52 -17.07 -20.32 10.26
C VAL C 52 -16.21 -21.18 11.19
N ARG C 53 -16.24 -22.49 10.97
CA ARG C 53 -15.26 -23.40 11.55
C ARG C 53 -14.55 -24.18 10.47
N ILE C 54 -13.23 -24.18 10.56
CA ILE C 54 -12.37 -24.88 9.59
C ILE C 54 -11.53 -25.81 10.42
N GLY C 55 -11.48 -27.07 10.02
CA GLY C 55 -10.73 -28.08 10.76
C GLY C 55 -9.23 -28.01 10.57
N ASN C 56 -8.58 -29.16 10.71
CA ASN C 56 -7.15 -29.31 10.57
C ASN C 56 -6.76 -29.75 9.16
N ARG C 57 -5.59 -29.28 8.73
CA ARG C 57 -5.04 -29.67 7.43
C ARG C 57 -6.01 -29.39 6.28
N VAL C 58 -6.70 -28.26 6.42
CA VAL C 58 -7.56 -27.74 5.35
C VAL C 58 -6.73 -26.82 4.46
N LYS C 59 -6.68 -27.10 3.15
CA LYS C 59 -5.86 -26.35 2.21
C LYS C 59 -6.81 -25.56 1.34
N ILE C 60 -6.73 -24.25 1.43
CA ILE C 60 -7.59 -23.32 0.73
C ILE C 60 -6.77 -22.51 -0.22
N GLN C 61 -7.02 -22.64 -1.51
CA GLN C 61 -6.22 -21.93 -2.51
C GLN C 61 -6.67 -20.48 -2.64
N ASN C 62 -5.98 -19.74 -3.50
CA ASN C 62 -6.23 -18.30 -3.64
C ASN C 62 -7.70 -18.00 -3.97
N ASN C 63 -8.17 -16.85 -3.49
CA ASN C 63 -9.42 -16.27 -3.92
C ASN C 63 -10.69 -17.07 -3.53
N VAL C 64 -10.62 -17.77 -2.41
CA VAL C 64 -11.80 -18.43 -1.85
C VAL C 64 -12.30 -17.62 -0.65
N SER C 65 -13.60 -17.32 -0.69
CA SER C 65 -14.26 -16.63 0.40
C SER C 65 -15.09 -17.63 1.20
N VAL C 66 -14.64 -17.93 2.41
CA VAL C 66 -15.34 -18.87 3.26
C VAL C 66 -16.30 -18.03 4.09
N TYR C 67 -17.53 -17.88 3.63
CA TYR C 67 -18.52 -16.99 4.22
C TYR C 67 -19.13 -17.63 5.47
N ASP C 68 -19.78 -16.75 6.22
CA ASP C 68 -20.61 -17.22 7.34
C ASP C 68 -21.45 -18.38 6.89
N ASN C 69 -21.49 -19.38 7.77
CA ASN C 69 -22.31 -20.59 7.66
C ASN C 69 -21.71 -21.68 6.80
N VAL C 70 -20.43 -21.51 6.43
CA VAL C 70 -19.65 -22.59 5.80
C VAL C 70 -18.76 -23.25 6.85
N PHE C 71 -18.78 -24.58 6.86
CA PHE C 71 -18.09 -25.40 7.86
C PHE C 71 -17.30 -26.45 7.14
N LEU C 72 -15.99 -26.44 7.36
CA LEU C 72 -15.07 -27.32 6.65
C LEU C 72 -14.39 -28.28 7.61
N GLU C 73 -14.61 -29.57 7.45
CA GLU C 73 -13.96 -30.59 8.27
C GLU C 73 -12.49 -30.76 7.88
N ASP C 74 -11.79 -31.56 8.67
CA ASP C 74 -10.38 -31.91 8.44
C ASP C 74 -10.17 -32.37 7.01
N ASP C 75 -9.02 -31.99 6.49
CA ASP C 75 -8.48 -32.53 5.24
C ASP C 75 -9.36 -32.10 4.05
N VAL C 76 -10.20 -31.08 4.18
CA VAL C 76 -10.89 -30.55 3.00
C VAL C 76 -9.92 -29.76 2.12
N PHE C 77 -10.15 -29.82 0.81
CA PHE C 77 -9.31 -29.10 -0.14
C PHE C 77 -10.22 -28.15 -0.89
N CYS C 78 -9.94 -26.86 -0.88
CA CYS C 78 -10.72 -25.89 -1.66
C CYS C 78 -9.81 -25.38 -2.77
N GLY C 79 -10.14 -25.74 -4.01
CA GLY C 79 -9.34 -25.34 -5.17
C GLY C 79 -9.37 -23.85 -5.46
N PRO C 80 -8.47 -23.41 -6.33
CA PRO C 80 -8.35 -21.97 -6.64
C PRO C 80 -9.65 -21.38 -7.08
N SER C 81 -10.06 -20.28 -6.45
CA SER C 81 -11.21 -19.46 -6.85
C SER C 81 -12.52 -20.26 -6.83
N MET C 82 -12.60 -21.34 -6.06
CA MET C 82 -13.93 -21.92 -5.86
C MET C 82 -14.76 -20.96 -4.99
N VAL C 83 -16.08 -21.16 -5.01
CA VAL C 83 -17.03 -20.20 -4.47
C VAL C 83 -18.10 -20.85 -3.61
N PHE C 84 -18.18 -20.39 -2.37
CA PHE C 84 -19.26 -20.72 -1.47
C PHE C 84 -20.25 -19.57 -1.50
N THR C 85 -21.44 -19.94 -1.01
CA THR C 85 -22.57 -19.03 -0.87
C THR C 85 -23.24 -19.19 0.49
N ASN C 86 -24.09 -18.22 0.87
CA ASN C 86 -24.89 -18.47 2.09
C ASN C 86 -26.34 -18.00 1.93
N VAL C 87 -26.70 -17.30 0.86
CA VAL C 87 -28.13 -17.00 0.61
C VAL C 87 -28.55 -17.67 -0.70
N TYR C 88 -29.66 -18.40 -0.68
CA TYR C 88 -30.09 -19.21 -1.84
C TYR C 88 -30.63 -18.33 -2.96
N ASN C 89 -31.39 -17.30 -2.58
CA ASN C 89 -32.13 -16.48 -3.52
C ASN C 89 -31.95 -15.00 -3.26
N PRO C 90 -30.71 -14.49 -3.39
CA PRO C 90 -30.45 -13.14 -2.93
C PRO C 90 -31.16 -12.09 -3.80
N ARG C 91 -31.57 -11.03 -3.10
CA ARG C 91 -32.12 -9.82 -3.72
C ARG C 91 -31.55 -8.67 -2.91
N ALA C 92 -30.88 -7.73 -3.58
CA ALA C 92 -30.25 -6.63 -2.84
C ALA C 92 -31.25 -5.88 -1.95
N ALA C 93 -32.48 -5.74 -2.41
CA ALA C 93 -33.48 -4.93 -1.69
C ALA C 93 -34.09 -5.68 -0.51
N ILE C 94 -33.77 -6.95 -0.34
CA ILE C 94 -34.36 -7.77 0.72
C ILE C 94 -33.23 -8.38 1.53
N GLU C 95 -32.86 -7.78 2.65
CA GLU C 95 -31.79 -8.33 3.46
C GLU C 95 -32.14 -9.73 3.96
N ARG C 96 -31.22 -10.68 3.78
CA ARG C 96 -31.49 -12.09 4.07
C ARG C 96 -30.49 -12.68 5.06
N LYS C 97 -29.97 -11.81 5.91
CA LYS C 97 -28.98 -12.26 6.89
C LYS C 97 -29.53 -13.25 7.89
N SER C 98 -30.85 -13.28 8.09
CA SER C 98 -31.50 -14.24 8.96
C SER C 98 -31.92 -15.51 8.25
N GLU C 99 -31.59 -15.61 6.96
CA GLU C 99 -31.99 -16.74 6.13
C GLU C 99 -30.80 -17.51 5.56
N TYR C 100 -29.62 -17.32 6.12
CA TYR C 100 -28.47 -18.10 5.65
C TYR C 100 -28.69 -19.60 5.72
N ARG C 101 -28.16 -20.32 4.73
CA ARG C 101 -28.24 -21.76 4.77
C ARG C 101 -26.80 -22.25 4.92
N ASP C 102 -26.66 -23.34 5.65
CA ASP C 102 -25.34 -23.89 5.95
C ASP C 102 -24.80 -24.65 4.75
N THR C 103 -23.47 -24.59 4.62
CA THR C 103 -22.76 -25.45 3.69
C THR C 103 -21.76 -26.24 4.50
N ILE C 104 -21.99 -27.54 4.60
CA ILE C 104 -21.09 -28.37 5.42
C ILE C 104 -20.31 -29.28 4.50
N VAL C 105 -18.98 -29.24 4.61
CA VAL C 105 -18.12 -30.02 3.75
C VAL C 105 -17.38 -30.99 4.66
N ARG C 106 -17.60 -32.28 4.47
CA ARG C 106 -17.09 -33.29 5.38
C ARG C 106 -15.68 -33.70 5.04
N GLN C 107 -15.08 -34.48 5.95
CA GLN C 107 -13.66 -34.77 5.93
C GLN C 107 -13.14 -35.22 4.59
N GLY C 108 -12.04 -34.64 4.14
CA GLY C 108 -11.34 -35.16 2.95
C GLY C 108 -11.97 -34.76 1.62
N ALA C 109 -13.12 -34.08 1.63
CA ALA C 109 -13.72 -33.70 0.34
C ALA C 109 -12.81 -32.76 -0.41
N THR C 110 -12.88 -32.84 -1.72
CA THR C 110 -12.11 -31.95 -2.61
C THR C 110 -13.07 -31.12 -3.45
N LEU C 111 -12.89 -29.80 -3.43
CA LEU C 111 -13.73 -28.92 -4.18
C LEU C 111 -12.87 -28.35 -5.29
N GLY C 112 -13.13 -28.75 -6.52
CA GLY C 112 -12.24 -28.35 -7.59
C GLY C 112 -12.18 -26.87 -7.89
N ALA C 113 -11.12 -26.49 -8.59
CA ALA C 113 -10.92 -25.13 -9.05
C ALA C 113 -12.18 -24.51 -9.64
N ASN C 114 -12.57 -23.32 -9.18
CA ASN C 114 -13.66 -22.57 -9.80
C ASN C 114 -15.00 -23.28 -9.78
N CYS C 115 -15.16 -24.26 -8.91
CA CYS C 115 -16.51 -24.78 -8.69
C CYS C 115 -17.33 -23.82 -7.83
N THR C 116 -18.63 -24.04 -7.71
CA THR C 116 -19.49 -23.17 -6.91
C THR C 116 -20.42 -24.13 -6.15
N VAL C 117 -20.67 -23.83 -4.89
CA VAL C 117 -21.56 -24.64 -4.08
C VAL C 117 -22.76 -23.79 -3.69
N VAL C 118 -23.95 -24.12 -4.16
CA VAL C 118 -25.18 -23.46 -3.71
C VAL C 118 -25.49 -23.89 -2.27
N CYS C 119 -25.59 -22.89 -1.39
CA CYS C 119 -25.79 -23.07 0.03
C CYS C 119 -26.94 -24.01 0.36
N GLY C 120 -26.75 -24.77 1.42
CA GLY C 120 -27.72 -25.80 1.83
C GLY C 120 -27.25 -27.21 1.53
N ALA C 121 -26.37 -27.34 0.54
CA ALA C 121 -25.89 -28.66 0.14
C ALA C 121 -24.88 -29.10 1.17
N THR C 122 -24.86 -30.41 1.39
CA THR C 122 -23.80 -31.04 2.17
C THR C 122 -22.93 -31.81 1.22
N ILE C 123 -21.62 -31.70 1.40
CA ILE C 123 -20.63 -32.36 0.58
CA ILE C 123 -20.68 -32.42 0.57
C ILE C 123 -20.02 -33.49 1.42
N GLY C 124 -20.18 -34.71 0.99
CA GLY C 124 -19.76 -35.88 1.78
C GLY C 124 -18.26 -36.13 1.90
N ARG C 125 -17.95 -37.05 2.80
CA ARG C 125 -16.55 -37.38 3.08
C ARG C 125 -15.89 -37.84 1.80
N TYR C 126 -14.73 -37.27 1.49
CA TYR C 126 -13.91 -37.70 0.34
C TYR C 126 -14.69 -37.53 -0.97
N ALA C 127 -15.76 -36.74 -1.01
CA ALA C 127 -16.36 -36.39 -2.31
C ALA C 127 -15.32 -35.68 -3.17
N PHE C 128 -15.62 -35.61 -4.46
CA PHE C 128 -14.70 -34.91 -5.37
C PHE C 128 -15.54 -34.12 -6.34
N VAL C 129 -15.50 -32.79 -6.25
CA VAL C 129 -16.27 -31.92 -7.13
C VAL C 129 -15.31 -31.45 -8.23
N GLY C 130 -15.57 -31.86 -9.47
CA GLY C 130 -14.71 -31.46 -10.59
C GLY C 130 -14.60 -29.95 -10.78
N ALA C 131 -13.49 -29.55 -11.42
CA ALA C 131 -13.25 -28.15 -11.73
C ALA C 131 -14.49 -27.56 -12.40
N GLY C 132 -14.86 -26.37 -11.92
CA GLY C 132 -15.96 -25.61 -12.54
C GLY C 132 -17.38 -26.13 -12.38
N ALA C 133 -17.57 -27.21 -11.62
CA ALA C 133 -18.92 -27.70 -11.45
C ALA C 133 -19.77 -26.75 -10.63
N VAL C 134 -21.08 -26.86 -10.70
CA VAL C 134 -21.98 -26.09 -9.84
C VAL C 134 -22.82 -27.07 -9.07
N VAL C 135 -22.53 -27.17 -7.78
CA VAL C 135 -23.22 -28.13 -6.93
C VAL C 135 -24.48 -27.51 -6.36
N ASN C 136 -25.63 -28.12 -6.64
CA ASN C 136 -26.90 -27.65 -6.09
C ASN C 136 -27.72 -28.79 -5.47
N LYS C 137 -27.05 -29.89 -5.13
CA LYS C 137 -27.71 -30.89 -4.30
C LYS C 137 -26.66 -31.62 -3.49
N ASP C 138 -27.11 -32.36 -2.49
CA ASP C 138 -26.13 -33.05 -1.63
C ASP C 138 -25.24 -33.97 -2.44
N VAL C 139 -23.97 -34.09 -2.04
CA VAL C 139 -23.01 -34.93 -2.71
C VAL C 139 -22.63 -36.07 -1.76
N PRO C 140 -22.90 -37.32 -2.14
CA PRO C 140 -22.65 -38.45 -1.22
C PRO C 140 -21.16 -38.59 -0.93
N ASP C 141 -20.85 -39.25 0.18
CA ASP C 141 -19.47 -39.62 0.47
C ASP C 141 -18.87 -40.32 -0.76
N PHE C 142 -17.66 -39.92 -1.15
CA PHE C 142 -16.89 -40.56 -2.22
C PHE C 142 -17.42 -40.22 -3.61
N ALA C 143 -18.50 -39.44 -3.74
CA ALA C 143 -19.01 -39.21 -5.08
C ALA C 143 -18.15 -38.27 -5.90
N LEU C 144 -17.96 -38.63 -7.16
CA LEU C 144 -17.28 -37.78 -8.14
C LEU C 144 -18.39 -37.11 -8.93
N VAL C 145 -18.50 -35.78 -8.84
CA VAL C 145 -19.54 -35.02 -9.50
C VAL C 145 -18.95 -33.98 -10.44
N VAL C 146 -19.52 -33.79 -11.63
CA VAL C 146 -19.00 -32.79 -12.57
C VAL C 146 -20.17 -32.11 -13.28
N GLY C 147 -19.93 -30.89 -13.80
CA GLY C 147 -20.96 -30.28 -14.68
C GLY C 147 -21.69 -29.12 -14.03
N VAL C 148 -22.48 -28.45 -14.85
CA VAL C 148 -23.34 -27.34 -14.46
C VAL C 148 -24.78 -27.67 -14.87
N PRO C 149 -25.61 -28.12 -13.93
CA PRO C 149 -25.32 -28.40 -12.54
C PRO C 149 -24.60 -29.75 -12.39
N ALA C 150 -24.07 -30.00 -11.22
CA ALA C 150 -23.21 -31.16 -11.04
C ALA C 150 -24.03 -32.46 -11.02
N ARG C 151 -23.52 -33.45 -11.73
CA ARG C 151 -24.10 -34.81 -11.73
CA ARG C 151 -24.09 -34.81 -11.74
C ARG C 151 -23.02 -35.81 -11.35
N GLN C 152 -23.42 -36.87 -10.66
CA GLN C 152 -22.44 -37.89 -10.28
C GLN C 152 -22.09 -38.78 -11.45
N ILE C 153 -20.79 -38.95 -11.68
CA ILE C 153 -20.32 -39.80 -12.76
C ILE C 153 -19.48 -40.96 -12.26
N GLY C 154 -19.15 -41.01 -10.98
CA GLY C 154 -18.30 -42.09 -10.48
C GLY C 154 -18.11 -41.94 -8.98
N TRP C 155 -17.13 -42.71 -8.49
CA TRP C 155 -16.75 -42.70 -7.08
C TRP C 155 -15.24 -42.53 -7.02
N MET C 156 -14.77 -41.69 -6.09
CA MET C 156 -13.36 -41.38 -5.99
C MET C 156 -12.87 -41.96 -4.66
N SER C 157 -11.77 -42.70 -4.73
CA SER C 157 -11.14 -43.19 -3.49
C SER C 157 -10.56 -42.06 -2.63
N ARG C 158 -10.23 -42.39 -1.38
CA ARG C 158 -9.51 -41.42 -0.54
C ARG C 158 -8.26 -40.93 -1.29
N HIS C 159 -7.52 -41.84 -1.93
CA HIS C 159 -6.31 -41.46 -2.67
C HIS C 159 -6.60 -40.41 -3.75
N GLY C 160 -7.79 -40.43 -4.34
CA GLY C 160 -8.19 -39.50 -5.38
C GLY C 160 -8.13 -40.04 -6.78
N GLU C 161 -8.49 -41.32 -6.97
CA GLU C 161 -8.66 -41.86 -8.33
CA GLU C 161 -8.65 -41.87 -8.32
C GLU C 161 -9.96 -42.66 -8.35
N GLN C 162 -10.58 -42.73 -9.52
CA GLN C 162 -11.87 -43.42 -9.57
C GLN C 162 -11.77 -44.89 -9.21
N LEU C 163 -12.83 -45.33 -8.50
CA LEU C 163 -12.95 -46.73 -8.12
C LEU C 163 -13.82 -47.46 -9.16
N ASP C 164 -13.50 -48.73 -9.37
CA ASP C 164 -14.33 -49.56 -10.28
C ASP C 164 -15.57 -50.05 -9.54
N LEU C 165 -16.52 -49.13 -9.37
CA LEU C 165 -17.76 -49.37 -8.66
C LEU C 165 -18.86 -48.79 -9.50
N PRO C 166 -19.99 -49.50 -9.62
CA PRO C 166 -21.09 -48.91 -10.35
C PRO C 166 -21.73 -47.79 -9.53
N LEU C 167 -22.54 -46.95 -10.15
CA LEU C 167 -23.25 -45.91 -9.44
C LEU C 167 -24.33 -46.42 -8.50
N ARG C 168 -25.04 -47.49 -8.90
CA ARG C 168 -26.12 -47.97 -8.06
C ARG C 168 -25.93 -49.45 -7.71
N GLY C 169 -26.72 -49.86 -6.71
CA GLY C 169 -26.77 -51.29 -6.35
C GLY C 169 -25.73 -51.60 -5.28
N ASN C 170 -25.37 -52.89 -5.27
CA ASN C 170 -24.40 -53.42 -4.31
C ASN C 170 -23.18 -53.83 -5.10
N ALA C 171 -22.01 -53.59 -4.51
CA ALA C 171 -20.76 -53.90 -5.18
C ALA C 171 -19.62 -53.70 -4.16
N GLU C 172 -18.43 -54.14 -4.57
CA GLU C 172 -17.21 -53.89 -3.79
C GLU C 172 -16.09 -53.48 -4.72
N ALA C 173 -15.11 -52.72 -4.23
CA ALA C 173 -13.93 -52.36 -5.03
C ALA C 173 -12.76 -52.16 -4.08
N THR C 174 -11.54 -52.19 -4.63
CA THR C 174 -10.32 -52.01 -3.86
C THR C 174 -9.51 -50.91 -4.54
N CYS C 175 -9.02 -49.97 -3.73
CA CYS C 175 -8.04 -49.02 -4.20
C CYS C 175 -6.71 -49.73 -4.47
N PRO C 176 -6.16 -49.55 -5.67
CA PRO C 176 -4.90 -50.28 -5.94
C PRO C 176 -3.67 -49.66 -5.31
N HIS C 177 -3.75 -48.42 -4.85
CA HIS C 177 -2.64 -47.73 -4.22
C HIS C 177 -2.42 -48.12 -2.80
N THR C 178 -3.51 -48.41 -2.09
CA THR C 178 -3.48 -48.64 -0.64
C THR C 178 -4.01 -50.04 -0.31
N GLY C 179 -4.74 -50.65 -1.25
CA GLY C 179 -5.52 -51.90 -1.03
C GLY C 179 -6.75 -51.69 -0.16
N GLU C 180 -7.11 -50.45 0.17
CA GLU C 180 -8.35 -50.13 0.95
C GLU C 180 -9.56 -50.66 0.21
N ARG C 181 -10.45 -51.30 0.97
CA ARG C 181 -11.64 -51.87 0.36
C ARG C 181 -12.84 -50.94 0.55
N TYR C 182 -13.68 -50.84 -0.47
CA TYR C 182 -14.87 -49.98 -0.46
C TYR C 182 -16.07 -50.91 -0.68
N ILE C 183 -17.18 -50.59 -0.03
CA ILE C 183 -18.43 -51.37 -0.18
C ILE C 183 -19.52 -50.40 -0.63
N LEU C 184 -20.24 -50.78 -1.67
CA LEU C 184 -21.44 -50.07 -2.10
C LEU C 184 -22.67 -50.85 -1.65
N THR C 185 -23.56 -50.13 -1.00
CA THR C 185 -24.79 -50.73 -0.45
C THR C 185 -25.92 -49.84 -0.95
N ASP C 186 -26.67 -50.41 -1.88
CA ASP C 186 -27.78 -49.68 -2.51
C ASP C 186 -27.38 -48.24 -2.87
N GLY C 187 -26.28 -48.15 -3.60
CA GLY C 187 -25.78 -46.88 -4.08
C GLY C 187 -25.11 -45.94 -3.11
N VAL C 188 -24.75 -46.40 -1.92
CA VAL C 188 -24.05 -45.60 -0.92
C VAL C 188 -22.70 -46.30 -0.72
N CYS C 189 -21.63 -45.54 -0.89
CA CYS C 189 -20.27 -46.04 -0.78
C CYS C 189 -19.67 -45.73 0.58
N ARG C 190 -19.03 -46.74 1.17
CA ARG C 190 -18.29 -46.57 2.41
C ARG C 190 -16.94 -47.31 2.31
N LEU C 191 -16.03 -46.85 3.15
CA LEU C 191 -14.79 -47.58 3.37
C LEU C 191 -15.10 -48.82 4.22
N ALA C 192 -14.49 -49.95 3.89
CA ALA C 192 -14.77 -51.19 4.60
C ALA C 192 -14.21 -51.10 5.99
N GLY D 1 11.20 35.90 41.83
CA GLY D 1 11.44 35.80 40.36
C GLY D 1 10.67 36.84 39.57
N HIS D 2 10.82 36.80 38.25
CA HIS D 2 10.14 37.77 37.37
C HIS D 2 9.92 37.11 36.02
N MET D 3 9.04 37.71 35.24
CA MET D 3 8.70 37.21 33.91
C MET D 3 9.93 37.31 33.00
N ALA D 4 10.18 36.24 32.25
CA ALA D 4 11.23 36.21 31.24
C ALA D 4 10.96 37.25 30.15
N THR D 5 12.02 37.89 29.66
CA THR D 5 11.92 38.82 28.54
C THR D 5 12.76 38.33 27.38
N ILE D 6 14.00 38.77 27.27
CA ILE D 6 14.88 38.41 26.18
C ILE D 6 16.09 37.83 26.87
N HIS D 7 16.39 36.58 26.58
CA HIS D 7 17.47 35.95 27.31
C HIS D 7 18.77 36.72 26.97
N PRO D 8 19.68 36.88 27.96
CA PRO D 8 20.92 37.60 27.64
C PRO D 8 21.80 37.06 26.51
N THR D 9 21.66 35.77 26.19
CA THR D 9 22.43 35.20 25.08
C THR D 9 21.86 35.44 23.68
N ALA D 10 20.60 35.91 23.63
CA ALA D 10 20.02 36.23 22.32
C ALA D 10 20.74 37.42 21.68
N ILE D 11 20.78 37.47 20.37
CA ILE D 11 21.35 38.57 19.58
C ILE D 11 20.22 39.15 18.74
N VAL D 12 19.80 40.36 19.08
CA VAL D 12 18.74 41.08 18.37
C VAL D 12 19.43 42.27 17.72
N ASP D 13 19.66 42.18 16.42
CA ASP D 13 20.43 43.19 15.70
C ASP D 13 19.68 44.52 15.72
N GLU D 14 20.46 45.60 15.75
CA GLU D 14 19.90 46.94 15.76
C GLU D 14 18.95 47.13 14.59
N GLY D 15 17.77 47.67 14.92
CA GLY D 15 16.77 47.95 13.90
C GLY D 15 15.61 46.98 13.99
N ALA D 16 15.79 45.81 14.59
CA ALA D 16 14.67 44.86 14.62
C ALA D 16 13.53 45.49 15.45
N ARG D 17 12.29 45.25 15.05
CA ARG D 17 11.14 45.70 15.84
C ARG D 17 10.45 44.53 16.50
N ILE D 18 10.38 44.52 17.82
CA ILE D 18 9.77 43.43 18.55
CA ILE D 18 9.76 43.43 18.54
C ILE D 18 8.68 44.02 19.44
N GLY D 19 7.47 43.48 19.30
CA GLY D 19 6.33 43.97 20.06
C GLY D 19 6.46 43.63 21.52
N ALA D 20 5.71 44.37 22.34
CA ALA D 20 5.73 44.21 23.77
C ALA D 20 5.31 42.80 24.19
N HIS D 21 5.87 42.39 25.33
CA HIS D 21 5.51 41.14 25.99
C HIS D 21 5.93 39.90 25.18
N SER D 22 6.84 40.07 24.24
CA SER D 22 7.27 38.87 23.51
C SER D 22 8.38 38.26 24.35
N ARG D 23 8.63 36.98 24.14
CA ARG D 23 9.67 36.27 24.90
C ARG D 23 10.63 35.67 23.90
N ILE D 24 11.91 35.99 24.04
CA ILE D 24 12.96 35.59 23.11
CA ILE D 24 12.93 35.53 23.12
C ILE D 24 13.98 34.77 23.90
N TRP D 25 14.20 33.51 23.55
CA TRP D 25 14.97 32.61 24.39
C TRP D 25 16.42 32.45 23.97
N HIS D 26 17.03 31.38 24.51
CA HIS D 26 18.49 31.24 24.46
C HIS D 26 19.05 31.16 23.06
N TRP D 27 20.10 31.92 22.76
CA TRP D 27 20.84 31.91 21.50
C TRP D 27 19.95 32.02 20.28
N VAL D 28 18.94 32.89 20.41
CA VAL D 28 18.19 33.34 19.24
C VAL D 28 18.93 34.39 18.48
N HIS D 29 18.90 34.43 17.16
CA HIS D 29 19.44 35.57 16.41
C HIS D 29 18.35 36.13 15.52
N ILE D 30 18.05 37.42 15.69
CA ILE D 30 17.06 38.12 14.89
C ILE D 30 17.77 39.24 14.13
N CYS D 31 17.61 39.30 12.81
CA CYS D 31 18.27 40.31 12.00
C CYS D 31 17.51 41.65 12.07
N GLY D 32 18.20 42.69 11.62
CA GLY D 32 17.75 44.08 11.86
C GLY D 32 16.50 44.51 11.13
N GLY D 33 16.18 43.86 10.03
CA GLY D 33 15.00 44.21 9.23
C GLY D 33 13.73 43.57 9.73
N ALA D 34 13.81 42.60 10.63
CA ALA D 34 12.62 41.87 11.02
C ALA D 34 11.62 42.74 11.78
N GLU D 35 10.34 42.40 11.65
CA GLU D 35 9.30 42.90 12.54
C GLU D 35 8.59 41.68 13.09
N ILE D 36 8.46 41.68 14.41
CA ILE D 36 7.84 40.65 15.20
C ILE D 36 6.79 41.29 16.12
N GLY D 37 5.57 40.75 16.15
CA GLY D 37 4.51 41.38 16.91
C GLY D 37 4.56 41.20 18.42
N GLU D 38 3.45 41.56 19.06
CA GLU D 38 3.30 41.44 20.50
C GLU D 38 2.99 40.01 20.96
N GLY D 39 3.51 39.63 22.12
CA GLY D 39 3.14 38.37 22.76
C GLY D 39 3.61 37.15 21.97
N CYS D 40 4.70 37.31 21.22
CA CYS D 40 5.24 36.15 20.50
C CYS D 40 6.19 35.41 21.45
N SER D 41 6.50 34.18 21.08
CA SER D 41 7.49 33.38 21.80
C SER D 41 8.43 32.77 20.80
N LEU D 42 9.74 32.97 20.94
CA LEU D 42 10.72 32.39 20.01
C LEU D 42 11.65 31.54 20.86
N GLY D 43 11.64 30.23 20.58
CA GLY D 43 12.46 29.28 21.34
C GLY D 43 13.93 29.27 21.02
N GLN D 44 14.61 28.33 21.70
CA GLN D 44 16.07 28.22 21.61
C GLN D 44 16.54 28.13 20.17
N ASN D 45 17.58 28.86 19.80
CA ASN D 45 18.22 28.77 18.51
C ASN D 45 17.34 29.16 17.34
N VAL D 46 16.21 29.83 17.59
CA VAL D 46 15.47 30.38 16.44
C VAL D 46 16.32 31.39 15.69
N PHE D 47 16.13 31.53 14.38
CA PHE D 47 16.80 32.51 13.55
C PHE D 47 15.69 33.25 12.82
N VAL D 48 15.82 34.57 12.70
CA VAL D 48 14.84 35.33 11.94
C VAL D 48 15.57 36.25 10.97
N GLY D 49 15.30 36.18 9.68
CA GLY D 49 15.95 37.00 8.67
C GLY D 49 15.47 38.45 8.68
N ASN D 50 15.99 39.20 7.73
CA ASN D 50 15.60 40.62 7.60
C ASN D 50 14.24 40.82 6.92
N ARG D 51 13.97 40.09 5.85
CA ARG D 51 12.76 40.31 5.05
C ARG D 51 11.63 39.41 5.55
N VAL D 52 11.23 39.74 6.79
CA VAL D 52 10.34 38.88 7.56
C VAL D 52 9.36 39.73 8.34
N ARG D 53 8.08 39.36 8.29
CA ARG D 53 7.14 39.87 9.25
C ARG D 53 6.47 38.70 9.94
N ILE D 54 6.44 38.79 11.25
CA ILE D 54 5.76 37.84 12.15
C ILE D 54 4.71 38.64 12.91
N GLY D 55 3.47 38.21 12.88
CA GLY D 55 2.39 38.93 13.57
C GLY D 55 2.38 38.79 15.09
N ASN D 56 1.19 38.88 15.68
CA ASN D 56 1.05 38.88 17.13
C ASN D 56 0.72 37.48 17.64
N ARG D 57 1.26 37.14 18.81
CA ARG D 57 0.91 35.90 19.51
C ARG D 57 1.31 34.67 18.69
N VAL D 58 2.40 34.81 17.95
CA VAL D 58 2.94 33.68 17.20
C VAL D 58 3.88 32.90 18.11
N LYS D 59 3.73 31.58 18.16
CA LYS D 59 4.55 30.72 19.01
C LYS D 59 5.45 29.88 18.13
N ILE D 60 6.75 30.10 18.28
CA ILE D 60 7.75 29.45 17.46
C ILE D 60 8.61 28.61 18.40
N GLN D 61 8.59 27.32 18.19
CA GLN D 61 9.39 26.40 19.02
C GLN D 61 10.87 26.38 18.63
N ASN D 62 11.67 25.61 19.38
CA ASN D 62 13.10 25.59 19.17
C ASN D 62 13.46 25.26 17.71
N ASN D 63 14.55 25.83 17.22
CA ASN D 63 15.25 25.38 16.01
C ASN D 63 14.46 25.64 14.73
N VAL D 64 13.67 26.71 14.74
CA VAL D 64 12.98 27.18 13.54
C VAL D 64 13.73 28.38 12.97
N SER D 65 14.07 28.31 11.70
CA SER D 65 14.70 29.42 10.98
C SER D 65 13.67 30.09 10.09
N VAL D 66 13.26 31.29 10.49
CA VAL D 66 12.29 32.07 9.74
C VAL D 66 13.08 32.90 8.74
N TYR D 67 13.31 32.37 7.56
CA TYR D 67 14.15 33.02 6.56
C TYR D 67 13.50 34.20 5.85
N ASP D 68 14.32 35.02 5.18
CA ASP D 68 13.77 36.03 4.29
C ASP D 68 12.67 35.43 3.42
N ASN D 69 11.60 36.20 3.28
CA ASN D 69 10.46 35.92 2.42
C ASN D 69 9.43 34.99 3.06
N VAL D 70 9.59 34.73 4.34
CA VAL D 70 8.57 34.05 5.13
C VAL D 70 7.76 35.07 5.93
N PHE D 71 6.44 34.95 5.88
CA PHE D 71 5.54 35.94 6.50
C PHE D 71 4.52 35.16 7.30
N LEU D 72 4.45 35.41 8.61
CA LEU D 72 3.61 34.61 9.51
C LEU D 72 2.54 35.54 10.09
N GLU D 73 1.27 35.21 9.89
CA GLU D 73 0.19 36.00 10.48
C GLU D 73 0.01 35.69 11.96
N ASP D 74 -0.87 36.45 12.58
CA ASP D 74 -1.20 36.33 14.00
C ASP D 74 -1.57 34.88 14.33
N ASP D 75 -1.19 34.43 15.51
CA ASP D 75 -1.65 33.15 16.07
C ASP D 75 -1.12 31.91 15.32
N VAL D 76 -0.10 32.09 14.48
CA VAL D 76 0.53 30.91 13.86
C VAL D 76 1.36 30.15 14.89
N PHE D 77 1.37 28.84 14.74
CA PHE D 77 2.16 27.97 15.61
C PHE D 77 3.21 27.25 14.77
N CYS D 78 4.49 27.42 15.06
CA CYS D 78 5.58 26.74 14.34
C CYS D 78 6.13 25.70 15.29
N GLY D 79 5.94 24.43 14.99
CA GLY D 79 6.34 23.37 15.87
C GLY D 79 7.85 23.17 15.90
N PRO D 80 8.30 22.35 16.87
CA PRO D 80 9.74 22.21 17.04
C PRO D 80 10.44 21.75 15.77
N SER D 81 11.50 22.44 15.39
CA SER D 81 12.36 22.07 14.26
C SER D 81 11.63 22.01 12.96
N MET D 82 10.49 22.69 12.83
CA MET D 82 9.96 22.83 11.48
C MET D 82 10.83 23.72 10.60
N VAL D 83 10.73 23.57 9.26
CA VAL D 83 11.71 24.12 8.34
C VAL D 83 11.03 24.90 7.23
N PHE D 84 11.34 26.19 7.13
CA PHE D 84 11.00 27.03 5.98
C PHE D 84 12.17 27.07 5.00
N THR D 85 11.83 27.43 3.77
CA THR D 85 12.77 27.61 2.67
C THR D 85 12.53 28.93 1.95
N ASN D 86 13.49 29.34 1.12
CA ASN D 86 13.19 30.49 0.25
C ASN D 86 13.68 30.32 -1.19
N VAL D 87 14.47 29.29 -1.49
CA VAL D 87 14.84 29.02 -2.87
C VAL D 87 14.32 27.63 -3.25
N TYR D 88 13.64 27.57 -4.38
CA TYR D 88 12.97 26.33 -4.77
C TYR D 88 13.96 25.25 -5.23
N ASN D 89 14.98 25.69 -5.96
CA ASN D 89 15.89 24.77 -6.67
C ASN D 89 17.33 25.21 -6.43
N PRO D 90 17.79 25.19 -5.18
CA PRO D 90 19.11 25.78 -4.92
C PRO D 90 20.26 24.97 -5.55
N ARG D 91 21.27 25.72 -6.01
CA ARG D 91 22.54 25.16 -6.45
C ARG D 91 23.61 26.08 -5.89
N ALA D 92 24.62 25.53 -5.21
CA ALA D 92 25.59 26.38 -4.52
C ALA D 92 26.32 27.27 -5.54
N ALA D 93 26.50 26.79 -6.78
CA ALA D 93 27.23 27.60 -7.77
C ALA D 93 26.47 28.78 -8.31
N ILE D 94 25.16 28.82 -8.12
CA ILE D 94 24.30 29.83 -8.70
C ILE D 94 23.60 30.59 -7.58
N GLU D 95 24.05 31.80 -7.26
CA GLU D 95 23.41 32.56 -6.21
C GLU D 95 22.00 32.92 -6.63
N ARG D 96 21.03 32.54 -5.79
CA ARG D 96 19.61 32.74 -6.16
C ARG D 96 18.89 33.66 -5.19
N LYS D 97 19.66 34.53 -4.53
CA LYS D 97 19.09 35.52 -3.64
C LYS D 97 18.06 36.41 -4.30
N SER D 98 18.10 36.58 -5.62
CA SER D 98 17.12 37.34 -6.37
C SER D 98 15.87 36.57 -6.81
N GLU D 99 15.84 35.27 -6.51
CA GLU D 99 14.77 34.37 -6.94
C GLU D 99 13.99 33.81 -5.75
N TYR D 100 14.11 34.43 -4.58
CA TYR D 100 13.35 33.92 -3.44
C TYR D 100 11.86 33.86 -3.75
N ARG D 101 11.21 32.81 -3.27
CA ARG D 101 9.75 32.69 -3.37
C ARG D 101 9.15 32.91 -1.98
N ASP D 102 7.97 33.51 -1.89
CA ASP D 102 7.39 33.82 -0.59
C ASP D 102 6.70 32.61 0.01
N THR D 103 6.72 32.53 1.34
CA THR D 103 5.93 31.55 2.06
C THR D 103 5.02 32.32 3.00
N ILE D 104 3.73 32.35 2.72
CA ILE D 104 2.80 33.13 3.55
C ILE D 104 1.97 32.14 4.36
N VAL D 105 1.97 32.32 5.68
CA VAL D 105 1.24 31.43 6.57
C VAL D 105 0.18 32.28 7.27
N ARG D 106 -1.07 31.92 6.99
CA ARG D 106 -2.21 32.73 7.44
C ARG D 106 -2.63 32.42 8.87
N GLN D 107 -3.46 33.31 9.41
CA GLN D 107 -3.78 33.31 10.83
C GLN D 107 -4.18 31.94 11.36
N GLY D 108 -3.57 31.57 12.47
CA GLY D 108 -3.97 30.40 13.24
C GLY D 108 -3.48 29.07 12.67
N ALA D 109 -2.78 29.09 11.53
CA ALA D 109 -2.25 27.85 11.00
C ALA D 109 -1.28 27.22 11.99
N THR D 110 -1.28 25.90 11.96
CA THR D 110 -0.37 25.06 12.77
C THR D 110 0.58 24.31 11.87
N LEU D 111 1.87 24.49 12.08
CA LEU D 111 2.92 23.81 11.31
C LEU D 111 3.52 22.79 12.24
N GLY D 112 3.24 21.50 12.05
CA GLY D 112 3.71 20.51 12.98
C GLY D 112 5.21 20.34 13.09
N ALA D 113 5.56 19.74 14.21
CA ALA D 113 6.96 19.40 14.48
C ALA D 113 7.62 18.76 13.28
N ASN D 114 8.76 19.31 12.89
CA ASN D 114 9.64 18.72 11.89
C ASN D 114 9.02 18.68 10.50
N CYS D 115 7.96 19.45 10.29
CA CYS D 115 7.48 19.59 8.92
C CYS D 115 8.38 20.50 8.09
N THR D 116 8.18 20.51 6.77
CA THR D 116 8.99 21.33 5.87
C THR D 116 8.06 22.00 4.87
N VAL D 117 8.27 23.28 4.58
CA VAL D 117 7.40 23.95 3.62
C VAL D 117 8.27 24.39 2.44
N VAL D 118 8.05 23.82 1.26
CA VAL D 118 8.72 24.30 0.05
C VAL D 118 8.19 25.68 -0.31
N CYS D 119 9.10 26.63 -0.51
CA CYS D 119 8.75 28.02 -0.74
C CYS D 119 7.84 28.20 -1.94
N GLY D 120 6.99 29.23 -1.83
CA GLY D 120 5.97 29.54 -2.81
C GLY D 120 4.60 29.06 -2.39
N ALA D 121 4.53 28.09 -1.48
CA ALA D 121 3.22 27.64 -1.00
C ALA D 121 2.62 28.68 -0.06
N THR D 122 1.30 28.79 -0.09
CA THR D 122 0.58 29.54 0.94
C THR D 122 -0.12 28.54 1.83
N ILE D 123 -0.09 28.81 3.13
CA ILE D 123 -0.76 27.93 4.07
C ILE D 123 -1.93 28.73 4.67
N GLY D 124 -3.12 28.18 4.49
CA GLY D 124 -4.32 28.94 4.83
C GLY D 124 -4.65 29.06 6.31
N ARG D 125 -5.65 29.89 6.58
CA ARG D 125 -6.07 30.14 7.96
C ARG D 125 -6.42 28.84 8.65
N TYR D 126 -5.85 28.61 9.83
CA TYR D 126 -6.20 27.43 10.64
C TYR D 126 -5.91 26.13 9.91
N ALA D 127 -5.06 26.16 8.89
CA ALA D 127 -4.55 24.88 8.38
C ALA D 127 -3.82 24.10 9.44
N PHE D 128 -3.69 22.80 9.23
CA PHE D 128 -2.91 22.02 10.20
C PHE D 128 -2.02 21.07 9.39
N VAL D 129 -0.72 21.30 9.48
CA VAL D 129 0.28 20.47 8.78
C VAL D 129 0.80 19.46 9.82
N GLY D 130 0.53 18.18 9.57
CA GLY D 130 0.98 17.14 10.49
C GLY D 130 2.47 17.07 10.70
N ALA D 131 2.83 16.52 11.85
CA ALA D 131 4.24 16.34 12.15
C ALA D 131 4.95 15.68 10.98
N GLY D 132 6.09 16.23 10.58
CA GLY D 132 6.93 15.61 9.57
C GLY D 132 6.48 15.76 8.14
N ALA D 133 5.35 16.41 7.88
CA ALA D 133 4.91 16.52 6.49
C ALA D 133 5.83 17.41 5.65
N VAL D 134 5.80 17.22 4.32
CA VAL D 134 6.54 18.09 3.41
C VAL D 134 5.51 18.77 2.53
N VAL D 135 5.28 20.04 2.80
CA VAL D 135 4.26 20.78 2.02
C VAL D 135 4.88 21.32 0.75
N ASN D 136 4.32 20.97 -0.42
CA ASN D 136 4.82 21.49 -1.69
C ASN D 136 3.67 21.97 -2.57
N LYS D 137 2.52 22.27 -1.97
CA LYS D 137 1.44 22.98 -2.66
C LYS D 137 0.62 23.74 -1.67
N ASP D 138 -0.18 24.65 -2.20
CA ASP D 138 -0.98 25.47 -1.30
C ASP D 138 -1.84 24.60 -0.41
N VAL D 139 -2.02 25.04 0.83
CA VAL D 139 -2.84 24.31 1.80
C VAL D 139 -4.06 25.20 2.08
N PRO D 140 -5.27 24.72 1.76
CA PRO D 140 -6.47 25.55 1.96
C PRO D 140 -6.73 25.88 3.43
N ASP D 141 -7.51 26.93 3.66
CA ASP D 141 -7.94 27.23 5.03
C ASP D 141 -8.55 25.97 5.67
N PHE D 142 -8.17 25.73 6.93
CA PHE D 142 -8.70 24.59 7.71
C PHE D 142 -8.25 23.21 7.20
N ALA D 143 -7.43 23.11 6.16
CA ALA D 143 -7.07 21.77 5.68
C ALA D 143 -6.08 21.07 6.59
N LEU D 144 -6.33 19.79 6.79
CA LEU D 144 -5.38 18.93 7.51
C LEU D 144 -4.61 18.16 6.47
N VAL D 145 -3.28 18.30 6.44
CA VAL D 145 -2.45 17.64 5.44
C VAL D 145 -1.36 16.86 6.18
N VAL D 146 -1.00 15.68 5.70
CA VAL D 146 0.05 14.84 6.28
C VAL D 146 0.79 14.17 5.13
N GLY D 147 2.02 13.74 5.40
CA GLY D 147 2.79 12.90 4.47
C GLY D 147 3.89 13.64 3.73
N VAL D 148 4.68 12.84 3.00
CA VAL D 148 5.80 13.35 2.19
C VAL D 148 5.57 12.86 0.76
N PRO D 149 5.06 13.71 -0.15
CA PRO D 149 4.64 15.09 0.12
C PRO D 149 3.26 15.11 0.79
N ALA D 150 2.91 16.29 1.31
CA ALA D 150 1.69 16.38 2.09
C ALA D 150 0.45 16.26 1.20
N ARG D 151 -0.53 15.49 1.67
CA ARG D 151 -1.82 15.41 0.99
C ARG D 151 -2.90 15.69 2.01
N GLN D 152 -4.02 16.24 1.54
CA GLN D 152 -5.11 16.60 2.44
C GLN D 152 -5.90 15.35 2.79
N ILE D 153 -6.09 15.11 4.08
CA ILE D 153 -6.86 13.99 4.58
C ILE D 153 -8.12 14.39 5.33
N GLY D 154 -8.30 15.68 5.59
CA GLY D 154 -9.49 16.13 6.32
C GLY D 154 -9.43 17.63 6.50
N TRP D 155 -10.17 18.06 7.50
CA TRP D 155 -10.26 19.47 7.85
C TRP D 155 -10.20 19.59 9.36
N MET D 156 -9.56 20.64 9.88
CA MET D 156 -9.41 20.87 11.32
C MET D 156 -10.14 22.17 11.71
N SER D 157 -10.94 22.07 12.75
CA SER D 157 -11.59 23.27 13.31
C SER D 157 -10.54 24.19 13.93
N ARG D 158 -10.95 25.44 14.18
CA ARG D 158 -10.07 26.34 14.90
C ARG D 158 -9.53 25.71 16.18
N HIS D 159 -10.40 25.00 16.90
CA HIS D 159 -10.00 24.44 18.17
C HIS D 159 -8.93 23.36 18.01
N GLY D 160 -8.90 22.74 16.84
CA GLY D 160 -7.88 21.71 16.61
C GLY D 160 -8.41 20.29 16.59
N GLU D 161 -9.67 20.08 16.19
CA GLU D 161 -10.20 18.73 16.00
C GLU D 161 -10.81 18.54 14.63
N GLN D 162 -10.77 17.30 14.14
CA GLN D 162 -11.25 17.10 12.80
C GLN D 162 -12.75 17.35 12.64
N LEU D 163 -13.09 17.94 11.50
CA LEU D 163 -14.47 18.19 11.09
C LEU D 163 -15.03 17.08 10.22
N ASP D 164 -16.29 16.75 10.46
CA ASP D 164 -16.96 15.73 9.64
C ASP D 164 -17.46 16.32 8.33
N LEU D 165 -16.54 16.64 7.44
CA LEU D 165 -16.78 17.30 6.16
C LEU D 165 -16.07 16.51 5.06
N PRO D 166 -16.70 16.37 3.89
CA PRO D 166 -15.98 15.73 2.79
C PRO D 166 -14.84 16.63 2.29
N LEU D 167 -13.93 16.06 1.51
CA LEU D 167 -12.86 16.85 0.96
C LEU D 167 -13.37 17.78 -0.11
N ARG D 168 -14.42 17.35 -0.80
CA ARG D 168 -14.86 18.04 -2.00
C ARG D 168 -16.37 18.32 -1.93
N GLY D 169 -16.79 19.30 -2.74
CA GLY D 169 -18.23 19.60 -2.83
C GLY D 169 -18.75 20.56 -1.78
N ASN D 170 -20.03 20.38 -1.45
CA ASN D 170 -20.75 21.31 -0.60
C ASN D 170 -21.21 20.55 0.64
N ALA D 171 -21.08 21.14 1.83
CA ALA D 171 -21.50 20.49 3.05
C ALA D 171 -21.45 21.47 4.20
N GLU D 172 -21.91 21.05 5.35
CA GLU D 172 -21.77 21.86 6.57
C GLU D 172 -21.40 20.90 7.69
N ALA D 173 -20.73 21.41 8.72
CA ALA D 173 -20.37 20.57 9.85
C ALA D 173 -20.14 21.49 11.03
N THR D 174 -20.18 20.93 12.23
CA THR D 174 -19.80 21.66 13.44
C THR D 174 -18.54 21.10 14.09
N CYS D 175 -17.80 22.00 14.73
CA CYS D 175 -16.65 21.58 15.53
C CYS D 175 -17.12 20.61 16.61
N PRO D 176 -16.48 19.43 16.71
CA PRO D 176 -16.96 18.45 17.68
C PRO D 176 -16.75 18.91 19.12
N HIS D 177 -15.87 19.87 19.32
CA HIS D 177 -15.63 20.41 20.63
C HIS D 177 -16.48 21.61 21.00
N THR D 178 -16.48 22.63 20.15
CA THR D 178 -17.12 23.90 20.44
C THR D 178 -18.51 24.04 19.82
N GLY D 179 -18.87 23.16 18.89
CA GLY D 179 -20.13 23.33 18.18
C GLY D 179 -20.20 24.37 17.07
N GLU D 180 -19.14 25.16 16.89
CA GLU D 180 -19.26 26.21 15.88
C GLU D 180 -19.37 25.64 14.47
N ARG D 181 -20.14 26.28 13.61
CA ARG D 181 -20.47 25.75 12.29
C ARG D 181 -19.46 26.21 11.22
N TYR D 182 -19.17 25.28 10.32
CA TYR D 182 -18.36 25.52 9.15
C TYR D 182 -19.17 25.20 7.91
N ILE D 183 -18.89 25.95 6.84
CA ILE D 183 -19.53 25.73 5.55
C ILE D 183 -18.47 25.33 4.55
N LEU D 184 -18.69 24.23 3.85
CA LEU D 184 -17.85 23.87 2.72
C LEU D 184 -18.59 24.20 1.43
N THR D 185 -17.96 25.00 0.58
CA THR D 185 -18.60 25.30 -0.70
C THR D 185 -17.55 25.05 -1.77
N ASP D 186 -17.89 24.12 -2.66
CA ASP D 186 -16.97 23.72 -3.72
C ASP D 186 -15.55 23.44 -3.19
N GLY D 187 -15.52 22.69 -2.09
CA GLY D 187 -14.22 22.28 -1.53
C GLY D 187 -13.41 23.33 -0.81
N VAL D 188 -14.01 24.48 -0.48
CA VAL D 188 -13.41 25.55 0.30
C VAL D 188 -14.19 25.66 1.60
N CYS D 189 -13.46 25.56 2.71
CA CYS D 189 -14.06 25.56 4.04
C CYS D 189 -13.95 26.95 4.67
N ARG D 190 -15.05 27.45 5.23
CA ARG D 190 -15.02 28.68 5.98
C ARG D 190 -15.86 28.56 7.25
N LEU D 191 -15.56 29.42 8.21
CA LEU D 191 -16.36 29.51 9.42
C LEU D 191 -17.66 30.25 9.07
N ALA D 192 -18.83 29.73 9.43
CA ALA D 192 -20.10 30.42 9.23
C ALA D 192 -20.20 31.64 10.15
N GLY E 1 45.39 36.65 0.82
CA GLY E 1 44.53 35.48 0.47
C GLY E 1 43.40 35.50 1.46
N HIS E 2 42.43 36.41 1.26
CA HIS E 2 41.76 36.99 2.41
C HIS E 2 40.95 36.06 3.29
N MET E 3 41.24 36.15 4.59
CA MET E 3 41.08 35.02 5.47
C MET E 3 39.58 34.83 5.72
N ALA E 4 39.23 33.59 6.04
CA ALA E 4 37.86 33.29 6.43
C ALA E 4 37.44 34.28 7.51
N THR E 5 36.18 34.73 7.44
CA THR E 5 35.61 35.52 8.51
C THR E 5 34.79 34.61 9.43
N ILE E 6 35.00 34.79 10.72
CA ILE E 6 34.47 33.88 11.73
C ILE E 6 33.69 34.73 12.71
N HIS E 7 32.39 34.49 12.84
CA HIS E 7 31.60 35.25 13.80
C HIS E 7 32.17 35.13 15.22
N PRO E 8 32.15 36.20 16.04
CA PRO E 8 32.77 36.08 17.35
C PRO E 8 32.15 35.03 18.25
N THR E 9 30.89 34.67 18.01
CA THR E 9 30.27 33.62 18.83
C THR E 9 30.60 32.19 18.39
N ALA E 10 31.27 32.04 17.26
CA ALA E 10 31.61 30.71 16.73
C ALA E 10 32.86 30.24 17.46
N ILE E 11 33.04 28.92 17.45
CA ILE E 11 34.22 28.31 18.09
C ILE E 11 34.89 27.42 17.08
N VAL E 12 36.06 27.83 16.63
CA VAL E 12 36.83 27.06 15.68
C VAL E 12 38.06 26.50 16.39
N ASP E 13 38.10 25.20 16.61
CA ASP E 13 39.12 24.60 17.47
C ASP E 13 40.46 24.64 16.72
N GLU E 14 41.54 24.75 17.50
CA GLU E 14 42.90 24.76 16.97
C GLU E 14 43.15 23.56 16.08
N GLY E 15 43.73 23.82 14.91
CA GLY E 15 43.99 22.80 13.90
C GLY E 15 43.09 22.90 12.69
N ALA E 16 41.91 23.50 12.86
CA ALA E 16 40.97 23.45 11.74
C ALA E 16 41.52 24.30 10.62
N ARG E 17 41.30 23.86 9.37
CA ARG E 17 41.72 24.60 8.19
C ARG E 17 40.46 25.11 7.48
N ILE E 18 40.37 26.42 7.28
CA ILE E 18 39.23 27.05 6.62
C ILE E 18 39.78 27.95 5.52
N GLY E 19 39.39 27.72 4.27
CA GLY E 19 39.94 28.52 3.18
C GLY E 19 39.47 29.95 3.07
N ALA E 20 40.25 30.66 2.28
CA ALA E 20 39.94 32.06 2.05
C ALA E 20 38.51 32.27 1.56
N HIS E 21 37.97 33.40 2.01
CA HIS E 21 36.69 33.91 1.53
C HIS E 21 35.50 33.16 2.16
N SER E 22 35.80 32.22 3.06
CA SER E 22 34.70 31.47 3.70
C SER E 22 34.09 32.31 4.80
N ARG E 23 32.84 32.03 5.16
CA ARG E 23 32.11 32.80 6.18
C ARG E 23 31.52 31.81 7.16
N ILE E 24 31.84 31.99 8.45
CA ILE E 24 31.36 31.10 9.51
C ILE E 24 30.49 31.94 10.44
N TRP E 25 29.23 31.55 10.60
CA TRP E 25 28.24 32.40 11.27
C TRP E 25 28.02 31.99 12.73
N HIS E 26 26.89 32.44 13.28
CA HIS E 26 26.73 32.47 14.73
C HIS E 26 26.72 31.09 15.39
N TRP E 27 27.46 30.91 16.48
CA TRP E 27 27.43 29.71 17.33
C TRP E 27 27.66 28.46 16.47
N VAL E 28 28.56 28.54 15.50
CA VAL E 28 29.09 27.35 14.78
C VAL E 28 30.22 26.74 15.60
N HIS E 29 30.33 25.43 15.68
CA HIS E 29 31.50 24.80 16.28
C HIS E 29 32.16 23.90 15.26
N ILE E 30 33.44 24.15 14.96
CA ILE E 30 34.20 23.37 14.00
C ILE E 30 35.36 22.70 14.75
N CYS E 31 35.48 21.39 14.62
CA CYS E 31 36.54 20.65 15.32
C CYS E 31 37.88 20.77 14.60
N GLY E 32 38.93 20.44 15.36
CA GLY E 32 40.27 20.78 14.87
C GLY E 32 40.81 19.98 13.69
N GLY E 33 40.20 18.84 13.41
CA GLY E 33 40.66 18.06 12.28
C GLY E 33 40.01 18.47 10.96
N ALA E 34 38.99 19.31 11.04
CA ALA E 34 38.20 19.62 9.85
C ALA E 34 39.01 20.36 8.78
N GLU E 35 38.73 20.07 7.51
CA GLU E 35 39.28 20.84 6.40
CA GLU E 35 39.28 20.83 6.39
C GLU E 35 38.14 21.39 5.57
N ILE E 36 38.09 22.72 5.42
CA ILE E 36 37.02 23.39 4.67
C ILE E 36 37.65 24.28 3.58
N GLY E 37 37.13 24.29 2.35
CA GLY E 37 37.80 25.05 1.28
C GLY E 37 37.44 26.53 1.25
N GLU E 38 37.63 27.12 0.08
CA GLU E 38 37.48 28.57 -0.14
C GLU E 38 36.04 28.89 -0.45
N GLY E 39 35.56 30.04 0.01
CA GLY E 39 34.25 30.52 -0.42
C GLY E 39 33.07 29.72 0.10
N CYS E 40 33.29 28.99 1.20
CA CYS E 40 32.17 28.25 1.83
C CYS E 40 31.36 29.16 2.73
N SER E 41 30.14 28.76 3.06
CA SER E 41 29.31 29.47 4.03
C SER E 41 28.74 28.45 5.00
N LEU E 42 28.89 28.68 6.30
CA LEU E 42 28.34 27.80 7.33
C LEU E 42 27.39 28.59 8.20
N GLY E 43 26.10 28.24 8.16
CA GLY E 43 25.11 29.03 8.90
C GLY E 43 25.04 28.77 10.37
N GLN E 44 24.07 29.40 11.02
CA GLN E 44 23.89 29.37 12.45
C GLN E 44 23.87 27.94 12.97
N ASN E 45 24.61 27.62 14.03
CA ASN E 45 24.56 26.35 14.76
C ASN E 45 25.05 25.18 13.90
N VAL E 46 25.76 25.43 12.80
CA VAL E 46 26.38 24.26 12.13
C VAL E 46 27.42 23.66 13.08
N PHE E 47 27.63 22.36 12.92
CA PHE E 47 28.67 21.62 13.64
C PHE E 47 29.49 20.91 12.61
N VAL E 48 30.82 20.88 12.74
CA VAL E 48 31.66 20.11 11.85
C VAL E 48 32.63 19.28 12.67
N GLY E 49 32.68 17.98 12.38
CA GLY E 49 33.56 17.07 13.13
C GLY E 49 35.00 17.12 12.65
N ASN E 50 35.80 16.23 13.22
CA ASN E 50 37.21 16.12 12.81
C ASN E 50 37.48 15.45 11.48
N ARG E 51 36.89 14.31 11.20
CA ARG E 51 37.22 13.52 10.00
C ARG E 51 36.29 13.98 8.89
N VAL E 52 36.45 15.25 8.51
CA VAL E 52 35.51 15.89 7.58
C VAL E 52 36.33 16.64 6.55
N ARG E 53 36.02 16.47 5.27
CA ARG E 53 36.58 17.34 4.23
C ARG E 53 35.42 17.96 3.47
N ILE E 54 35.46 19.28 3.35
CA ILE E 54 34.46 20.08 2.63
C ILE E 54 35.25 20.90 1.59
N GLY E 55 34.79 20.83 0.35
CA GLY E 55 35.47 21.47 -0.80
C GLY E 55 35.26 22.98 -0.82
N ASN E 56 35.34 23.53 -2.03
CA ASN E 56 35.14 24.96 -2.27
C ASN E 56 33.69 25.32 -2.59
N ARG E 57 33.25 26.47 -2.12
CA ARG E 57 31.96 27.06 -2.51
C ARG E 57 30.86 26.09 -2.07
N VAL E 58 31.09 25.46 -0.93
CA VAL E 58 30.01 24.66 -0.31
C VAL E 58 29.17 25.56 0.58
N LYS E 59 27.86 25.58 0.37
CA LYS E 59 26.97 26.41 1.18
C LYS E 59 26.14 25.54 2.10
N ILE E 60 26.32 25.74 3.40
CA ILE E 60 25.68 24.91 4.41
C ILE E 60 24.78 25.84 5.20
N GLN E 61 23.48 25.59 5.15
CA GLN E 61 22.50 26.37 5.85
C GLN E 61 22.44 26.02 7.34
N ASN E 62 21.61 26.75 8.08
CA ASN E 62 21.53 26.59 9.56
C ASN E 62 21.27 25.14 9.95
N ASN E 63 21.81 24.76 11.11
CA ASN E 63 21.39 23.52 11.79
C ASN E 63 21.82 22.25 11.08
N VAL E 64 22.90 22.31 10.30
CA VAL E 64 23.49 21.12 9.68
C VAL E 64 24.72 20.66 10.48
N SER E 65 24.71 19.39 10.89
CA SER E 65 25.85 18.75 11.55
C SER E 65 26.61 17.86 10.60
N VAL E 66 27.82 18.27 10.22
CA VAL E 66 28.62 17.52 9.24
C VAL E 66 29.53 16.65 10.09
N TYR E 67 29.12 15.42 10.33
CA TYR E 67 29.83 14.50 11.20
C TYR E 67 31.04 13.84 10.55
N ASP E 68 31.85 13.27 11.44
CA ASP E 68 32.98 12.43 10.98
C ASP E 68 32.50 11.48 9.88
N ASN E 69 33.29 11.38 8.83
CA ASN E 69 33.16 10.48 7.68
C ASN E 69 32.23 11.02 6.62
N VAL E 70 31.84 12.28 6.74
CA VAL E 70 31.13 12.98 5.66
C VAL E 70 32.15 13.77 4.80
N PHE E 71 32.05 13.62 3.48
CA PHE E 71 32.96 14.28 2.53
C PHE E 71 32.08 15.03 1.54
N LEU E 72 32.25 16.35 1.47
CA LEU E 72 31.46 17.17 0.53
C LEU E 72 32.41 17.75 -0.50
N GLU E 73 32.16 17.43 -1.75
CA GLU E 73 32.95 18.01 -2.86
C GLU E 73 32.55 19.45 -3.14
N ASP E 74 33.18 20.07 -4.15
CA ASP E 74 32.96 21.49 -4.39
C ASP E 74 31.51 21.70 -4.79
N ASP E 75 30.98 22.88 -4.48
CA ASP E 75 29.69 23.35 -5.03
C ASP E 75 28.50 22.56 -4.51
N VAL E 76 28.69 21.87 -3.39
CA VAL E 76 27.58 21.16 -2.75
C VAL E 76 26.76 22.16 -1.94
N PHE E 77 25.45 21.91 -1.96
CA PHE E 77 24.50 22.74 -1.20
C PHE E 77 23.81 21.89 -0.15
N CYS E 78 23.94 22.28 1.11
CA CYS E 78 23.24 21.59 2.20
C CYS E 78 22.16 22.50 2.72
N GLY E 79 20.92 22.09 2.48
CA GLY E 79 19.78 22.96 2.87
C GLY E 79 19.53 22.96 4.36
N PRO E 80 18.65 23.89 4.78
CA PRO E 80 18.44 24.11 6.21
C PRO E 80 18.06 22.84 6.90
N SER E 81 18.74 22.53 8.01
CA SER E 81 18.38 21.43 8.93
C SER E 81 18.46 20.08 8.21
N MET E 82 19.19 19.96 7.11
CA MET E 82 19.37 18.59 6.59
C MET E 82 20.31 17.84 7.52
N VAL E 83 20.27 16.50 7.41
CA VAL E 83 20.89 15.66 8.47
C VAL E 83 21.76 14.58 7.86
N PHE E 84 23.03 14.56 8.25
CA PHE E 84 23.95 13.47 7.93
C PHE E 84 24.03 12.55 9.15
N THR E 85 24.53 11.33 8.88
CA THR E 85 24.74 10.29 9.87
C THR E 85 26.11 9.65 9.67
N ASN E 86 26.57 8.90 10.67
CA ASN E 86 27.76 8.09 10.45
C ASN E 86 27.68 6.69 11.03
N VAL E 87 26.68 6.38 11.85
CA VAL E 87 26.51 5.00 12.28
C VAL E 87 25.17 4.50 11.74
N TYR E 88 25.23 3.38 11.02
CA TYR E 88 24.04 2.79 10.39
C TYR E 88 22.99 2.30 11.38
N ASN E 89 23.47 1.68 12.44
CA ASN E 89 22.61 0.97 13.39
C ASN E 89 22.96 1.29 14.83
N PRO E 90 22.80 2.56 15.24
CA PRO E 90 23.30 2.91 16.55
C PRO E 90 22.54 2.26 17.69
N ARG E 91 23.30 1.95 18.74
CA ARG E 91 22.76 1.46 20.02
C ARG E 91 23.62 2.14 21.08
N ALA E 92 23.00 2.83 22.02
CA ALA E 92 23.78 3.63 23.01
C ALA E 92 24.71 2.71 23.79
N ALA E 93 24.33 1.46 23.98
CA ALA E 93 25.15 0.54 24.82
C ALA E 93 26.41 0.11 24.09
N ILE E 94 26.46 0.28 22.77
CA ILE E 94 27.55 -0.32 21.97
C ILE E 94 28.25 0.86 21.27
N GLU E 95 29.44 1.29 21.73
CA GLU E 95 30.17 2.34 21.04
CA GLU E 95 30.12 2.36 21.05
C GLU E 95 30.55 1.93 19.64
N ARG E 96 30.13 2.67 18.62
CA ARG E 96 30.36 2.26 17.24
C ARG E 96 31.23 3.25 16.47
N LYS E 97 32.02 4.00 17.24
CA LYS E 97 32.96 4.99 16.70
C LYS E 97 33.95 4.35 15.73
N SER E 98 34.25 3.04 15.84
CA SER E 98 35.08 2.37 14.88
C SER E 98 34.39 1.84 13.63
N GLU E 99 33.07 2.00 13.56
CA GLU E 99 32.25 1.40 12.51
C GLU E 99 31.57 2.46 11.65
N TYR E 100 32.08 3.69 11.71
CA TYR E 100 31.49 4.74 10.89
C TYR E 100 31.52 4.38 9.40
N ARG E 101 30.45 4.72 8.70
CA ARG E 101 30.36 4.53 7.25
C ARG E 101 30.46 5.91 6.57
N ASP E 102 31.09 5.97 5.41
CA ASP E 102 31.31 7.22 4.68
C ASP E 102 30.01 7.67 4.02
N THR E 103 29.84 8.99 3.98
CA THR E 103 28.84 9.61 3.12
C THR E 103 29.60 10.55 2.21
N ILE E 104 29.54 10.25 0.93
CA ILE E 104 30.28 11.07 -0.05
C ILE E 104 29.27 11.84 -0.90
N VAL E 105 29.38 13.17 -0.94
CA VAL E 105 28.44 13.98 -1.71
C VAL E 105 29.31 14.63 -2.81
N ARG E 106 29.03 14.25 -4.04
CA ARG E 106 29.82 14.69 -5.18
C ARG E 106 29.45 16.09 -5.67
N GLN E 107 30.36 16.66 -6.49
CA GLN E 107 30.31 18.05 -6.89
C GLN E 107 28.93 18.50 -7.36
N GLY E 108 28.49 19.63 -6.83
CA GLY E 108 27.29 20.30 -7.33
C GLY E 108 26.02 19.65 -6.80
N ALA E 109 26.05 18.53 -6.10
CA ALA E 109 24.83 17.97 -5.55
C ALA E 109 24.12 18.94 -4.59
N THR E 110 22.80 18.87 -4.54
CA THR E 110 21.95 19.68 -3.68
C THR E 110 21.18 18.74 -2.76
N LEU E 111 21.30 19.04 -1.46
CA LEU E 111 20.64 18.28 -0.42
C LEU E 111 19.55 19.18 0.13
N GLY E 112 18.30 18.87 -0.17
CA GLY E 112 17.19 19.72 0.22
C GLY E 112 16.98 19.87 1.71
N ALA E 113 16.28 20.96 2.01
CA ALA E 113 15.95 21.28 3.39
C ALA E 113 15.38 20.05 4.10
N ASN E 114 15.92 19.72 5.27
CA ASN E 114 15.36 18.72 6.17
C ASN E 114 15.42 17.31 5.57
N CYS E 115 16.22 17.12 4.52
CA CYS E 115 16.48 15.73 4.10
C CYS E 115 17.43 15.02 5.08
N THR E 116 17.55 13.70 4.94
CA THR E 116 18.39 12.91 5.80
C THR E 116 19.11 11.93 4.90
N VAL E 117 20.39 11.69 5.17
CA VAL E 117 21.16 10.72 4.39
C VAL E 117 21.67 9.62 5.32
N VAL E 118 21.24 8.39 5.08
CA VAL E 118 21.76 7.25 5.82
C VAL E 118 23.21 7.00 5.36
N CYS E 119 24.12 6.91 6.33
CA CYS E 119 25.53 6.73 6.03
C CYS E 119 25.79 5.50 5.17
N GLY E 120 26.81 5.65 4.33
CA GLY E 120 27.19 4.61 3.38
C GLY E 120 26.79 5.02 1.97
N ALA E 121 25.82 5.92 1.81
CA ALA E 121 25.40 6.32 0.46
C ALA E 121 26.38 7.29 -0.17
N THR E 122 26.49 7.22 -1.49
CA THR E 122 27.18 8.21 -2.32
C THR E 122 26.10 8.99 -3.06
N ILE E 123 26.16 10.32 -3.01
CA ILE E 123 25.24 11.21 -3.71
C ILE E 123 25.99 11.75 -4.92
N GLY E 124 25.47 11.46 -6.12
CA GLY E 124 26.20 11.75 -7.36
C GLY E 124 26.26 13.23 -7.73
N ARG E 125 27.14 13.52 -8.71
CA ARG E 125 27.36 14.90 -9.16
C ARG E 125 26.04 15.54 -9.57
N TYR E 126 25.75 16.72 -9.04
CA TYR E 126 24.58 17.51 -9.46
C TYR E 126 23.29 16.73 -9.23
N ALA E 127 23.31 15.72 -8.37
CA ALA E 127 22.04 15.14 -7.91
C ALA E 127 21.21 16.19 -7.17
N PHE E 128 19.93 15.90 -6.96
CA PHE E 128 19.07 16.84 -6.26
C PHE E 128 18.16 16.00 -5.37
N VAL E 129 18.37 16.12 -4.07
CA VAL E 129 17.57 15.41 -3.05
C VAL E 129 16.48 16.37 -2.60
N GLY E 130 15.23 16.04 -2.88
CA GLY E 130 14.17 16.97 -2.54
C GLY E 130 14.03 17.17 -1.04
N ALA E 131 13.40 18.29 -0.69
CA ALA E 131 13.20 18.61 0.72
C ALA E 131 12.53 17.44 1.44
N GLY E 132 13.07 17.11 2.61
CA GLY E 132 12.45 16.09 3.45
C GLY E 132 12.72 14.68 3.02
N ALA E 133 13.45 14.41 1.94
CA ALA E 133 13.65 13.02 1.53
C ALA E 133 14.54 12.27 2.51
N VAL E 134 14.46 10.94 2.55
CA VAL E 134 15.40 10.14 3.35
C VAL E 134 16.15 9.23 2.41
N VAL E 135 17.42 9.52 2.17
CA VAL E 135 18.20 8.77 1.18
C VAL E 135 18.84 7.57 1.89
N ASN E 136 18.57 6.39 1.38
CA ASN E 136 19.17 5.17 1.91
C ASN E 136 19.76 4.28 0.83
N LYS E 137 20.07 4.87 -0.32
CA LYS E 137 20.78 4.16 -1.39
C LYS E 137 21.52 5.19 -2.21
N ASP E 138 22.50 4.73 -2.96
CA ASP E 138 23.26 5.67 -3.80
C ASP E 138 22.29 6.45 -4.70
N VAL E 139 22.62 7.71 -4.94
CA VAL E 139 21.83 8.58 -5.80
C VAL E 139 22.69 8.83 -7.06
N PRO E 140 22.21 8.43 -8.24
CA PRO E 140 23.01 8.64 -9.45
C PRO E 140 23.32 10.11 -9.74
N ASP E 141 24.40 10.38 -10.49
CA ASP E 141 24.66 11.73 -11.00
C ASP E 141 23.38 12.31 -11.64
N PHE E 142 23.07 13.56 -11.32
CA PHE E 142 21.91 14.25 -11.92
C PHE E 142 20.55 13.70 -11.48
N ALA E 143 20.49 12.68 -10.63
CA ALA E 143 19.18 12.18 -10.21
C ALA E 143 18.40 13.12 -9.30
N LEU E 144 17.11 13.28 -9.61
CA LEU E 144 16.16 13.95 -8.71
C LEU E 144 15.46 12.87 -7.93
N VAL E 145 15.63 12.90 -6.61
CA VAL E 145 15.02 11.89 -5.73
C VAL E 145 14.17 12.54 -4.67
N VAL E 146 13.01 11.95 -4.34
CA VAL E 146 12.12 12.48 -3.33
C VAL E 146 11.51 11.34 -2.53
N GLY E 147 11.07 11.65 -1.31
CA GLY E 147 10.27 10.67 -0.55
C GLY E 147 11.02 10.02 0.61
N VAL E 148 10.23 9.28 1.40
CA VAL E 148 10.74 8.50 2.52
C VAL E 148 10.41 7.01 2.29
N PRO E 149 11.37 6.17 1.87
CA PRO E 149 12.73 6.50 1.47
C PRO E 149 12.73 7.10 0.09
N ALA E 150 13.87 7.68 -0.29
CA ALA E 150 13.91 8.44 -1.52
C ALA E 150 13.89 7.52 -2.74
N ARG E 151 13.13 7.97 -3.74
CA ARG E 151 12.98 7.25 -5.02
C ARG E 151 13.24 8.27 -6.13
N GLN E 152 13.82 7.82 -7.24
CA GLN E 152 14.13 8.75 -8.32
C GLN E 152 12.87 9.04 -9.14
N ILE E 153 12.60 10.30 -9.37
CA ILE E 153 11.45 10.72 -10.18
C ILE E 153 11.87 11.46 -11.45
N GLY E 154 13.14 11.80 -11.60
CA GLY E 154 13.55 12.56 -12.78
C GLY E 154 15.04 12.79 -12.77
N TRP E 155 15.46 13.70 -13.65
CA TRP E 155 16.87 14.09 -13.79
C TRP E 155 16.93 15.62 -13.77
N MET E 156 17.93 16.16 -13.08
CA MET E 156 18.12 17.60 -12.95
C MET E 156 19.39 18.03 -13.64
N SER E 157 19.28 19.10 -14.43
CA SER E 157 20.44 19.72 -15.00
C SER E 157 21.34 20.37 -13.95
N ARG E 158 22.57 20.68 -14.34
CA ARG E 158 23.42 21.51 -13.47
C ARG E 158 22.70 22.75 -12.98
N HIS E 159 21.97 23.42 -13.86
CA HIS E 159 21.25 24.66 -13.56
C HIS E 159 20.22 24.41 -12.47
N GLY E 160 19.66 23.20 -12.38
CA GLY E 160 18.68 22.85 -11.33
C GLY E 160 17.24 22.90 -11.80
N GLU E 161 17.00 22.46 -13.04
CA GLU E 161 15.66 22.30 -13.56
CA GLU E 161 15.64 22.27 -13.51
C GLU E 161 15.60 20.91 -14.18
N GLN E 162 14.44 20.26 -14.14
CA GLN E 162 14.36 18.93 -14.71
C GLN E 162 14.65 18.92 -16.21
N LEU E 163 15.31 17.84 -16.60
CA LEU E 163 15.59 17.60 -18.02
C LEU E 163 14.53 16.69 -18.60
N ASP E 164 14.29 16.85 -19.89
CA ASP E 164 13.31 16.01 -20.59
C ASP E 164 13.97 14.70 -21.03
N LEU E 165 14.13 13.80 -20.07
CA LEU E 165 14.77 12.50 -20.21
C LEU E 165 13.89 11.52 -19.48
N PRO E 166 13.74 10.30 -20.01
CA PRO E 166 13.07 9.25 -19.27
C PRO E 166 13.91 8.74 -18.09
N LEU E 167 13.34 7.99 -17.16
CA LEU E 167 14.12 7.41 -16.05
C LEU E 167 15.14 6.36 -16.47
N ARG E 168 14.75 5.54 -17.45
CA ARG E 168 15.58 4.42 -17.88
C ARG E 168 15.77 4.43 -19.38
N GLY E 169 16.72 3.64 -19.86
CA GLY E 169 16.92 3.49 -21.30
C GLY E 169 17.93 4.51 -21.79
N ASN E 170 17.77 4.90 -23.04
CA ASN E 170 18.77 5.70 -23.74
C ASN E 170 18.01 6.89 -24.28
N ALA E 171 18.61 8.07 -24.14
CA ALA E 171 17.93 9.28 -24.61
C ALA E 171 18.96 10.41 -24.56
N GLU E 172 18.54 11.57 -25.03
CA GLU E 172 19.38 12.78 -25.03
C GLU E 172 18.47 13.94 -24.67
N ALA E 173 19.07 14.95 -24.03
CA ALA E 173 18.36 16.18 -23.75
C ALA E 173 19.33 17.35 -23.68
N THR E 174 18.78 18.55 -23.79
CA THR E 174 19.61 19.76 -23.78
C THR E 174 19.06 20.68 -22.70
N CYS E 175 19.92 21.24 -21.85
CA CYS E 175 19.47 22.29 -20.95
C CYS E 175 19.12 23.55 -21.73
N PRO E 176 17.91 24.09 -21.58
CA PRO E 176 17.57 25.29 -22.35
C PRO E 176 18.30 26.54 -21.85
N HIS E 177 18.87 26.52 -20.64
CA HIS E 177 19.48 27.72 -20.09
C HIS E 177 20.89 27.89 -20.60
N THR E 178 21.57 26.77 -20.83
CA THR E 178 23.00 26.79 -21.16
C THR E 178 23.32 26.13 -22.50
N GLY E 179 22.39 25.35 -23.05
CA GLY E 179 22.64 24.44 -24.18
C GLY E 179 23.52 23.23 -23.91
N GLU E 180 23.88 22.99 -22.65
CA GLU E 180 24.59 21.77 -22.24
C GLU E 180 23.80 20.54 -22.69
N ARG E 181 24.52 19.57 -23.26
CA ARG E 181 23.87 18.37 -23.80
C ARG E 181 24.08 17.29 -22.73
N TYR E 182 23.02 16.56 -22.44
CA TYR E 182 23.00 15.42 -21.52
C TYR E 182 22.71 14.12 -22.27
N ILE E 183 23.40 13.04 -21.91
CA ILE E 183 23.15 11.77 -22.59
C ILE E 183 22.75 10.77 -21.52
N LEU E 184 21.64 10.07 -21.73
CA LEU E 184 21.23 8.94 -20.89
C LEU E 184 21.59 7.65 -21.60
N THR E 185 22.41 6.83 -20.96
CA THR E 185 22.83 5.55 -21.58
C THR E 185 22.53 4.51 -20.50
N ASP E 186 21.60 3.61 -20.82
CA ASP E 186 21.27 2.55 -19.88
C ASP E 186 20.93 3.09 -18.49
N GLY E 187 20.15 4.16 -18.52
CA GLY E 187 19.66 4.74 -17.27
C GLY E 187 20.67 5.50 -16.44
N VAL E 188 21.81 5.83 -17.05
CA VAL E 188 22.82 6.62 -16.35
C VAL E 188 22.99 7.92 -17.15
N CYS E 189 22.86 9.06 -16.48
CA CYS E 189 22.93 10.36 -17.12
C CYS E 189 24.31 10.99 -17.00
N ARG E 190 24.83 11.53 -18.11
CA ARG E 190 26.10 12.19 -18.10
C ARG E 190 26.05 13.48 -18.92
N LEU E 191 26.92 14.42 -18.61
CA LEU E 191 27.16 15.56 -19.50
C LEU E 191 27.90 15.07 -20.75
N ALA E 192 27.41 15.41 -21.94
CA ALA E 192 28.10 15.06 -23.18
C ALA E 192 29.53 15.60 -23.19
N MET F 3 31.01 14.35 39.29
CA MET F 3 30.19 15.44 38.69
C MET F 3 30.33 15.40 37.16
N ALA F 4 29.25 15.77 36.49
CA ALA F 4 29.24 15.68 35.04
C ALA F 4 30.19 16.77 34.52
N THR F 5 30.69 16.57 33.30
CA THR F 5 31.51 17.53 32.56
C THR F 5 30.65 18.44 31.67
N ILE F 6 30.70 19.75 31.88
CA ILE F 6 29.74 20.71 31.33
C ILE F 6 30.50 21.76 30.52
N HIS F 7 30.32 21.83 29.21
CA HIS F 7 30.99 22.85 28.40
C HIS F 7 30.69 24.25 28.96
N PRO F 8 31.69 25.17 29.05
CA PRO F 8 31.41 26.49 29.59
C PRO F 8 30.31 27.29 28.89
N THR F 9 30.06 26.98 27.61
CA THR F 9 28.97 27.66 26.91
C THR F 9 27.58 27.11 27.22
N ALA F 10 27.53 25.95 27.86
CA ALA F 10 26.24 25.38 28.25
C ALA F 10 25.64 26.10 29.43
N ILE F 11 24.33 26.02 29.59
CA ILE F 11 23.60 26.66 30.67
C ILE F 11 22.79 25.60 31.39
N VAL F 12 23.20 25.23 32.60
CA VAL F 12 22.49 24.21 33.37
C VAL F 12 21.84 24.95 34.54
N ASP F 13 20.53 25.08 34.54
CA ASP F 13 19.85 25.92 35.53
C ASP F 13 19.92 25.26 36.91
N GLU F 14 19.94 26.12 37.94
CA GLU F 14 20.03 25.59 39.29
C GLU F 14 18.93 24.58 39.60
N GLY F 15 19.30 23.47 40.21
CA GLY F 15 18.33 22.44 40.55
C GLY F 15 18.48 21.20 39.69
N ALA F 16 19.01 21.36 38.48
CA ALA F 16 19.07 20.21 37.56
C ALA F 16 20.01 19.20 38.19
N ARG F 17 19.64 17.93 38.05
CA ARG F 17 20.49 16.86 38.56
C ARG F 17 21.08 16.13 37.36
N ILE F 18 22.39 16.02 37.33
CA ILE F 18 23.07 15.30 36.28
C ILE F 18 24.11 14.35 36.87
N GLY F 19 24.03 13.09 36.45
CA GLY F 19 24.89 12.06 37.06
C GLY F 19 26.34 12.09 36.65
N ALA F 20 27.17 11.42 37.45
CA ALA F 20 28.57 11.19 37.15
C ALA F 20 28.85 10.76 35.70
N HIS F 21 29.92 11.28 35.10
CA HIS F 21 30.50 10.79 33.83
C HIS F 21 29.61 11.22 32.66
N SER F 22 28.60 12.04 32.96
CA SER F 22 27.82 12.63 31.87
C SER F 22 28.59 13.76 31.23
N ARG F 23 28.39 14.01 29.94
CA ARG F 23 29.09 15.04 29.19
C ARG F 23 28.02 15.93 28.53
N ILE F 24 28.08 17.23 28.78
CA ILE F 24 27.13 18.22 28.26
C ILE F 24 27.92 19.13 27.36
N TRP F 25 27.57 19.28 26.09
CA TRP F 25 28.41 19.93 25.10
C TRP F 25 27.93 21.36 24.81
N HIS F 26 28.40 21.92 23.69
CA HIS F 26 28.29 23.37 23.45
C HIS F 26 26.86 23.88 23.41
N TRP F 27 26.54 24.96 24.12
CA TRP F 27 25.30 25.68 24.00
C TRP F 27 24.07 24.77 24.20
N VAL F 28 24.18 23.88 25.18
CA VAL F 28 23.07 23.07 25.69
C VAL F 28 22.37 23.85 26.77
N HIS F 29 21.05 23.83 26.80
CA HIS F 29 20.33 24.38 27.93
C HIS F 29 19.49 23.34 28.62
N ILE F 30 19.74 23.11 29.91
CA ILE F 30 18.99 22.17 30.73
C ILE F 30 18.24 22.92 31.82
N CYS F 31 16.94 22.72 31.95
CA CYS F 31 16.12 23.41 32.93
C CYS F 31 16.27 22.73 34.29
N GLY F 32 15.82 23.48 35.30
CA GLY F 32 16.18 23.16 36.70
C GLY F 32 15.50 21.92 37.22
N GLY F 33 14.41 21.48 36.59
CA GLY F 33 13.72 20.29 37.07
C GLY F 33 14.26 18.98 36.52
N ALA F 34 15.12 19.05 35.51
CA ALA F 34 15.52 17.83 34.82
C ALA F 34 16.34 16.94 35.73
N GLU F 35 16.18 15.65 35.49
CA GLU F 35 17.00 14.60 36.09
C GLU F 35 17.62 13.79 34.97
N ILE F 36 18.95 13.74 34.97
CA ILE F 36 19.72 13.00 33.95
C ILE F 36 20.68 12.10 34.70
N GLY F 37 20.79 10.88 34.21
CA GLY F 37 21.60 9.86 34.91
C GLY F 37 23.08 9.91 34.62
N GLU F 38 23.75 8.78 34.82
CA GLU F 38 25.20 8.70 34.69
C GLU F 38 25.63 8.32 33.27
N GLY F 39 26.76 8.80 32.79
CA GLY F 39 27.28 8.36 31.48
C GLY F 39 26.50 8.79 30.26
N CYS F 40 25.70 9.84 30.46
CA CYS F 40 24.94 10.37 29.34
C CYS F 40 25.78 11.28 28.48
N SER F 41 25.35 11.56 27.25
CA SER F 41 26.03 12.52 26.41
C SER F 41 24.93 13.37 25.78
N LEU F 42 25.09 14.69 25.85
CA LEU F 42 24.11 15.62 25.30
C LEU F 42 24.88 16.52 24.33
N GLY F 43 24.62 16.42 23.03
CA GLY F 43 25.37 17.15 21.99
C GLY F 43 24.94 18.62 21.88
N GLN F 44 25.59 19.27 20.92
CA GLN F 44 25.41 20.70 20.70
C GLN F 44 23.96 21.09 20.60
N ASN F 45 23.57 22.16 21.27
CA ASN F 45 22.23 22.75 21.16
C ASN F 45 21.13 21.84 21.65
N VAL F 46 21.43 20.79 22.40
CA VAL F 46 20.34 20.07 23.08
C VAL F 46 19.57 21.00 24.02
N PHE F 47 18.28 20.74 24.18
CA PHE F 47 17.42 21.39 25.14
C PHE F 47 16.80 20.34 26.01
N VAL F 48 16.72 20.53 27.33
CA VAL F 48 15.99 19.63 28.23
C VAL F 48 15.08 20.43 29.12
N GLY F 49 13.81 20.08 29.11
CA GLY F 49 12.82 20.73 29.94
C GLY F 49 12.86 20.31 31.41
N ASN F 50 11.89 20.82 32.16
CA ASN F 50 11.80 20.53 33.61
C ASN F 50 11.21 19.16 33.90
N ARG F 51 10.13 18.80 33.22
CA ARG F 51 9.40 17.59 33.54
C ARG F 51 9.99 16.44 32.71
N VAL F 52 11.25 16.12 32.96
CA VAL F 52 11.98 15.17 32.13
C VAL F 52 12.83 14.30 33.03
N ARG F 53 12.82 13.00 32.73
CA ARG F 53 13.74 12.06 33.37
C ARG F 53 14.44 11.30 32.25
N ILE F 54 15.76 11.31 32.39
CA ILE F 54 16.67 10.64 31.46
C ILE F 54 17.55 9.72 32.30
N GLY F 55 17.60 8.48 31.85
CA GLY F 55 18.34 7.42 32.55
C GLY F 55 19.84 7.46 32.42
N ASN F 56 20.47 6.30 32.59
CA ASN F 56 21.93 6.18 32.42
C ASN F 56 22.33 5.76 30.99
N ARG F 57 23.45 6.28 30.52
CA ARG F 57 24.06 5.92 29.22
C ARG F 57 23.08 6.24 28.12
N VAL F 58 22.42 7.37 28.28
CA VAL F 58 21.57 7.88 27.22
C VAL F 58 22.40 8.81 26.36
N LYS F 59 22.48 8.56 25.06
CA LYS F 59 23.26 9.33 24.09
C LYS F 59 22.31 10.13 23.21
N ILE F 60 22.38 11.44 23.36
CA ILE F 60 21.54 12.42 22.67
C ILE F 60 22.41 13.23 21.73
N GLN F 61 22.21 13.11 20.43
CA GLN F 61 22.98 13.83 19.46
C GLN F 61 22.50 15.29 19.34
N ASN F 62 23.21 16.05 18.51
CA ASN F 62 22.96 17.47 18.39
C ASN F 62 21.50 17.75 18.07
N ASN F 63 21.00 18.89 18.55
CA ASN F 63 19.76 19.46 18.05
C ASN F 63 18.53 18.65 18.46
N VAL F 64 18.61 17.96 19.58
CA VAL F 64 17.42 17.28 20.13
C VAL F 64 16.88 18.08 21.32
N SER F 65 15.57 18.34 21.28
CA SER F 65 14.87 19.02 22.37
C SER F 65 14.03 17.98 23.12
N VAL F 66 14.44 17.69 24.37
CA VAL F 66 13.76 16.73 25.21
C VAL F 66 12.78 17.52 26.07
N TYR F 67 11.54 17.62 25.59
CA TYR F 67 10.56 18.53 26.18
C TYR F 67 9.93 17.88 27.42
N ASP F 68 9.24 18.74 28.19
CA ASP F 68 8.45 18.22 29.32
C ASP F 68 7.60 17.05 28.84
N ASN F 69 7.50 16.03 29.69
CA ASN F 69 6.67 14.82 29.52
C ASN F 69 7.31 13.73 28.67
N VAL F 70 8.59 13.94 28.33
CA VAL F 70 9.39 12.90 27.66
C VAL F 70 10.26 12.21 28.71
N PHE F 71 10.26 10.88 28.67
CA PHE F 71 10.98 10.05 29.65
C PHE F 71 11.83 9.05 28.89
N LEU F 72 13.13 9.05 29.18
CA LEU F 72 14.07 8.19 28.45
C LEU F 72 14.72 7.24 29.41
N GLU F 73 14.49 5.94 29.21
CA GLU F 73 15.11 4.92 30.04
C GLU F 73 16.59 4.77 29.69
N ASP F 74 17.26 3.84 30.40
CA ASP F 74 18.67 3.62 30.23
C ASP F 74 18.93 3.21 28.77
N ASP F 75 20.12 3.56 28.30
CA ASP F 75 20.66 3.08 27.03
C ASP F 75 19.85 3.47 25.80
N VAL F 76 19.05 4.51 25.94
CA VAL F 76 18.34 5.02 24.77
C VAL F 76 19.28 5.88 23.92
N PHE F 77 19.04 5.86 22.61
CA PHE F 77 19.89 6.58 21.67
C PHE F 77 18.98 7.55 20.93
N CYS F 78 19.25 8.83 20.99
CA CYS F 78 18.46 9.81 20.22
C CYS F 78 19.36 10.36 19.11
N GLY F 79 19.05 10.03 17.86
CA GLY F 79 19.90 10.44 16.75
C GLY F 79 19.81 11.92 16.45
N PRO F 80 20.70 12.41 15.57
CA PRO F 80 20.84 13.83 15.29
C PRO F 80 19.54 14.42 14.85
N SER F 81 19.13 15.49 15.47
CA SER F 81 17.96 16.27 15.04
C SER F 81 16.66 15.49 15.09
N MET F 82 16.60 14.41 15.89
CA MET F 82 15.29 13.82 16.06
C MET F 82 14.42 14.73 16.92
N VAL F 83 13.09 14.53 16.88
CA VAL F 83 12.12 15.49 17.41
C VAL F 83 11.05 14.85 18.29
N PHE F 84 10.96 15.36 19.54
CA PHE F 84 9.89 14.93 20.45
C PHE F 84 8.87 16.08 20.42
N THR F 85 7.67 15.70 20.85
CA THR F 85 6.54 16.62 21.03
C THR F 85 5.90 16.36 22.39
N ASN F 86 5.03 17.29 22.77
CA ASN F 86 4.21 17.09 23.99
C ASN F 86 2.74 17.53 23.83
N VAL F 87 2.39 18.25 22.77
CA VAL F 87 0.99 18.57 22.47
C VAL F 87 0.59 17.89 21.16
N TYR F 88 -0.54 17.20 21.16
CA TYR F 88 -0.98 16.45 19.98
C TYR F 88 -1.51 17.33 18.87
N ASN F 89 -2.26 18.36 19.27
CA ASN F 89 -2.99 19.16 18.34
C ASN F 89 -2.80 20.66 18.62
N PRO F 90 -1.57 21.17 18.53
CA PRO F 90 -1.29 22.53 19.01
C PRO F 90 -1.99 23.59 18.18
N ARG F 91 -2.43 24.62 18.90
CA ARG F 91 -2.92 25.88 18.31
C ARG F 91 -2.36 27.00 19.16
N ALA F 92 -1.73 27.99 18.55
CA ALA F 92 -1.09 29.03 19.33
C ALA F 92 -2.07 29.73 20.27
N ALA F 93 -3.31 29.89 19.86
CA ALA F 93 -4.25 30.66 20.66
C ALA F 93 -4.92 29.82 21.76
N ILE F 94 -4.59 28.54 21.85
CA ILE F 94 -5.17 27.65 22.86
C ILE F 94 -4.03 27.01 23.64
N GLU F 95 -3.73 27.60 24.78
CA GLU F 95 -2.64 27.05 25.56
C GLU F 95 -3.00 25.64 26.02
N ARG F 96 -2.07 24.70 25.82
CA ARG F 96 -2.36 23.30 26.14
C ARG F 96 -1.35 22.70 27.11
N LYS F 97 -0.80 23.58 27.94
CA LYS F 97 0.19 23.12 28.92
C LYS F 97 -0.37 22.11 29.91
N SER F 98 -1.68 22.13 30.14
CA SER F 98 -2.35 21.12 30.95
C SER F 98 -2.74 19.84 30.21
N GLU F 99 -2.52 19.79 28.90
CA GLU F 99 -2.90 18.64 28.09
C GLU F 99 -1.70 17.89 27.50
N TYR F 100 -0.51 18.05 28.08
CA TYR F 100 0.66 17.38 27.54
C TYR F 100 0.46 15.88 27.57
N ARG F 101 0.94 15.19 26.55
CA ARG F 101 0.87 13.73 26.54
C ARG F 101 2.30 13.19 26.71
N ASP F 102 2.41 12.07 27.41
CA ASP F 102 3.72 11.43 27.68
C ASP F 102 4.32 10.75 26.46
N THR F 103 5.64 10.84 26.33
CA THR F 103 6.37 9.98 25.37
C THR F 103 7.36 9.20 26.23
N ILE F 104 7.16 7.89 26.31
CA ILE F 104 8.03 7.03 27.14
C ILE F 104 8.83 6.20 26.17
N VAL F 105 10.15 6.30 26.31
CA VAL F 105 11.06 5.53 25.45
C VAL F 105 11.80 4.55 26.32
N ARG F 106 11.58 3.26 26.09
CA ARG F 106 12.03 2.24 27.03
C ARG F 106 13.49 1.86 26.68
N GLN F 107 14.04 1.06 27.59
CA GLN F 107 15.50 0.80 27.68
C GLN F 107 15.99 0.30 26.34
N GLY F 108 17.08 0.91 25.88
CA GLY F 108 17.78 0.38 24.72
C GLY F 108 17.22 0.84 23.38
N ALA F 109 16.08 1.52 23.40
CA ALA F 109 15.50 1.87 22.10
C ALA F 109 16.41 2.88 21.38
N THR F 110 16.32 2.84 20.07
CA THR F 110 17.08 3.74 19.19
C THR F 110 16.10 4.57 18.37
N LEU F 111 16.30 5.89 18.40
CA LEU F 111 15.46 6.82 17.64
C LEU F 111 16.34 7.40 16.57
N GLY F 112 16.12 7.01 15.31
CA GLY F 112 17.02 7.41 14.26
C GLY F 112 17.04 8.92 13.96
N ALA F 113 18.11 9.34 13.30
CA ALA F 113 18.31 10.71 12.80
C ALA F 113 17.04 11.31 12.23
N ASN F 114 16.65 12.48 12.71
CA ASN F 114 15.57 13.24 12.10
C ASN F 114 14.22 12.50 12.13
N CYS F 115 14.06 11.52 13.01
CA CYS F 115 12.73 10.98 13.20
C CYS F 115 11.87 11.92 14.04
N THR F 116 10.57 11.72 14.12
CA THR F 116 9.66 12.56 14.93
C THR F 116 8.72 11.63 15.69
N VAL F 117 8.49 11.91 16.97
CA VAL F 117 7.59 11.09 17.76
C VAL F 117 6.37 11.93 18.14
N VAL F 118 5.19 11.59 17.63
CA VAL F 118 3.94 12.24 18.09
C VAL F 118 3.66 11.76 19.52
N CYS F 119 3.48 12.75 20.40
CA CYS F 119 3.30 12.51 21.83
C CYS F 119 2.14 11.56 22.11
N GLY F 120 2.32 10.78 23.18
CA GLY F 120 1.37 9.73 23.56
C GLY F 120 1.91 8.34 23.27
N ALA F 121 2.81 8.24 22.30
CA ALA F 121 3.41 6.95 21.93
C ALA F 121 4.38 6.46 23.00
N THR F 122 4.38 5.14 23.19
CA THR F 122 5.44 4.44 23.91
C THR F 122 6.31 3.70 22.92
N ILE F 123 7.63 3.90 23.08
CA ILE F 123 8.57 3.21 22.21
C ILE F 123 9.21 2.08 23.01
N GLY F 124 9.05 0.85 22.54
CA GLY F 124 9.44 -0.32 23.33
C GLY F 124 10.93 -0.57 23.51
N ARG F 125 11.25 -1.46 24.44
CA ARG F 125 12.65 -1.80 24.75
C ARG F 125 13.35 -2.23 23.48
N TYR F 126 14.50 -1.64 23.19
CA TYR F 126 15.31 -2.07 22.06
C TYR F 126 14.58 -1.90 20.74
N ALA F 127 13.51 -1.10 20.69
CA ALA F 127 12.97 -0.80 19.36
C ALA F 127 13.97 -0.01 18.52
N PHE F 128 13.64 0.17 17.26
CA PHE F 128 14.53 0.88 16.36
C PHE F 128 13.68 1.66 15.40
N VAL F 129 13.70 2.98 15.52
CA VAL F 129 12.96 3.88 14.64
C VAL F 129 13.94 4.36 13.57
N GLY F 130 13.74 3.95 12.32
CA GLY F 130 14.57 4.37 11.20
C GLY F 130 14.70 5.87 11.05
N ALA F 131 15.80 6.28 10.41
CA ALA F 131 16.01 7.69 10.11
C ALA F 131 14.81 8.30 9.43
N GLY F 132 14.39 9.49 9.85
CA GLY F 132 13.28 10.20 9.25
C GLY F 132 11.89 9.64 9.44
N ALA F 133 11.69 8.57 10.20
CA ALA F 133 10.34 8.11 10.40
C ALA F 133 9.48 9.05 11.21
N VAL F 134 8.16 8.93 11.13
CA VAL F 134 7.23 9.71 11.95
C VAL F 134 6.37 8.69 12.68
N VAL F 135 6.63 8.59 13.97
CA VAL F 135 5.95 7.59 14.81
C VAL F 135 4.67 8.23 15.34
N ASN F 136 3.54 7.60 15.04
CA ASN F 136 2.26 8.04 15.59
C ASN F 136 1.46 6.92 16.24
N LYS F 137 2.12 5.84 16.63
CA LYS F 137 1.47 4.77 17.39
C LYS F 137 2.56 4.07 18.17
N ASP F 138 2.14 3.31 19.18
CA ASP F 138 3.13 2.57 19.97
C ASP F 138 3.99 1.70 19.09
N VAL F 139 5.25 1.56 19.53
CA VAL F 139 6.24 0.72 18.85
C VAL F 139 6.60 -0.44 19.79
N PRO F 140 6.31 -1.68 19.36
CA PRO F 140 6.62 -2.82 20.24
C PRO F 140 8.09 -2.96 20.59
N ASP F 141 8.34 -3.61 21.72
CA ASP F 141 9.71 -3.99 22.04
C ASP F 141 10.33 -4.68 20.83
N PHE F 142 11.57 -4.29 20.49
CA PHE F 142 12.37 -4.86 19.41
C PHE F 142 11.85 -4.50 18.02
N ALA F 143 10.77 -3.70 17.91
CA ALA F 143 10.30 -3.48 16.53
C ALA F 143 11.17 -2.51 15.75
N LEU F 144 11.38 -2.82 14.48
CA LEU F 144 12.08 -1.96 13.51
C LEU F 144 10.95 -1.32 12.72
N VAL F 145 10.78 0.00 12.84
CA VAL F 145 9.76 0.76 12.14
C VAL F 145 10.35 1.83 11.23
N VAL F 146 9.77 2.03 10.03
CA VAL F 146 10.28 3.06 9.13
C VAL F 146 9.10 3.74 8.46
N GLY F 147 9.29 4.96 7.96
CA GLY F 147 8.28 5.56 7.07
C GLY F 147 7.54 6.70 7.73
N VAL F 148 6.78 7.42 6.90
CA VAL F 148 5.89 8.50 7.31
C VAL F 148 4.45 8.14 6.91
N PRO F 149 3.62 7.68 7.86
CA PRO F 149 3.93 7.37 9.23
C PRO F 149 4.64 6.03 9.33
N ALA F 150 5.20 5.78 10.52
CA ALA F 150 6.05 4.61 10.69
C ALA F 150 5.25 3.30 10.70
N ARG F 151 5.79 2.30 10.01
CA ARG F 151 5.19 0.96 10.00
C ARG F 151 6.29 -0.05 10.33
N GLN F 152 5.92 -1.18 10.94
CA GLN F 152 6.91 -2.19 11.31
C GLN F 152 7.30 -3.05 10.13
N ILE F 153 8.61 -3.19 9.91
CA ILE F 153 9.12 -4.03 8.84
C ILE F 153 9.96 -5.21 9.34
N GLY F 154 10.28 -5.24 10.63
CA GLY F 154 11.16 -6.31 11.10
C GLY F 154 11.29 -6.24 12.60
N TRP F 155 12.25 -7.01 13.12
CA TRP F 155 12.59 -7.00 14.55
C TRP F 155 14.09 -6.82 14.64
N MET F 156 14.54 -5.99 15.59
CA MET F 156 15.98 -5.63 15.70
C MET F 156 16.44 -6.27 17.01
N SER F 157 17.55 -7.02 16.99
CA SER F 157 18.15 -7.55 18.21
C SER F 157 18.70 -6.42 19.09
N ARG F 158 19.00 -6.74 20.35
CA ARG F 158 19.73 -5.75 21.14
C ARG F 158 20.97 -5.24 20.39
N HIS F 159 21.72 -6.13 19.75
CA HIS F 159 22.90 -5.77 18.99
C HIS F 159 22.64 -4.68 17.97
N GLY F 160 21.45 -4.68 17.38
CA GLY F 160 21.10 -3.70 16.35
C GLY F 160 21.17 -4.22 14.92
N GLU F 161 20.82 -5.49 14.73
CA GLU F 161 20.67 -6.04 13.38
CA GLU F 161 20.71 -6.09 13.41
C GLU F 161 19.37 -6.87 13.35
N GLN F 162 18.76 -6.93 12.16
CA GLN F 162 17.45 -7.59 12.11
C GLN F 162 17.63 -9.07 12.45
N LEU F 163 16.63 -9.56 13.17
CA LEU F 163 16.47 -10.98 13.48
C LEU F 163 15.73 -11.74 12.35
N ASP F 164 16.10 -12.99 12.14
CA ASP F 164 15.41 -13.83 11.14
C ASP F 164 14.18 -14.43 11.84
N LEU F 165 13.17 -13.58 12.04
CA LEU F 165 11.99 -13.81 12.89
C LEU F 165 10.84 -13.17 12.14
N PRO F 166 9.76 -13.92 11.90
CA PRO F 166 8.64 -13.30 11.21
C PRO F 166 7.99 -12.21 12.04
N LEU F 167 7.28 -11.32 11.36
CA LEU F 167 6.51 -10.32 12.08
C LEU F 167 5.36 -10.85 12.92
N ARG F 168 4.71 -11.90 12.42
CA ARG F 168 3.49 -12.38 13.05
C ARG F 168 3.65 -13.82 13.54
N GLY F 169 2.76 -14.17 14.47
CA GLY F 169 2.62 -15.57 14.88
C GLY F 169 3.58 -15.98 16.01
N ASN F 170 3.94 -17.25 16.00
CA ASN F 170 4.80 -17.78 17.08
C ASN F 170 6.06 -18.29 16.40
N ALA F 171 7.22 -17.92 16.97
CA ALA F 171 8.48 -18.34 16.37
C ALA F 171 9.60 -18.09 17.38
N GLU F 172 10.79 -18.52 16.97
CA GLU F 172 12.03 -18.28 17.73
C GLU F 172 13.13 -17.89 16.77
N ALA F 173 14.09 -17.13 17.30
CA ALA F 173 15.29 -16.80 16.52
C ALA F 173 16.47 -16.56 17.46
N THR F 174 17.68 -16.58 16.93
CA THR F 174 18.86 -16.33 17.75
C THR F 174 19.67 -15.21 17.11
N CYS F 175 20.19 -14.30 17.93
CA CYS F 175 21.14 -13.32 17.43
C CYS F 175 22.49 -14.02 17.20
N PRO F 176 23.07 -13.88 16.01
CA PRO F 176 24.34 -14.57 15.70
C PRO F 176 25.54 -13.93 16.40
N HIS F 177 25.42 -12.68 16.84
CA HIS F 177 26.55 -12.01 17.45
C HIS F 177 26.73 -12.40 18.90
N THR F 178 25.62 -12.70 19.60
CA THR F 178 25.64 -12.95 21.04
C THR F 178 25.11 -14.32 21.43
N GLY F 179 24.39 -14.96 20.50
CA GLY F 179 23.63 -16.17 20.78
C GLY F 179 22.37 -15.94 21.64
N GLU F 180 22.00 -14.69 21.88
CA GLU F 180 20.73 -14.33 22.59
C GLU F 180 19.56 -14.96 21.86
N ARG F 181 18.67 -15.60 22.62
CA ARG F 181 17.48 -16.24 22.03
C ARG F 181 16.29 -15.28 22.17
N TYR F 182 15.47 -15.19 21.12
CA TYR F 182 14.28 -14.34 21.10
C TYR F 182 13.07 -15.25 20.87
N ILE F 183 11.98 -14.90 21.53
CA ILE F 183 10.75 -15.70 21.36
C ILE F 183 9.64 -14.76 20.89
N LEU F 184 8.94 -15.14 19.84
CA LEU F 184 7.76 -14.43 19.37
C LEU F 184 6.51 -15.21 19.79
N THR F 185 5.60 -14.47 20.41
CA THR F 185 4.35 -15.05 20.91
C THR F 185 3.23 -14.17 20.36
N ASP F 186 2.48 -14.76 19.43
CA ASP F 186 1.44 -14.04 18.65
C ASP F 186 1.85 -12.63 18.28
N GLY F 187 3.01 -12.57 17.65
CA GLY F 187 3.47 -11.29 17.14
C GLY F 187 4.14 -10.36 18.13
N VAL F 188 4.46 -10.82 19.35
CA VAL F 188 5.12 -10.00 20.34
C VAL F 188 6.48 -10.65 20.63
N CYS F 189 7.55 -9.88 20.47
CA CYS F 189 8.92 -10.39 20.59
C CYS F 189 9.46 -10.07 21.98
N ARG F 190 10.12 -11.09 22.56
CA ARG F 190 10.82 -10.89 23.84
C ARG F 190 12.17 -11.62 23.82
N LEU F 191 13.06 -11.14 24.69
CA LEU F 191 14.29 -11.87 25.01
C LEU F 191 13.96 -13.14 25.81
N ALA F 192 14.59 -14.26 25.50
CA ALA F 192 14.42 -15.42 26.36
C ALA F 192 15.10 -15.29 27.70
N1 MJZ G . -17.08 -7.30 5.88
C2 MJZ G . -16.09 -7.53 6.75
O2 MJZ G . -14.94 -7.75 6.34
N3 MJZ G . -16.34 -7.57 8.10
C4 MJZ G . -17.60 -7.33 8.56
O4 MJZ G . -17.80 -7.36 9.80
C5 MJZ G . -18.64 -7.04 7.68
C6 MJZ G . -18.32 -7.03 6.31
PA MJZ G . -21.82 -7.67 4.12
PB MJZ G . -23.93 -7.73 2.00
O'P MJZ G . -28.71 -10.05 2.45
O'Q MJZ G . -28.75 -11.50 0.77
C1' MJZ G . -24.66 -10.15 2.79
O1A MJZ G . -21.93 -6.23 4.51
O1B MJZ G . -24.94 -7.13 2.97
C1C MJZ G . -16.69 -7.23 4.46
C2' MJZ G . -23.99 -11.48 2.51
N2' MJZ G . -22.54 -11.28 2.44
O2A MJZ G . -22.41 -8.64 5.06
O2B MJZ G . -23.68 -7.14 0.67
C2C MJZ G . -16.37 -8.59 3.83
O2C MJZ G . -15.38 -8.44 2.83
C3' MJZ G . -24.53 -12.09 1.21
N3' MJZ G . -23.92 -13.48 1.06
O3A MJZ G . -22.47 -7.86 2.66
O3B MJZ G . -24.30 -9.25 1.74
C3C MJZ G . -17.70 -8.99 3.20
O3C MJZ G . -17.46 -9.88 2.12
C4' MJZ G . -26.04 -12.18 1.30
O4' MJZ G . -26.50 -12.71 0.02
C4C MJZ G . -18.23 -7.66 2.70
O4C MJZ G . -17.83 -6.75 3.73
C5' MJZ G . -26.63 -10.81 1.52
O5' MJZ G . -26.08 -10.23 2.73
C5C MJZ G . -19.74 -7.62 2.59
O5C MJZ G . -20.34 -8.11 3.81
C6' MJZ G . -28.14 -10.78 1.60
C7' MJZ G . -21.69 -12.00 3.18
O7' MJZ G . -22.01 -12.98 3.84
C8' MJZ G . -20.25 -11.54 3.16
N1A COA H . -20.24 -20.44 -23.35
C2A COA H . -21.14 -21.31 -23.84
N3A COA H . -21.73 -21.24 -25.04
C4A COA H . -21.33 -20.24 -25.86
C5A COA H . -20.38 -19.24 -25.42
C6A COA H . -19.80 -19.40 -24.08
N6A COA H . -18.90 -18.51 -23.64
N7A COA H . -20.17 -18.36 -26.43
C8A COA H . -20.98 -18.77 -27.44
N9A COA H . -21.67 -19.89 -27.11
C1B COA H . -22.64 -20.64 -27.95
C2B COA H . -23.76 -19.71 -28.36
O2B COA H . -24.80 -19.73 -27.36
C3B COA H . -24.13 -20.41 -29.68
O3B COA H . -24.84 -21.61 -29.39
P3B COA H . -26.48 -21.62 -29.31
O7A COA H . -26.79 -23.05 -28.94
O8A COA H . -26.86 -21.25 -30.72
O9A COA H . -26.97 -20.57 -28.31
C4B COA H . -22.76 -20.75 -30.25
O4B COA H . -21.88 -20.97 -29.12
C5B COA H . -22.21 -19.71 -31.24
O5B COA H . -22.23 -18.48 -30.49
P1A COA H . -21.93 -17.10 -31.22
O1A COA H . -22.30 -16.06 -30.20
O2A COA H . -22.57 -17.07 -32.59
O3A COA H . -20.34 -17.18 -31.35
P2A COA H . -19.25 -16.02 -31.67
O4A COA H . -19.93 -14.70 -31.76
O5A COA H . -18.43 -16.51 -32.84
O6A COA H . -18.26 -16.12 -30.41
CBP COA H . -17.72 -15.73 -28.11
CCP COA H . -18.84 -15.78 -29.16
CDP COA H . -16.60 -14.82 -28.60
CEP COA H . -17.18 -17.15 -27.91
CAP COA H . -18.24 -15.07 -26.84
OAP COA H . -19.51 -15.68 -26.46
C9P COA H . -17.33 -15.16 -25.67
O9P COA H . -17.28 -16.11 -24.89
N8P COA H . -16.51 -14.11 -25.51
C7P COA H . -15.51 -13.96 -24.46
C6P COA H . -15.62 -12.63 -23.69
C5P COA H . -14.49 -12.55 -22.72
O5P COA H . -14.13 -13.50 -22.06
N4P COA H . -13.87 -11.36 -22.62
C3P COA H . -12.73 -11.18 -21.70
C2P COA H . -12.09 -9.80 -21.78
S1P COA H . -13.07 -8.47 -21.01
C1 EDO I . -9.11 0.46 -15.89
O1 EDO I . -10.48 0.84 -16.12
C2 EDO I . -8.39 0.47 -17.23
O2 EDO I . -8.90 -0.57 -18.08
NA NA J . -14.62 -17.76 -10.86
C1 EDO K . -16.30 -0.36 5.37
O1 EDO K . -17.39 0.45 5.87
C2 EDO K . -15.06 -0.21 6.24
O2 EDO K . -15.16 0.97 7.04
N1 MJZ L . -5.61 -0.25 -14.04
C2 MJZ L . -5.90 0.69 -13.13
O2 MJZ L . -6.10 0.37 -11.94
N3 MJZ L . -6.03 2.00 -13.45
C4 MJZ L . -5.82 2.38 -14.74
O4 MJZ L . -5.93 3.60 -15.09
C5 MJZ L . -5.49 1.43 -15.70
C6 MJZ L . -5.36 0.10 -15.33
PA MJZ L . -5.67 -2.30 -18.69
PB MJZ L . -5.46 -4.57 -20.58
O'P MJZ L . -7.60 -4.73 -25.48
O'Q MJZ L . -8.98 -6.45 -25.44
C1' MJZ L . -7.90 -4.05 -21.50
O1A MJZ L . -4.28 -1.77 -18.74
O1B MJZ L . -4.89 -3.63 -21.62
C1C MJZ L . -5.46 -1.66 -13.59
C2' MJZ L . -9.22 -4.35 -20.81
N2' MJZ L . -9.09 -4.26 -19.36
O2A MJZ L . -6.77 -1.50 -19.30
O2B MJZ L . -4.76 -5.84 -20.30
C2C MJZ L . -6.78 -2.37 -13.23
O2C MJZ L . -6.44 -3.30 -12.20
C3' MJZ L . -9.71 -5.73 -21.28
N3' MJZ L . -11.09 -6.00 -20.68
O3A MJZ L . -5.70 -3.79 -19.21
O3B MJZ L . -6.98 -4.99 -20.96
C3C MJZ L . -7.03 -3.12 -14.54
O3C MJZ L . -7.88 -4.26 -14.32
C4' MJZ L . -9.70 -5.80 -22.81
O4' MJZ L . -10.14 -7.13 -23.12
C4C MJZ L . -5.63 -3.50 -15.00
O4C MJZ L . -4.82 -2.39 -14.60
C5' MJZ L . -8.32 -5.49 -23.36
O5' MJZ L . -8.01 -4.18 -22.90
C5C MJZ L . -5.49 -3.71 -16.51
O5C MJZ L . -6.08 -2.57 -17.19
C6' MJZ L . -8.32 -5.57 -24.85
C7' MJZ L . -9.92 -3.58 -18.59
O7' MJZ L . -10.93 -2.97 -18.98
C8' MJZ L . -9.50 -3.56 -17.15
N1A COA M . -16.12 -30.81 -15.80
C2A COA M . -16.93 -31.42 -16.70
N3A COA M . -16.77 -32.67 -17.17
C4A COA M . -15.70 -33.31 -16.74
C5A COA M . -14.76 -32.76 -15.78
C6A COA M . -15.04 -31.40 -15.31
N6A COA M . -14.23 -30.77 -14.41
N7A COA M . -13.79 -33.66 -15.49
C8A COA M . -14.08 -34.76 -16.22
N9A COA M . -15.20 -34.54 -16.94
C1B COA M . -15.83 -35.52 -17.83
C2B COA M . -14.93 -35.97 -18.97
O2B COA M . -14.98 -35.06 -20.07
C3B COA M . -15.40 -37.39 -19.21
O3B COA M . -16.63 -37.21 -19.91
P3B COA M . -16.88 -37.60 -21.47
O7A COA M . -18.37 -37.51 -21.72
O8A COA M . -16.20 -38.92 -21.65
O9A COA M . -16.06 -36.48 -22.08
C4B COA M . -15.82 -37.86 -17.82
O4B COA M . -16.04 -36.67 -17.03
C5B COA M . -14.64 -38.64 -17.21
O5B COA M . -13.45 -37.82 -17.25
P1A COA M . -12.01 -38.36 -16.87
O1A COA M . -11.02 -37.32 -17.29
O2A COA M . -11.88 -39.78 -17.37
O3A COA M . -12.17 -38.47 -15.27
P2A COA M . -11.02 -38.62 -14.15
O4A COA M . -9.71 -38.63 -14.82
O5A COA M . -11.42 -39.72 -13.19
O6A COA M . -11.24 -37.28 -13.27
CBP COA M . -11.08 -34.90 -12.84
CCP COA M . -10.97 -36.01 -13.89
CDP COA M . -10.15 -35.31 -11.66
CEP COA M . -12.53 -34.79 -12.36
CAP COA M . -10.55 -33.60 -13.43
OAP COA M . -11.16 -33.39 -14.71
C9P COA M . -10.75 -32.38 -12.58
O9P COA M . -11.80 -31.70 -12.64
N8P COA M . -9.72 -32.09 -11.76
C7P COA M . -9.69 -30.97 -10.83
C6P COA M . -8.39 -30.15 -10.96
C5P COA M . -8.42 -29.07 -9.91
O5P COA M . -9.44 -28.47 -9.63
N4P COA M . -7.25 -28.80 -9.34
C3P COA M . -7.19 -27.75 -8.32
C2P COA M . -5.84 -27.78 -7.60
S1P COA M . -4.57 -26.91 -8.57
C1 EDO N . 3.80 -20.83 -4.81
O1 EDO N . 4.16 -21.23 -6.14
C2 EDO N . 3.79 -22.03 -3.86
O2 EDO N . 2.93 -23.06 -4.35
C1 EDO O . -10.79 -28.55 -24.26
O1 EDO O . -10.69 -29.02 -25.60
C2 EDO O . -12.19 -28.58 -23.69
O2 EDO O . -12.31 -29.76 -22.90
N1A COA P . -27.05 -23.96 -12.37
C2A COA P . -27.53 -24.93 -13.16
N3A COA P . -28.73 -25.50 -12.97
C4A COA P . -29.48 -25.10 -11.95
C5A COA P . -29.01 -24.05 -11.05
C6A COA P . -27.70 -23.45 -11.33
N6A COA P . -27.20 -22.47 -10.55
N7A COA P . -29.96 -23.82 -10.14
C8A COA P . -30.99 -24.66 -10.40
N9A COA P . -30.69 -25.42 -11.49
C1B COA P . -31.54 -26.46 -12.13
C2B COA P . -31.88 -27.53 -11.12
O2B COA P . -30.88 -28.56 -11.13
C3B COA P . -33.24 -27.96 -11.66
O3B COA P . -33.02 -28.76 -12.81
P3B COA P . -32.91 -30.39 -12.75
O7A COA P . -32.75 -30.71 -14.23
O8A COA P . -34.27 -30.77 -12.21
O9A COA P . -31.80 -30.86 -11.84
C4B COA P . -33.86 -26.65 -12.10
O4B COA P . -32.76 -25.79 -12.42
C5B COA P . -34.73 -25.97 -11.06
O5B COA P . -33.97 -25.96 -9.85
P1A COA P . -34.60 -25.56 -8.44
O1A COA P . -33.53 -25.84 -7.42
O2A COA P . -35.96 -26.25 -8.31
O3A COA P . -34.87 -24.00 -8.62
P2A COA P . -35.14 -22.82 -7.57
O4A COA P . -35.16 -23.35 -6.19
O5A COA P . -36.36 -22.11 -8.07
O6A COA P . -33.94 -21.81 -7.83
CBP COA P . -31.64 -21.11 -7.62
CCP COA P . -32.62 -22.29 -7.51
CDP COA P . -32.05 -19.91 -6.78
CEP COA P . -31.49 -20.67 -9.08
CAP COA P . -30.30 -21.55 -7.00
OAP COA P . -29.93 -22.84 -7.57
C9P COA P . -29.16 -20.62 -7.27
O9P COA P . -28.46 -20.67 -8.28
N8P COA P . -28.94 -19.73 -6.29
C7P COA P . -27.90 -18.69 -6.31
C6P COA P . -27.17 -18.63 -4.96
C5P COA P . -26.20 -17.50 -5.02
O5P COA P . -25.56 -17.23 -6.05
N4P COA P . -26.04 -16.77 -3.91
C3P COA P . -25.07 -15.68 -3.95
C2P COA P . -25.17 -14.92 -2.62
S1P COA P . -24.29 -15.69 -1.22
N1 MJZ Q . 2.81 -18.86 -1.30
C2 MJZ Q . 3.64 -17.86 -1.65
O2 MJZ Q . 3.20 -16.75 -1.91
N3 MJZ Q . 4.97 -18.11 -1.69
C4 MJZ Q . 5.49 -19.31 -1.39
O4 MJZ Q . 6.74 -19.46 -1.45
C5 MJZ Q . 4.65 -20.35 -1.03
C6 MJZ Q . 3.29 -20.07 -0.99
PA MJZ Q . 1.19 -23.64 -1.20
PB MJZ Q . -0.92 -25.75 -0.89
O'P MJZ Q . -2.25 -30.87 -4.23
O'Q MJZ Q . -0.61 -30.72 -2.72
C1' MJZ Q . -0.28 -26.71 -3.29
O1A MJZ Q . 1.65 -23.63 0.24
O1B MJZ Q . 0.11 -26.65 -0.26
C1C MJZ Q . 1.37 -18.54 -1.24
C2' MJZ Q . -0.60 -26.17 -4.69
N2' MJZ Q . -0.65 -24.71 -4.59
O2A MJZ Q . 2.06 -24.32 -2.19
O2B MJZ Q . -2.20 -25.47 -0.23
C2C MJZ Q . 0.64 -18.31 -2.54
O2C MJZ Q . -0.40 -17.36 -2.37
C3' MJZ Q . -1.94 -26.76 -5.16
N3' MJZ Q . -2.22 -26.33 -6.60
O3A MJZ Q . -0.26 -24.34 -1.24
O3B MJZ Q . -1.27 -26.32 -2.34
C3C MJZ Q . 0.02 -19.66 -2.77
O3C MJZ Q . -1.08 -19.60 -3.70
C4' MJZ Q . -1.87 -28.27 -5.08
O4' MJZ Q . -3.15 -28.82 -5.47
C4C MJZ Q . -0.37 -20.10 -1.37
O4C MJZ Q . 0.73 -19.64 -0.57
C5' MJZ Q . -1.53 -28.74 -3.67
O5' MJZ Q . -0.27 -28.14 -3.31
C5C MJZ Q . -0.45 -21.59 -1.19
O5C MJZ Q . 0.75 -22.20 -1.70
C6' MJZ Q . -1.44 -30.23 -3.52
C7' MJZ Q . -0.03 -23.92 -5.46
O7' MJZ Q . 0.60 -24.32 -6.43
C8' MJZ Q . -0.16 -22.49 -5.07
P PO4 R . -17.99 -21.55 -14.22
O1 PO4 R . -17.45 -20.43 -15.05
O2 PO4 R . -18.82 -22.38 -15.20
O3 PO4 R . -16.93 -22.48 -13.66
O4 PO4 R . -18.75 -20.86 -12.99
C1 EDO S . -9.47 -23.96 16.10
O1 EDO S . -8.12 -23.54 16.28
C2 EDO S . -9.96 -25.12 16.97
O2 EDO S . -9.48 -25.03 18.33
C1 EDO T . -20.05 -10.02 6.86
O1 EDO T . -21.02 -10.72 6.07
C2 EDO T . -18.78 -10.86 6.87
O2 EDO T . -18.94 -12.14 7.46
C1 EDO U . -7.73 -28.40 16.96
O1 EDO U . -8.05 -28.00 15.61
C2 EDO U . -8.56 -29.63 17.32
O2 EDO U . -8.11 -30.70 16.48
O1 PE4 V . -23.69 -26.07 12.86
C1 PE4 V . -22.97 -26.33 11.65
C2 PE4 V . -22.76 -27.82 11.43
O2 PE4 V . -21.61 -28.36 12.10
C3 PE4 V . -20.82 -29.15 11.20
C4 PE4 V . -19.42 -29.39 11.76
O3 PE4 V . -18.38 -29.16 10.79
C5 PE4 V . -17.37 -28.25 11.23
C6 PE4 V . -16.07 -29.01 11.41
O4 PE4 V . -15.12 -28.21 12.12
C7 PE4 V . -14.38 -28.99 13.06
C8 PE4 V . -14.96 -28.98 14.48
O5 PE4 V . -15.96 -29.98 14.70
C9 PE4 V . -15.88 -30.65 15.96
C10 PE4 V . -16.48 -29.82 17.10
O6 PE4 V . -15.64 -30.22 18.19
C11 PE4 V . -16.39 -30.10 19.39
C12 PE4 V . -15.89 -28.80 20.01
O7 PE4 V . -16.19 -27.70 19.15
C13 PE4 V . -15.14 -26.76 19.36
C14 PE4 V . -15.49 -25.37 18.82
O8 PE4 V . -16.42 -24.81 19.75
C15 PE4 V . -17.06 -23.60 19.35
C16 PE4 V . -18.57 -23.63 19.45
N1 MJZ W . 12.01 28.22 27.98
C2 MJZ W . 12.97 27.99 28.88
O2 MJZ W . 14.14 27.81 28.50
N3 MJZ W . 12.71 27.98 30.23
C4 MJZ W . 11.45 28.19 30.68
O4 MJZ W . 11.24 28.15 31.92
C5 MJZ W . 10.42 28.45 29.78
C6 MJZ W . 10.76 28.47 28.41
PA MJZ W . 7.29 27.73 26.28
PB MJZ W . 5.18 27.78 24.13
O'P MJZ W . 0.37 23.95 22.77
O'Q MJZ W . 0.41 25.30 24.50
C1' MJZ W . 4.44 25.36 24.82
O1A MJZ W . 7.12 29.21 26.63
O1B MJZ W . 4.19 28.39 25.11
C1C MJZ W . 12.38 28.29 26.55
C2' MJZ W . 5.11 24.02 24.52
N2' MJZ W . 6.56 24.20 24.54
O2A MJZ W . 6.74 26.75 27.20
O2B MJZ W . 5.44 28.44 22.82
C2C MJZ W . 12.76 26.94 25.92
O2C MJZ W . 13.72 27.17 24.90
C3' MJZ W . 4.57 23.42 23.21
N3' MJZ W . 5.22 22.04 22.98
O3A MJZ W . 6.60 27.49 24.85
O3B MJZ W . 4.80 26.26 23.80
C3C MJZ W . 11.43 26.56 25.31
O3C MJZ W . 11.66 25.63 24.23
C4' MJZ W . 3.07 23.29 23.33
O4' MJZ W . 2.62 22.87 22.03
C4C MJZ W . 10.88 27.87 24.78
O4C MJZ W . 11.22 28.77 25.84
C5' MJZ W . 2.46 24.67 23.58
O5' MJZ W . 3.02 25.17 24.80
C5C MJZ W . 9.36 27.90 24.67
O5C MJZ W . 8.78 27.39 25.89
C6' MJZ W . 0.97 24.63 23.63
C7' MJZ W . 7.42 23.44 25.24
O7' MJZ W . 7.10 22.42 25.86
C8' MJZ W . 8.82 23.99 25.16
N1A COA X . 9.00 15.49 -1.46
C2A COA X . 8.11 14.63 -1.98
N3A COA X . 7.53 14.74 -3.20
C4A COA X . 7.92 15.77 -3.98
C5A COA X . 8.86 16.76 -3.49
C6A COA X . 9.43 16.56 -2.17
N6A COA X . 10.33 17.42 -1.67
N7A COA X . 9.07 17.68 -4.47
C8A COA X . 8.26 17.32 -5.50
N9A COA X . 7.60 16.18 -5.21
C1B COA X . 6.61 15.41 -6.01
C2B COA X . 5.46 16.28 -6.48
O2B COA X . 4.41 16.25 -5.49
C3B COA X . 5.16 15.63 -7.82
O3B COA X . 4.44 14.44 -7.53
P3B COA X . 2.80 14.42 -7.49
O7A COA X . 2.45 12.98 -7.22
O8A COA X . 2.44 14.88 -8.89
O9A COA X . 2.36 15.40 -6.39
C4B COA X . 6.55 15.30 -8.36
O4B COA X . 7.36 15.09 -7.18
C5B COA X . 7.09 16.38 -9.27
O5B COA X . 7.02 17.64 -8.56
P1A COA X . 7.37 19.02 -9.26
O1A COA X . 7.02 20.07 -8.23
O2A COA X . 6.75 19.04 -10.65
O3A COA X . 8.95 18.96 -9.38
P2A COA X . 10.04 20.09 -9.71
O4A COA X . 9.36 21.38 -9.77
O5A COA X . 10.87 19.64 -10.88
O6A COA X . 11.02 19.92 -8.45
CBP COA X . 11.59 20.32 -6.11
CCP COA X . 10.48 20.23 -7.15
CDP COA X . 12.68 21.26 -6.61
CEP COA X . 12.12 18.90 -5.90
CAP COA X . 11.06 20.95 -4.83
OAP COA X . 9.78 20.31 -4.50
C9P COA X . 11.96 20.82 -3.64
O9P COA X . 11.99 19.85 -2.89
N8P COA X . 12.75 21.89 -3.45
C7P COA X . 13.74 22.02 -2.39
C6P COA X . 13.60 23.36 -1.67
C5P COA X . 14.75 23.47 -0.68
O5P COA X . 15.11 22.51 -0.02
N4P COA X . 15.36 24.65 -0.56
C3P COA X . 16.48 24.78 0.39
C2P COA X . 17.12 26.17 0.27
S1P COA X . 16.16 27.48 1.10
C1 EDO Y . 4.68 45.33 14.42
O1 EDO Y . 4.61 46.69 14.91
C2 EDO Y . 6.00 44.68 14.85
O2 EDO Y . 6.14 44.84 16.26
C1 EDO Z . 20.07 36.26 6.38
O1 EDO Z . 18.73 36.68 6.12
C2 EDO Z . 20.92 36.36 5.13
O2 EDO Z . 20.44 35.41 4.17
C1 EDO AA . 0.63 45.59 15.62
O1 EDO AA . -0.05 44.47 15.05
C2 EDO AA . 1.32 45.17 16.91
O2 EDO AA . 2.19 44.08 16.63
NA NA BA . 14.60 18.05 11.11
N1 MJZ CA . 23.60 35.64 8.26
C2 MJZ CA . 23.31 36.53 9.22
O2 MJZ CA . 23.10 36.18 10.40
N3 MJZ CA . 23.19 37.85 8.92
C4 MJZ CA . 23.40 38.25 7.65
O4 MJZ CA . 23.31 39.48 7.40
C5 MJZ CA . 23.73 37.35 6.63
C6 MJZ CA . 23.85 36.00 6.97
PA MJZ CA . 23.61 33.61 3.53
PB MJZ CA . 23.80 31.35 1.59
O'P MJZ CA . 20.27 29.60 -3.28
O'Q MJZ CA . 21.64 31.27 -3.29
C1' MJZ CA . 21.33 31.89 0.72
O1A MJZ CA . 24.99 34.17 3.45
O1B MJZ CA . 24.38 32.33 0.59
C1C MJZ CA . 23.74 34.23 8.68
C2' MJZ CA . 20.00 31.55 1.36
N2' MJZ CA . 20.16 31.57 2.82
O2A MJZ CA . 22.51 34.41 2.90
O2B MJZ CA . 24.49 30.06 1.87
C2C MJZ CA . 22.44 33.50 8.95
O2C MJZ CA . 22.73 32.53 9.98
C3' MJZ CA . 19.50 30.19 0.88
N3' MJZ CA . 18.10 29.94 1.40
O3A MJZ CA . 23.56 32.11 2.97
O3B MJZ CA . 22.30 30.94 1.18
C3C MJZ CA . 22.23 32.77 7.64
O3C MJZ CA . 21.36 31.65 7.86
C4' MJZ CA . 19.52 30.15 -0.62
O4' MJZ CA . 19.10 28.84 -1.03
C4C MJZ CA . 23.63 32.35 7.25
O4C MJZ CA . 24.37 33.51 7.63
C5' MJZ CA . 20.90 30.48 -1.18
O5' MJZ CA . 21.26 31.80 -0.71
C5C MJZ CA . 23.79 32.21 5.75
O5C MJZ CA . 23.19 33.29 5.01
C6' MJZ CA . 20.94 30.46 -2.67
C7' MJZ CA . 19.38 32.28 3.65
O7' MJZ CA . 18.36 32.86 3.24
C8' MJZ CA . 19.78 32.37 5.08
N1A COA DA . 13.16 5.08 5.98
C2A COA DA . 12.36 4.51 5.08
N3A COA DA . 12.58 3.28 4.63
C4A COA DA . 13.65 2.59 5.05
C5A COA DA . 14.57 3.14 6.00
C6A COA DA . 14.27 4.50 6.44
N6A COA DA . 15.08 5.10 7.37
N7A COA DA . 15.55 2.24 6.25
C8A COA DA . 15.23 1.16 5.49
N9A COA DA . 14.10 1.38 4.79
C1B COA DA . 13.49 0.39 3.86
C2B COA DA . 14.42 -0.06 2.76
O2B COA DA . 14.35 0.89 1.68
C3B COA DA . 13.89 -1.47 2.50
O3B COA DA . 12.64 -1.32 1.80
P3B COA DA . 12.25 -2.12 0.47
O7A COA DA . 10.78 -1.87 0.21
O8A COA DA . 13.24 -3.09 -0.08
O9A COA DA . 12.86 -0.94 -0.23
C4B COA DA . 13.52 -1.94 3.90
O4B COA DA . 13.24 -0.76 4.67
C5B COA DA . 14.68 -2.75 4.54
O5B COA DA . 15.84 -1.90 4.50
P1A COA DA . 17.28 -2.47 4.85
O1A COA DA . 18.28 -1.41 4.45
O2A COA DA . 17.41 -3.84 4.25
O3A COA DA . 17.14 -2.65 6.41
P2A COA DA . 18.30 -2.73 7.53
O4A COA DA . 19.64 -2.69 6.92
O5A COA DA . 17.84 -3.85 8.45
O6A COA DA . 18.05 -1.42 8.44
CBP COA DA . 18.24 0.96 8.92
CCP COA DA . 18.29 -0.13 7.83
CDP COA DA . 19.14 0.54 10.09
CEP COA DA . 16.79 1.05 9.40
CAP COA DA . 18.79 2.25 8.30
OAP COA DA . 18.14 2.50 7.02
C9P COA DA . 18.58 3.44 9.19
O9P COA DA . 17.53 4.13 9.14
N8P COA DA . 19.55 3.78 10.03
C7P COA DA . 19.62 4.89 11.02
C6P COA DA . 20.92 5.73 10.97
C5P COA DA . 20.86 6.79 12.00
O5P COA DA . 19.80 7.35 12.19
N4P COA DA . 22.02 7.07 12.59
C3P COA DA . 21.98 8.12 13.62
C2P COA DA . 23.35 8.05 14.26
S1P COA DA . 24.66 8.89 13.36
C1 EDO EA . 33.24 14.93 17.20
O1 EDO EA . 33.38 14.57 15.82
C2 EDO EA . 32.96 13.75 18.12
O2 EDO EA . 32.13 12.70 17.60
N1A COA FA . 2.17 11.92 9.37
C2A COA FA . 1.66 10.97 8.59
N3A COA FA . 0.47 10.36 8.72
C4A COA FA . -0.31 10.77 9.72
C5A COA FA . 0.17 11.79 10.65
C6A COA FA . 1.48 12.39 10.42
N6A COA FA . 1.96 13.37 11.24
N7A COA FA . -0.81 12.00 11.56
C8A COA FA . -1.86 11.19 11.28
N9A COA FA . -1.51 10.47 10.19
C1B COA FA . -2.36 9.44 9.54
C2B COA FA . -2.79 8.35 10.49
O2B COA FA . -1.83 7.29 10.50
C3B COA FA . -4.13 7.92 9.93
O3B COA FA . -3.96 7.23 8.71
P3B COA FA . -4.40 5.68 8.52
O7A COA FA . -4.35 5.44 7.03
O8A COA FA . -5.70 5.49 9.25
O9A COA FA . -3.22 5.17 9.31
C4B COA FA . -4.68 9.27 9.52
O4B COA FA . -3.56 10.15 9.23
C5B COA FA . -5.56 9.90 10.58
O5B COA FA . -4.83 9.92 11.81
P1A COA FA . -5.47 10.34 13.21
O1A COA FA . -4.44 9.95 14.22
O2A COA FA . -6.80 9.59 13.29
O3A COA FA . -5.72 11.93 13.03
P2A COA FA . -6.00 13.02 14.16
O4A COA FA . -5.96 12.44 15.54
O5A COA FA . -7.24 13.78 13.72
O6A COA FA . -4.77 14.03 13.91
CBP COA FA . -2.47 14.66 14.15
CCP COA FA . -3.48 13.49 14.23
CDP COA FA . -2.88 15.85 15.02
CEP COA FA . -2.40 15.11 12.68
CAP COA FA . -1.13 14.19 14.71
OAP COA FA . -0.76 12.91 14.16
C9P COA FA . -0.02 15.14 14.52
O9P COA FA . 0.69 15.13 13.50
N8P COA FA . 0.21 16.01 15.51
C7P COA FA . 1.26 17.03 15.52
C6P COA FA . 1.99 17.03 16.87
C5P COA FA . 2.95 18.19 16.84
O5P COA FA . 3.56 18.50 15.81
N4P COA FA . 3.14 18.89 17.98
C3P COA FA . 4.05 20.00 17.98
C2P COA FA . 3.98 20.73 19.34
S1P COA FA . 4.86 19.93 20.72
N1 MJZ GA . 31.95 16.88 20.76
C2 MJZ GA . 32.82 17.85 20.41
O2 MJZ GA . 32.37 18.99 20.16
N3 MJZ GA . 34.15 17.61 20.36
C4 MJZ GA . 34.65 16.39 20.62
O4 MJZ GA . 35.89 16.20 20.55
C5 MJZ GA . 33.79 15.36 21.01
C6 MJZ GA . 32.44 15.67 21.06
PA MJZ GA . 30.37 12.12 20.80
PB MJZ GA . 28.27 9.98 21.04
O'P MJZ GA . 26.91 4.91 17.66
O'Q MJZ GA . 28.58 5.06 19.13
C1' MJZ GA . 28.92 9.04 18.65
O1A MJZ GA . 30.81 12.08 22.22
O1B MJZ GA . 29.33 9.10 21.62
C1C MJZ GA . 30.51 17.19 20.84
C2' MJZ GA . 28.58 9.64 17.28
N2' MJZ GA . 28.55 11.09 17.39
O2A MJZ GA . 31.27 11.49 19.78
O2B MJZ GA . 26.98 10.30 21.67
C2C MJZ GA . 29.85 17.46 19.49
O2C MJZ GA . 28.74 18.33 19.67
C3' MJZ GA . 27.26 9.03 16.77
N3' MJZ GA . 27.02 9.56 15.35
O3A MJZ GA . 28.94 11.40 20.70
O3B MJZ GA . 27.91 9.41 19.58
C3C MJZ GA . 29.22 16.11 19.24
O3C MJZ GA . 28.08 16.18 18.36
C4' MJZ GA . 27.34 7.51 16.82
O4' MJZ GA . 26.06 7.00 16.40
C4C MJZ GA . 28.80 15.63 20.62
O4C MJZ GA . 29.83 16.11 21.49
C5' MJZ GA . 27.66 7.05 18.24
O5' MJZ GA . 28.94 7.60 18.60
C5C MJZ GA . 28.76 14.13 20.84
O5C MJZ GA . 29.93 13.56 20.28
C6' MJZ GA . 27.74 5.55 18.34
C7' MJZ GA . 29.22 11.86 16.50
O7' MJZ GA . 29.77 11.50 15.48
C8' MJZ GA . 29.17 13.28 16.99
P PO4 HA . 11.19 14.26 7.72
O1 PO4 HA . 11.72 15.35 6.81
O2 PO4 HA . 10.12 13.39 7.11
O3 PO4 HA . 12.27 13.32 8.20
O4 PO4 HA . 10.54 15.12 8.89
C1 EDO IA . 9.05 25.31 29.04
O1 EDO IA . 8.10 24.72 28.13
C2 EDO IA . 10.32 24.49 28.98
O2 EDO IA . 10.14 23.27 29.69
#